data_1WHY
#
_entry.id   1WHY
#
_entity_poly.entity_id   1
_entity_poly.type   'polypeptide(L)'
_entity_poly.pdbx_seq_one_letter_code
;GSSGSSGKIGYGKANPTTRLWVGGLGPNTSLAALAREFDRFGSIRTIDHVKGDSFAYIQYESLDAAQAACAKMRGFPLGG
PDRRLRVDFAKSGPSSG
;
_entity_poly.pdbx_strand_id   A
#
# COMPACT_ATOMS: atom_id res chain seq x y z
N GLY A 1 -3.51 26.22 1.77
CA GLY A 1 -4.27 25.44 2.72
C GLY A 1 -3.39 24.64 3.65
N SER A 2 -3.93 23.56 4.21
CA SER A 2 -3.19 22.71 5.13
C SER A 2 -1.73 22.61 4.71
N SER A 3 -0.83 22.52 5.70
CA SER A 3 0.60 22.43 5.42
C SER A 3 1.06 20.98 5.49
N GLY A 4 0.26 20.08 4.94
CA GLY A 4 0.61 18.66 4.94
C GLY A 4 0.47 18.04 6.32
N SER A 5 0.96 16.81 6.46
CA SER A 5 0.89 16.10 7.74
C SER A 5 2.17 15.33 8.00
N SER A 6 2.82 15.63 9.12
CA SER A 6 4.07 14.98 9.49
C SER A 6 4.00 14.44 10.91
N GLY A 7 4.73 13.37 11.17
CA GLY A 7 4.74 12.76 12.49
C GLY A 7 6.02 12.00 12.77
N LYS A 8 5.89 10.84 13.40
CA LYS A 8 7.04 10.01 13.73
C LYS A 8 6.88 8.60 13.17
N ILE A 9 7.55 8.34 12.05
CA ILE A 9 7.48 7.04 11.41
C ILE A 9 7.65 5.91 12.43
N GLY A 10 7.06 4.75 12.15
CA GLY A 10 7.16 3.62 13.05
C GLY A 10 6.16 2.53 12.71
N TYR A 11 6.43 1.80 11.64
CA TYR A 11 5.54 0.72 11.22
C TYR A 11 5.78 -0.54 12.05
N GLY A 12 5.20 -0.57 13.24
CA GLY A 12 5.36 -1.73 14.11
C GLY A 12 4.87 -3.01 13.47
N LYS A 13 4.90 -4.09 14.23
CA LYS A 13 4.46 -5.39 13.73
C LYS A 13 3.00 -5.33 13.28
N ALA A 14 2.64 -6.19 12.33
CA ALA A 14 1.28 -6.24 11.82
C ALA A 14 1.04 -7.51 11.01
N ASN A 15 0.02 -8.27 11.40
CA ASN A 15 -0.32 -9.51 10.71
C ASN A 15 -0.77 -9.24 9.28
N PRO A 16 -0.41 -10.14 8.36
CA PRO A 16 -0.77 -10.02 6.94
C PRO A 16 -2.25 -10.23 6.70
N THR A 17 -2.85 -9.39 5.85
CA THR A 17 -4.26 -9.49 5.53
C THR A 17 -4.54 -9.09 4.09
N THR A 18 -5.58 -9.68 3.50
CA THR A 18 -5.95 -9.38 2.13
C THR A 18 -5.93 -7.88 1.86
N ARG A 19 -6.33 -7.10 2.86
CA ARG A 19 -6.36 -5.65 2.74
C ARG A 19 -4.95 -5.06 2.84
N LEU A 20 -4.71 -3.98 2.10
CA LEU A 20 -3.41 -3.33 2.10
C LEU A 20 -3.57 -1.81 2.18
N TRP A 21 -2.76 -1.18 3.02
CA TRP A 21 -2.80 0.26 3.19
C TRP A 21 -1.78 0.95 2.30
N VAL A 22 -2.26 1.61 1.25
CA VAL A 22 -1.39 2.31 0.32
C VAL A 22 -1.43 3.82 0.55
N GLY A 23 -0.25 4.43 0.63
CA GLY A 23 -0.16 5.86 0.85
C GLY A 23 0.78 6.54 -0.12
N GLY A 24 1.30 7.70 0.28
CA GLY A 24 2.22 8.43 -0.56
C GLY A 24 1.59 8.86 -1.87
N LEU A 25 0.26 8.92 -1.89
CA LEU A 25 -0.47 9.31 -3.10
C LEU A 25 -0.68 10.82 -3.14
N GLY A 26 -0.72 11.37 -4.35
CA GLY A 26 -0.92 12.80 -4.51
C GLY A 26 -1.83 13.13 -5.67
N PRO A 27 -1.92 14.44 -6.00
CA PRO A 27 -2.76 14.91 -7.11
C PRO A 27 -2.22 14.50 -8.48
N ASN A 28 -1.06 13.83 -8.47
CA ASN A 28 -0.45 13.38 -9.71
C ASN A 28 -0.75 11.90 -9.96
N THR A 29 -0.46 11.07 -8.97
CA THR A 29 -0.70 9.63 -9.07
C THR A 29 -2.12 9.34 -9.51
N SER A 30 -2.25 8.44 -10.49
CA SER A 30 -3.57 8.08 -11.01
C SER A 30 -3.93 6.65 -10.61
N LEU A 31 -5.08 6.49 -9.97
CA LEU A 31 -5.54 5.18 -9.53
C LEU A 31 -5.35 4.15 -10.64
N ALA A 32 -6.00 4.38 -11.78
CA ALA A 32 -5.89 3.47 -12.92
C ALA A 32 -4.48 2.91 -13.04
N ALA A 33 -3.50 3.80 -13.16
CA ALA A 33 -2.11 3.38 -13.29
C ALA A 33 -1.77 2.30 -12.28
N LEU A 34 -2.11 2.54 -11.02
CA LEU A 34 -1.84 1.58 -9.95
C LEU A 34 -2.67 0.31 -10.14
N ALA A 35 -3.99 0.47 -10.21
CA ALA A 35 -4.89 -0.65 -10.38
C ALA A 35 -4.27 -1.72 -11.28
N ARG A 36 -3.49 -1.27 -12.27
CA ARG A 36 -2.84 -2.18 -13.20
C ARG A 36 -1.58 -2.79 -12.58
N GLU A 37 -0.76 -1.94 -11.97
CA GLU A 37 0.48 -2.38 -11.35
C GLU A 37 0.19 -3.40 -10.25
N PHE A 38 -0.86 -3.14 -9.48
CA PHE A 38 -1.24 -4.03 -8.39
C PHE A 38 -1.87 -5.32 -8.92
N ASP A 39 -2.81 -5.17 -9.85
CA ASP A 39 -3.48 -6.31 -10.45
C ASP A 39 -2.47 -7.36 -10.91
N ARG A 40 -1.40 -6.89 -11.54
CA ARG A 40 -0.36 -7.78 -12.04
C ARG A 40 -0.10 -8.92 -11.05
N PHE A 41 -0.33 -8.64 -9.78
CA PHE A 41 -0.11 -9.64 -8.73
C PHE A 41 -1.24 -10.66 -8.71
N GLY A 42 -2.45 -10.20 -8.43
CA GLY A 42 -3.60 -11.08 -8.38
C GLY A 42 -4.90 -10.35 -8.60
N SER A 43 -5.94 -11.09 -8.97
CA SER A 43 -7.25 -10.51 -9.23
C SER A 43 -7.68 -9.62 -8.07
N ILE A 44 -7.58 -8.31 -8.27
CA ILE A 44 -7.96 -7.35 -7.23
C ILE A 44 -9.44 -7.49 -6.88
N ARG A 45 -9.71 -7.74 -5.59
CA ARG A 45 -11.07 -7.90 -5.12
C ARG A 45 -11.80 -6.57 -5.12
N THR A 46 -11.25 -5.59 -4.40
CA THR A 46 -11.85 -4.26 -4.31
C THR A 46 -10.78 -3.18 -4.24
N ILE A 47 -11.18 -1.95 -4.50
CA ILE A 47 -10.26 -0.82 -4.44
C ILE A 47 -10.91 0.41 -3.82
N ASP A 48 -10.10 1.25 -3.19
CA ASP A 48 -10.60 2.46 -2.55
C ASP A 48 -9.64 3.63 -2.78
N HIS A 49 -10.19 4.74 -3.28
CA HIS A 49 -9.38 5.93 -3.55
C HIS A 49 -9.80 7.07 -2.63
N VAL A 50 -8.86 7.54 -1.82
CA VAL A 50 -9.12 8.64 -0.89
C VAL A 50 -8.07 9.73 -1.01
N LYS A 51 -8.50 10.96 -1.20
CA LYS A 51 -7.59 12.10 -1.32
C LYS A 51 -7.30 12.71 0.04
N GLY A 52 -8.35 12.89 0.84
CA GLY A 52 -8.18 13.47 2.16
C GLY A 52 -6.87 13.08 2.80
N ASP A 53 -6.73 11.80 3.15
CA ASP A 53 -5.52 11.31 3.78
C ASP A 53 -4.55 10.78 2.73
N SER A 54 -5.03 10.62 1.50
CA SER A 54 -4.21 10.12 0.41
C SER A 54 -3.90 8.63 0.60
N PHE A 55 -4.89 7.88 1.07
CA PHE A 55 -4.72 6.45 1.30
C PHE A 55 -5.61 5.64 0.35
N ALA A 56 -5.15 4.45 0.00
CA ALA A 56 -5.89 3.57 -0.89
C ALA A 56 -5.95 2.14 -0.35
N TYR A 57 -7.16 1.59 -0.32
CA TYR A 57 -7.36 0.23 0.18
C TYR A 57 -7.75 -0.71 -0.95
N ILE A 58 -6.92 -1.72 -1.18
CA ILE A 58 -7.18 -2.70 -2.23
C ILE A 58 -7.30 -4.10 -1.66
N GLN A 59 -8.43 -4.74 -1.89
CA GLN A 59 -8.68 -6.10 -1.40
C GLN A 59 -8.24 -7.14 -2.43
N TYR A 60 -7.90 -8.32 -1.96
CA TYR A 60 -7.47 -9.40 -2.84
C TYR A 60 -8.22 -10.70 -2.53
N GLU A 61 -8.70 -11.36 -3.57
CA GLU A 61 -9.44 -12.61 -3.40
C GLU A 61 -8.68 -13.57 -2.50
N SER A 62 -7.36 -13.55 -2.58
CA SER A 62 -6.52 -14.41 -1.77
C SER A 62 -5.54 -13.60 -0.94
N LEU A 63 -5.07 -14.18 0.16
CA LEU A 63 -4.13 -13.51 1.05
C LEU A 63 -2.74 -13.45 0.42
N ASP A 64 -2.24 -14.61 0.00
CA ASP A 64 -0.92 -14.68 -0.62
C ASP A 64 -0.69 -13.50 -1.57
N ALA A 65 -1.53 -13.41 -2.59
CA ALA A 65 -1.43 -12.34 -3.57
C ALA A 65 -1.25 -10.99 -2.88
N ALA A 66 -2.11 -10.70 -1.91
CA ALA A 66 -2.05 -9.45 -1.16
C ALA A 66 -0.64 -9.18 -0.65
N GLN A 67 -0.05 -10.18 0.01
CA GLN A 67 1.29 -10.06 0.55
C GLN A 67 2.29 -9.72 -0.55
N ALA A 68 2.26 -10.50 -1.63
CA ALA A 68 3.16 -10.28 -2.76
C ALA A 68 3.21 -8.81 -3.15
N ALA A 69 2.04 -8.24 -3.43
CA ALA A 69 1.95 -6.84 -3.82
C ALA A 69 2.45 -5.93 -2.70
N CYS A 70 2.06 -6.23 -1.47
CA CYS A 70 2.48 -5.44 -0.32
C CYS A 70 3.99 -5.22 -0.32
N ALA A 71 4.74 -6.33 -0.34
CA ALA A 71 6.19 -6.26 -0.34
C ALA A 71 6.72 -5.70 -1.65
N LYS A 72 6.40 -6.38 -2.75
CA LYS A 72 6.84 -5.94 -4.06
C LYS A 72 6.68 -4.44 -4.23
N MET A 73 5.44 -3.97 -4.08
CA MET A 73 5.15 -2.54 -4.21
C MET A 73 5.98 -1.73 -3.21
N ARG A 74 6.04 -2.21 -1.97
CA ARG A 74 6.80 -1.52 -0.93
C ARG A 74 8.04 -0.85 -1.51
N GLY A 75 7.95 0.45 -1.76
CA GLY A 75 9.07 1.18 -2.31
C GLY A 75 9.22 0.99 -3.80
N PHE A 76 8.09 1.01 -4.51
CA PHE A 76 8.09 0.81 -5.96
C PHE A 76 8.43 2.13 -6.67
N PRO A 77 9.20 2.04 -7.76
CA PRO A 77 9.60 3.20 -8.55
C PRO A 77 8.42 3.82 -9.31
N LEU A 78 7.81 4.83 -8.72
CA LEU A 78 6.68 5.51 -9.34
C LEU A 78 6.77 7.02 -9.15
N GLY A 79 7.00 7.74 -10.25
CA GLY A 79 7.11 9.18 -10.18
C GLY A 79 8.54 9.66 -10.19
N GLY A 80 8.88 10.58 -9.30
CA GLY A 80 10.23 11.10 -9.23
C GLY A 80 11.25 10.03 -8.94
N PRO A 81 12.54 10.41 -8.94
CA PRO A 81 13.64 9.48 -8.68
C PRO A 81 13.67 9.01 -7.23
N ASP A 82 13.57 9.96 -6.30
CA ASP A 82 13.58 9.64 -4.87
C ASP A 82 12.16 9.44 -4.35
N ARG A 83 11.20 9.40 -5.26
CA ARG A 83 9.80 9.22 -4.89
C ARG A 83 9.39 7.76 -5.02
N ARG A 84 9.06 7.13 -3.89
CA ARG A 84 8.65 5.74 -3.89
C ARG A 84 7.30 5.57 -3.18
N LEU A 85 6.59 4.51 -3.52
CA LEU A 85 5.29 4.24 -2.92
C LEU A 85 5.45 3.58 -1.55
N ARG A 86 4.55 3.91 -0.63
CA ARG A 86 4.59 3.35 0.72
C ARG A 86 3.40 2.46 0.97
N VAL A 87 3.66 1.16 1.17
CA VAL A 87 2.59 0.20 1.42
C VAL A 87 2.79 -0.49 2.77
N ASP A 88 1.69 -0.72 3.47
CA ASP A 88 1.74 -1.37 4.78
C ASP A 88 0.54 -2.31 4.95
N PHE A 89 0.66 -3.23 5.91
CA PHE A 89 -0.41 -4.19 6.18
C PHE A 89 -1.45 -3.58 7.11
N ALA A 90 -2.67 -3.42 6.61
CA ALA A 90 -3.76 -2.86 7.39
C ALA A 90 -4.48 -3.94 8.19
N LYS A 91 -3.88 -4.34 9.31
CA LYS A 91 -4.46 -5.36 10.16
C LYS A 91 -5.84 -4.95 10.64
N SER A 92 -5.93 -3.79 11.29
CA SER A 92 -7.20 -3.29 11.79
C SER A 92 -8.30 -3.44 10.75
N GLY A 93 -9.38 -4.13 11.12
CA GLY A 93 -10.48 -4.34 10.20
C GLY A 93 -11.24 -5.62 10.50
N PRO A 94 -12.17 -5.55 11.45
CA PRO A 94 -12.98 -6.71 11.85
C PRO A 94 -13.99 -7.12 10.76
N SER A 95 -14.14 -8.42 10.56
CA SER A 95 -15.06 -8.93 9.55
C SER A 95 -15.87 -10.10 10.10
N SER A 96 -16.97 -10.41 9.42
CA SER A 96 -17.84 -11.50 9.85
C SER A 96 -17.84 -12.63 8.82
N GLY A 97 -17.91 -13.86 9.30
CA GLY A 97 -17.91 -15.01 8.41
C GLY A 97 -18.61 -16.21 9.02
N GLY A 1 18.09 28.48 4.95
CA GLY A 1 18.57 27.23 5.52
C GLY A 1 17.95 26.95 6.87
N SER A 2 18.04 25.69 7.30
CA SER A 2 17.48 25.27 8.58
C SER A 2 18.09 23.96 9.04
N SER A 3 17.76 23.56 10.27
CA SER A 3 18.28 22.32 10.84
C SER A 3 17.15 21.43 11.32
N GLY A 4 17.33 20.12 11.20
CA GLY A 4 16.31 19.18 11.63
C GLY A 4 16.89 17.82 11.98
N SER A 5 16.01 16.84 12.19
CA SER A 5 16.44 15.50 12.55
C SER A 5 15.86 14.47 11.58
N SER A 6 16.35 13.24 11.68
CA SER A 6 15.88 12.16 10.82
C SER A 6 15.61 10.89 11.62
N GLY A 7 14.62 10.13 11.19
CA GLY A 7 14.28 8.90 11.88
C GLY A 7 13.91 7.78 10.93
N LYS A 8 14.91 7.09 10.41
CA LYS A 8 14.68 5.98 9.47
C LYS A 8 14.46 4.68 10.23
N ILE A 9 13.31 4.59 10.91
CA ILE A 9 12.97 3.38 11.66
C ILE A 9 11.57 2.89 11.30
N GLY A 10 11.40 1.57 11.30
CA GLY A 10 10.11 0.99 10.98
C GLY A 10 10.17 -0.52 10.87
N TYR A 11 10.51 -1.18 11.97
CA TYR A 11 10.60 -2.64 11.99
C TYR A 11 9.50 -3.24 12.86
N GLY A 12 8.43 -3.71 12.21
CA GLY A 12 7.33 -4.31 12.94
C GLY A 12 7.00 -5.70 12.43
N LYS A 13 5.96 -6.31 13.02
CA LYS A 13 5.53 -7.64 12.62
C LYS A 13 4.05 -7.65 12.29
N ALA A 14 3.61 -6.64 11.56
CA ALA A 14 2.20 -6.54 11.17
C ALA A 14 1.73 -7.82 10.47
N ASN A 15 0.76 -8.49 11.08
CA ASN A 15 0.24 -9.72 10.51
C ASN A 15 -0.25 -9.50 9.08
N PRO A 16 0.00 -10.50 8.21
CA PRO A 16 -0.41 -10.43 6.80
C PRO A 16 -1.92 -10.52 6.62
N THR A 17 -2.41 -9.98 5.51
CA THR A 17 -3.84 -10.00 5.22
C THR A 17 -4.11 -9.57 3.78
N THR A 18 -5.26 -9.98 3.27
CA THR A 18 -5.64 -9.64 1.89
C THR A 18 -5.69 -8.14 1.69
N ARG A 19 -6.01 -7.41 2.75
CA ARG A 19 -6.08 -5.96 2.69
C ARG A 19 -4.70 -5.33 2.86
N LEU A 20 -4.36 -4.43 1.93
CA LEU A 20 -3.06 -3.75 1.98
C LEU A 20 -3.23 -2.25 1.94
N TRP A 21 -2.45 -1.54 2.76
CA TRP A 21 -2.53 -0.09 2.82
C TRP A 21 -1.53 0.54 1.85
N VAL A 22 -2.01 1.46 1.02
CA VAL A 22 -1.17 2.14 0.06
C VAL A 22 -1.30 3.66 0.17
N GLY A 23 -0.20 4.31 0.53
CA GLY A 23 -0.21 5.76 0.68
C GLY A 23 0.79 6.44 -0.23
N GLY A 24 1.08 7.71 0.05
CA GLY A 24 2.02 8.45 -0.77
C GLY A 24 1.49 8.74 -2.15
N LEU A 25 0.19 9.01 -2.23
CA LEU A 25 -0.44 9.31 -3.51
C LEU A 25 -0.57 10.82 -3.71
N GLY A 26 -0.56 11.25 -4.98
CA GLY A 26 -0.68 12.66 -5.29
C GLY A 26 -1.77 12.95 -6.29
N PRO A 27 -1.96 14.24 -6.61
CA PRO A 27 -2.99 14.67 -7.56
C PRO A 27 -2.65 14.26 -9.00
N ASN A 28 -1.48 13.68 -9.18
CA ASN A 28 -1.03 13.25 -10.51
C ASN A 28 -1.30 11.76 -10.71
N THR A 29 -0.92 10.96 -9.72
CA THR A 29 -1.12 9.51 -9.79
C THR A 29 -2.57 9.18 -10.15
N SER A 30 -2.75 8.17 -10.98
CA SER A 30 -4.09 7.74 -11.40
C SER A 30 -4.39 6.34 -10.90
N LEU A 31 -5.66 6.11 -10.54
CA LEU A 31 -6.08 4.80 -10.05
C LEU A 31 -5.73 3.70 -11.05
N ALA A 32 -6.19 3.86 -12.28
CA ALA A 32 -5.92 2.88 -13.33
C ALA A 32 -4.47 2.42 -13.29
N ALA A 33 -3.56 3.35 -13.11
CA ALA A 33 -2.13 3.04 -13.05
C ALA A 33 -1.86 1.94 -12.01
N LEU A 34 -2.06 2.26 -10.75
CA LEU A 34 -1.84 1.31 -9.68
C LEU A 34 -2.60 0.01 -9.93
N ALA A 35 -3.92 0.11 -10.02
CA ALA A 35 -4.77 -1.05 -10.26
C ALA A 35 -4.13 -1.98 -11.29
N ARG A 36 -3.52 -1.39 -12.30
CA ARG A 36 -2.88 -2.17 -13.35
C ARG A 36 -1.62 -2.86 -12.83
N GLU A 37 -0.87 -2.15 -11.98
CA GLU A 37 0.35 -2.70 -11.40
C GLU A 37 0.04 -3.76 -10.36
N PHE A 38 -0.65 -3.35 -9.29
CA PHE A 38 -1.00 -4.26 -8.21
C PHE A 38 -1.71 -5.50 -8.77
N ASP A 39 -2.54 -5.29 -9.80
CA ASP A 39 -3.28 -6.38 -10.42
C ASP A 39 -2.32 -7.46 -10.93
N ARG A 40 -1.23 -7.03 -11.55
CA ARG A 40 -0.25 -7.97 -12.09
C ARG A 40 -0.07 -9.16 -11.16
N PHE A 41 -0.15 -8.91 -9.86
CA PHE A 41 0.00 -9.96 -8.86
C PHE A 41 -1.27 -10.80 -8.76
N GLY A 42 -2.36 -10.17 -8.35
CA GLY A 42 -3.62 -10.87 -8.22
C GLY A 42 -4.80 -10.04 -8.68
N SER A 43 -6.00 -10.45 -8.28
CA SER A 43 -7.22 -9.74 -8.67
C SER A 43 -7.69 -8.82 -7.55
N ILE A 44 -7.93 -7.56 -7.88
CA ILE A 44 -8.38 -6.58 -6.91
C ILE A 44 -9.90 -6.55 -6.82
N ARG A 45 -10.43 -6.53 -5.60
CA ARG A 45 -11.87 -6.49 -5.39
C ARG A 45 -12.40 -5.06 -5.47
N THR A 46 -11.90 -4.20 -4.60
CA THR A 46 -12.33 -2.80 -4.57
C THR A 46 -11.25 -1.91 -3.97
N ILE A 47 -11.38 -0.61 -4.20
CA ILE A 47 -10.41 0.35 -3.67
C ILE A 47 -11.11 1.59 -3.14
N ASP A 48 -10.59 2.13 -2.04
CA ASP A 48 -11.16 3.33 -1.43
C ASP A 48 -10.60 4.59 -2.08
N HIS A 49 -11.44 5.61 -2.20
CA HIS A 49 -11.02 6.88 -2.80
C HIS A 49 -11.02 8.00 -1.76
N VAL A 50 -9.84 8.57 -1.53
CA VAL A 50 -9.70 9.65 -0.56
C VAL A 50 -8.60 10.63 -0.98
N LYS A 51 -8.97 11.89 -1.10
CA LYS A 51 -8.02 12.93 -1.49
C LYS A 51 -7.32 13.52 -0.27
N GLY A 52 -8.11 13.93 0.72
CA GLY A 52 -7.54 14.50 1.92
C GLY A 52 -6.29 13.79 2.38
N ASP A 53 -6.43 12.53 2.76
CA ASP A 53 -5.30 11.73 3.22
C ASP A 53 -4.52 11.17 2.04
N SER A 54 -5.19 11.08 0.89
CA SER A 54 -4.56 10.54 -0.31
C SER A 54 -4.13 9.09 -0.11
N PHE A 55 -5.05 8.28 0.41
CA PHE A 55 -4.78 6.87 0.65
C PHE A 55 -5.75 5.98 -0.11
N ALA A 56 -5.44 4.70 -0.18
CA ALA A 56 -6.29 3.74 -0.88
C ALA A 56 -6.02 2.31 -0.41
N TYR A 57 -7.08 1.59 -0.07
CA TYR A 57 -6.95 0.21 0.40
C TYR A 57 -7.31 -0.78 -0.71
N ILE A 58 -6.38 -1.67 -1.02
CA ILE A 58 -6.59 -2.66 -2.06
C ILE A 58 -6.86 -4.04 -1.46
N GLN A 59 -8.00 -4.62 -1.81
CA GLN A 59 -8.38 -5.93 -1.29
C GLN A 59 -8.16 -7.01 -2.35
N TYR A 60 -7.27 -7.95 -2.05
CA TYR A 60 -6.95 -9.03 -2.97
C TYR A 60 -7.87 -10.23 -2.73
N GLU A 61 -8.17 -10.98 -3.80
CA GLU A 61 -9.03 -12.14 -3.71
C GLU A 61 -8.46 -13.16 -2.72
N SER A 62 -7.13 -13.29 -2.70
CA SER A 62 -6.47 -14.22 -1.81
C SER A 62 -5.41 -13.52 -0.97
N LEU A 63 -5.06 -14.13 0.16
CA LEU A 63 -4.06 -13.55 1.06
C LEU A 63 -2.65 -13.74 0.50
N ASP A 64 -2.40 -14.92 -0.04
CA ASP A 64 -1.09 -15.24 -0.62
C ASP A 64 -0.67 -14.16 -1.63
N ALA A 65 -1.56 -13.85 -2.55
CA ALA A 65 -1.28 -12.85 -3.57
C ALA A 65 -1.01 -11.49 -2.94
N ALA A 66 -1.76 -11.17 -1.88
CA ALA A 66 -1.59 -9.89 -1.19
C ALA A 66 -0.17 -9.75 -0.64
N GLN A 67 0.30 -10.78 0.05
CA GLN A 67 1.64 -10.76 0.62
C GLN A 67 2.69 -10.49 -0.45
N ALA A 68 2.59 -11.22 -1.55
CA ALA A 68 3.53 -11.05 -2.66
C ALA A 68 3.72 -9.59 -3.00
N ALA A 69 2.65 -8.95 -3.47
CA ALA A 69 2.70 -7.54 -3.83
C ALA A 69 3.08 -6.67 -2.64
N CYS A 70 2.58 -7.03 -1.46
CA CYS A 70 2.87 -6.29 -0.24
C CYS A 70 4.37 -5.97 -0.14
N ALA A 71 5.20 -6.95 -0.48
CA ALA A 71 6.64 -6.78 -0.43
C ALA A 71 7.17 -6.18 -1.73
N LYS A 72 6.85 -6.83 -2.85
CA LYS A 72 7.29 -6.37 -4.15
C LYS A 72 7.01 -4.88 -4.33
N MET A 73 5.74 -4.52 -4.25
CA MET A 73 5.33 -3.13 -4.38
C MET A 73 6.12 -2.23 -3.45
N ARG A 74 6.21 -2.62 -2.18
CA ARG A 74 6.93 -1.86 -1.18
C ARG A 74 8.26 -1.35 -1.74
N GLY A 75 8.26 -0.08 -2.16
CA GLY A 75 9.46 0.51 -2.72
C GLY A 75 9.47 0.51 -4.24
N PHE A 76 8.28 0.60 -4.82
CA PHE A 76 8.14 0.60 -6.28
C PHE A 76 8.45 1.98 -6.84
N PRO A 77 9.19 2.01 -7.97
CA PRO A 77 9.57 3.25 -8.63
C PRO A 77 8.39 3.95 -9.28
N LEU A 78 7.83 4.93 -8.58
CA LEU A 78 6.68 5.68 -9.09
C LEU A 78 6.80 7.16 -8.71
N GLY A 79 6.69 8.03 -9.71
CA GLY A 79 6.77 9.46 -9.48
C GLY A 79 8.18 9.99 -9.66
N GLY A 80 8.85 10.30 -8.55
CA GLY A 80 10.20 10.82 -8.62
C GLY A 80 11.22 9.89 -7.99
N PRO A 81 12.47 10.35 -7.89
CA PRO A 81 13.56 9.56 -7.30
C PRO A 81 13.41 9.39 -5.80
N ASP A 82 12.87 10.41 -5.14
CA ASP A 82 12.65 10.37 -3.70
C ASP A 82 11.25 9.87 -3.36
N ARG A 83 10.28 10.29 -4.16
CA ARG A 83 8.89 9.88 -3.95
C ARG A 83 8.70 8.40 -4.26
N ARG A 84 8.54 7.60 -3.21
CA ARG A 84 8.35 6.17 -3.38
C ARG A 84 7.02 5.72 -2.77
N LEU A 85 6.55 4.55 -3.20
CA LEU A 85 5.28 4.01 -2.71
C LEU A 85 5.45 3.45 -1.30
N ARG A 86 4.44 3.66 -0.46
CA ARG A 86 4.46 3.17 0.91
C ARG A 86 3.42 2.08 1.12
N VAL A 87 3.89 0.84 1.25
CA VAL A 87 3.00 -0.30 1.46
C VAL A 87 3.19 -0.90 2.84
N ASP A 88 2.09 -1.09 3.56
CA ASP A 88 2.14 -1.66 4.90
C ASP A 88 0.92 -2.54 5.15
N PHE A 89 1.16 -3.73 5.70
CA PHE A 89 0.08 -4.67 5.98
C PHE A 89 -0.98 -4.01 6.87
N ALA A 90 -2.25 -4.12 6.46
CA ALA A 90 -3.35 -3.54 7.21
C ALA A 90 -3.65 -4.36 8.47
N LYS A 91 -2.91 -4.06 9.53
CA LYS A 91 -3.08 -4.76 10.80
C LYS A 91 -4.32 -4.25 11.53
N SER A 92 -4.98 -3.27 10.95
CA SER A 92 -6.18 -2.69 11.55
C SER A 92 -7.44 -3.20 10.86
N GLY A 93 -8.41 -3.64 11.66
CA GLY A 93 -9.65 -4.15 11.11
C GLY A 93 -10.44 -4.94 12.12
N PRO A 94 -11.22 -4.24 12.96
CA PRO A 94 -12.06 -4.87 13.99
C PRO A 94 -13.22 -5.64 13.40
N SER A 95 -13.18 -6.96 13.54
CA SER A 95 -14.24 -7.82 13.01
C SER A 95 -15.17 -8.27 14.14
N SER A 96 -16.33 -8.82 13.75
CA SER A 96 -17.31 -9.29 14.72
C SER A 96 -16.68 -10.28 15.69
N GLY A 97 -16.88 -10.05 16.98
CA GLY A 97 -16.34 -10.93 17.99
C GLY A 97 -17.23 -11.05 19.21
N GLY A 1 11.61 24.27 3.41
CA GLY A 1 12.68 23.49 4.01
C GLY A 1 12.16 22.55 5.09
N SER A 2 13.07 22.13 5.97
CA SER A 2 12.70 21.21 7.05
C SER A 2 13.86 21.05 8.03
N SER A 3 13.53 20.75 9.28
CA SER A 3 14.54 20.58 10.32
C SER A 3 14.14 19.46 11.28
N GLY A 4 15.01 18.47 11.43
CA GLY A 4 14.74 17.35 12.31
C GLY A 4 14.60 16.04 11.58
N SER A 5 13.47 15.36 11.77
CA SER A 5 13.23 14.08 11.12
C SER A 5 11.82 14.03 10.54
N SER A 6 11.73 13.59 9.28
CA SER A 6 10.44 13.50 8.61
C SER A 6 9.79 12.14 8.85
N GLY A 7 10.56 11.07 8.68
CA GLY A 7 10.03 9.73 8.90
C GLY A 7 10.40 9.18 10.26
N LYS A 8 10.06 9.93 11.31
CA LYS A 8 10.36 9.51 12.67
C LYS A 8 9.84 8.09 12.93
N ILE A 9 8.61 7.83 12.52
CA ILE A 9 8.00 6.53 12.69
C ILE A 9 8.40 5.57 11.57
N GLY A 10 8.77 4.35 11.95
CA GLY A 10 9.18 3.36 10.96
C GLY A 10 9.60 2.05 11.60
N TYR A 11 8.73 1.51 12.46
CA TYR A 11 9.03 0.26 13.14
C TYR A 11 7.75 -0.53 13.39
N GLY A 12 7.90 -1.81 13.74
CA GLY A 12 6.75 -2.65 14.01
C GLY A 12 6.29 -3.41 12.78
N LYS A 13 5.52 -4.46 13.00
CA LYS A 13 5.00 -5.28 11.89
C LYS A 13 3.54 -5.66 12.13
N ALA A 14 2.74 -5.59 11.07
CA ALA A 14 1.33 -5.94 11.17
C ALA A 14 1.06 -7.33 10.61
N ASN A 15 -0.04 -7.93 11.04
CA ASN A 15 -0.41 -9.27 10.59
C ASN A 15 -0.76 -9.26 9.10
N PRO A 16 -0.47 -10.39 8.42
CA PRO A 16 -0.74 -10.53 6.98
C PRO A 16 -2.24 -10.62 6.69
N THR A 17 -2.71 -9.73 5.81
CA THR A 17 -4.12 -9.70 5.44
C THR A 17 -4.30 -9.25 3.99
N THR A 18 -5.29 -9.81 3.32
CA THR A 18 -5.57 -9.47 1.93
C THR A 18 -5.55 -7.96 1.73
N ARG A 19 -6.03 -7.23 2.72
CA ARG A 19 -6.07 -5.77 2.65
C ARG A 19 -4.66 -5.19 2.75
N LEU A 20 -4.45 -4.06 2.08
CA LEU A 20 -3.15 -3.40 2.09
C LEU A 20 -3.30 -1.89 2.17
N TRP A 21 -2.51 -1.26 3.04
CA TRP A 21 -2.56 0.19 3.21
C TRP A 21 -1.54 0.88 2.30
N VAL A 22 -2.03 1.50 1.24
CA VAL A 22 -1.17 2.20 0.29
C VAL A 22 -1.29 3.71 0.45
N GLY A 23 -0.17 4.35 0.78
CA GLY A 23 -0.18 5.80 0.95
C GLY A 23 0.82 6.50 0.05
N GLY A 24 1.06 7.78 0.31
CA GLY A 24 2.00 8.54 -0.48
C GLY A 24 1.53 8.72 -1.91
N LEU A 25 0.25 9.03 -2.08
CA LEU A 25 -0.32 9.23 -3.41
C LEU A 25 -0.35 10.71 -3.77
N GLY A 26 0.45 11.09 -4.75
CA GLY A 26 0.50 12.47 -5.19
C GLY A 26 -0.65 12.83 -6.12
N PRO A 27 -0.65 14.08 -6.61
CA PRO A 27 -1.69 14.57 -7.52
C PRO A 27 -1.59 13.93 -8.89
N ASN A 28 -0.47 13.25 -9.16
CA ASN A 28 -0.27 12.59 -10.45
C ASN A 28 -0.72 11.13 -10.38
N THR A 29 -0.24 10.42 -9.38
CA THR A 29 -0.59 9.01 -9.20
C THR A 29 -2.10 8.81 -9.29
N SER A 30 -2.56 8.27 -10.43
CA SER A 30 -3.97 8.03 -10.65
C SER A 30 -4.37 6.64 -10.14
N LEU A 31 -5.66 6.45 -9.92
CA LEU A 31 -6.17 5.18 -9.43
C LEU A 31 -5.87 4.05 -10.42
N ALA A 32 -6.15 4.31 -11.69
CA ALA A 32 -5.90 3.32 -12.74
C ALA A 32 -4.44 2.86 -12.71
N ALA A 33 -3.53 3.80 -12.87
CA ALA A 33 -2.11 3.49 -12.87
C ALA A 33 -1.78 2.40 -11.86
N LEU A 34 -2.15 2.63 -10.60
CA LEU A 34 -1.90 1.67 -9.54
C LEU A 34 -2.68 0.39 -9.77
N ALA A 35 -4.00 0.52 -9.92
CA ALA A 35 -4.85 -0.64 -10.15
C ALA A 35 -4.22 -1.61 -11.13
N ARG A 36 -3.77 -1.09 -12.27
CA ARG A 36 -3.13 -1.91 -13.29
C ARG A 36 -1.89 -2.59 -12.74
N GLU A 37 -1.15 -1.88 -11.89
CA GLU A 37 0.07 -2.42 -11.30
C GLU A 37 -0.25 -3.55 -10.34
N PHE A 38 -1.00 -3.23 -9.29
CA PHE A 38 -1.38 -4.24 -8.29
C PHE A 38 -2.06 -5.43 -8.95
N ASP A 39 -3.07 -5.16 -9.76
CA ASP A 39 -3.81 -6.20 -10.46
C ASP A 39 -2.88 -7.34 -10.87
N ARG A 40 -1.70 -6.97 -11.39
CA ARG A 40 -0.72 -7.96 -11.84
C ARG A 40 -0.62 -9.10 -10.84
N PHE A 41 -0.11 -8.80 -9.65
CA PHE A 41 0.05 -9.81 -8.61
C PHE A 41 -1.19 -10.69 -8.51
N GLY A 42 -2.36 -10.06 -8.41
CA GLY A 42 -3.61 -10.81 -8.31
C GLY A 42 -4.82 -9.92 -8.46
N SER A 43 -5.95 -10.52 -8.83
CA SER A 43 -7.18 -9.78 -9.02
C SER A 43 -7.51 -8.95 -7.78
N ILE A 44 -7.98 -7.73 -8.00
CA ILE A 44 -8.34 -6.83 -6.91
C ILE A 44 -9.84 -6.79 -6.69
N ARG A 45 -10.26 -6.99 -5.45
CA ARG A 45 -11.68 -6.98 -5.10
C ARG A 45 -12.26 -5.57 -5.25
N THR A 46 -11.62 -4.60 -4.60
CA THR A 46 -12.07 -3.22 -4.65
C THR A 46 -11.06 -2.28 -3.99
N ILE A 47 -11.17 -1.00 -4.30
CA ILE A 47 -10.26 0.00 -3.74
C ILE A 47 -11.01 1.25 -3.31
N ASP A 48 -10.62 1.81 -2.17
CA ASP A 48 -11.26 3.02 -1.65
C ASP A 48 -10.72 4.26 -2.34
N HIS A 49 -11.61 5.14 -2.77
CA HIS A 49 -11.23 6.37 -3.45
C HIS A 49 -11.55 7.58 -2.59
N VAL A 50 -10.52 8.25 -2.10
CA VAL A 50 -10.70 9.44 -1.26
C VAL A 50 -9.50 10.37 -1.36
N LYS A 51 -9.76 11.66 -1.52
CA LYS A 51 -8.70 12.65 -1.62
C LYS A 51 -8.14 13.00 -0.24
N GLY A 52 -9.00 13.54 0.62
CA GLY A 52 -8.57 13.92 1.95
C GLY A 52 -7.73 12.83 2.62
N ASP A 53 -8.26 11.61 2.65
CA ASP A 53 -7.55 10.49 3.25
C ASP A 53 -6.13 10.38 2.69
N SER A 54 -5.94 10.83 1.46
CA SER A 54 -4.64 10.78 0.82
C SER A 54 -4.05 9.37 0.87
N PHE A 55 -4.94 8.38 0.92
CA PHE A 55 -4.52 6.98 0.98
C PHE A 55 -5.56 6.08 0.32
N ALA A 56 -5.13 4.88 -0.06
CA ALA A 56 -6.02 3.92 -0.69
C ALA A 56 -5.83 2.52 -0.10
N TYR A 57 -6.90 1.74 -0.11
CA TYR A 57 -6.86 0.39 0.43
C TYR A 57 -7.02 -0.66 -0.67
N ILE A 58 -6.05 -1.55 -0.77
CA ILE A 58 -6.07 -2.59 -1.79
C ILE A 58 -6.50 -3.94 -1.20
N GLN A 59 -7.49 -4.56 -1.82
CA GLN A 59 -7.99 -5.84 -1.35
C GLN A 59 -7.79 -6.93 -2.41
N TYR A 60 -7.09 -7.98 -2.04
CA TYR A 60 -6.82 -9.09 -2.96
C TYR A 60 -7.73 -10.27 -2.67
N GLU A 61 -8.07 -11.02 -3.71
CA GLU A 61 -8.94 -12.18 -3.56
C GLU A 61 -8.21 -13.31 -2.85
N SER A 62 -6.88 -13.25 -2.85
CA SER A 62 -6.07 -14.27 -2.21
C SER A 62 -5.00 -13.64 -1.32
N LEU A 63 -4.99 -14.04 -0.05
CA LEU A 63 -4.02 -13.51 0.91
C LEU A 63 -2.61 -13.57 0.34
N ASP A 64 -2.25 -14.73 -0.21
CA ASP A 64 -0.92 -14.92 -0.80
C ASP A 64 -0.62 -13.83 -1.81
N ALA A 65 -1.52 -13.64 -2.77
CA ALA A 65 -1.36 -12.63 -3.80
C ALA A 65 -1.14 -11.25 -3.19
N ALA A 66 -1.71 -11.04 -2.01
CA ALA A 66 -1.57 -9.75 -1.32
C ALA A 66 -0.17 -9.59 -0.75
N GLN A 67 0.32 -10.63 -0.08
CA GLN A 67 1.65 -10.60 0.52
C GLN A 67 2.71 -10.27 -0.52
N ALA A 68 2.53 -10.80 -1.74
CA ALA A 68 3.47 -10.57 -2.82
C ALA A 68 3.60 -9.08 -3.12
N ALA A 69 2.46 -8.45 -3.43
CA ALA A 69 2.44 -7.02 -3.75
C ALA A 69 3.00 -6.20 -2.59
N CYS A 70 2.49 -6.46 -1.39
CA CYS A 70 2.93 -5.73 -0.20
C CYS A 70 4.46 -5.64 -0.16
N ALA A 71 5.12 -6.65 -0.70
CA ALA A 71 6.58 -6.69 -0.72
C ALA A 71 7.12 -5.98 -1.96
N LYS A 72 6.84 -6.54 -3.12
CA LYS A 72 7.30 -5.98 -4.38
C LYS A 72 7.00 -4.47 -4.44
N MET A 73 5.74 -4.13 -4.28
CA MET A 73 5.32 -2.72 -4.31
C MET A 73 6.19 -1.89 -3.37
N ARG A 74 6.36 -2.36 -2.15
CA ARG A 74 7.16 -1.65 -1.16
C ARG A 74 8.42 -1.07 -1.79
N GLY A 75 8.49 0.26 -1.84
CA GLY A 75 9.65 0.92 -2.43
C GLY A 75 9.60 0.92 -3.94
N PHE A 76 8.46 1.28 -4.51
CA PHE A 76 8.29 1.31 -5.96
C PHE A 76 8.79 2.62 -6.53
N PRO A 77 9.46 2.55 -7.70
CA PRO A 77 10.00 3.73 -8.38
C PRO A 77 8.90 4.63 -8.94
N LEU A 78 7.65 4.29 -8.65
CA LEU A 78 6.52 5.07 -9.13
C LEU A 78 6.86 6.56 -9.19
N GLY A 79 7.26 7.01 -10.37
CA GLY A 79 7.61 8.42 -10.54
C GLY A 79 9.11 8.64 -10.64
N GLY A 80 9.71 9.10 -9.54
CA GLY A 80 11.14 9.34 -9.53
C GLY A 80 11.84 8.67 -8.37
N PRO A 81 13.11 9.02 -8.14
CA PRO A 81 13.91 8.47 -7.05
C PRO A 81 13.43 8.95 -5.68
N ASP A 82 12.64 10.01 -5.67
CA ASP A 82 12.12 10.57 -4.43
C ASP A 82 10.71 10.06 -4.16
N ARG A 83 9.90 10.01 -5.21
CA ARG A 83 8.52 9.54 -5.08
C ARG A 83 8.46 8.02 -5.02
N ARG A 84 8.25 7.49 -3.82
CA ARG A 84 8.17 6.05 -3.62
C ARG A 84 6.84 5.65 -2.99
N LEU A 85 6.32 4.50 -3.39
CA LEU A 85 5.05 4.01 -2.86
C LEU A 85 5.24 3.35 -1.50
N ARG A 86 4.38 3.69 -0.54
CA ARG A 86 4.47 3.13 0.79
C ARG A 86 3.34 2.11 1.02
N VAL A 87 3.70 0.83 0.98
CA VAL A 87 2.72 -0.23 1.19
C VAL A 87 3.00 -0.99 2.49
N ASP A 88 1.98 -1.07 3.34
CA ASP A 88 2.11 -1.76 4.63
C ASP A 88 0.81 -2.47 4.98
N PHE A 89 0.92 -3.75 5.31
CA PHE A 89 -0.24 -4.56 5.68
C PHE A 89 -1.21 -3.74 6.53
N ALA A 90 -2.48 -4.12 6.49
CA ALA A 90 -3.51 -3.43 7.25
C ALA A 90 -3.91 -4.23 8.49
N LYS A 91 -4.56 -3.57 9.44
CA LYS A 91 -5.00 -4.22 10.67
C LYS A 91 -6.50 -4.04 10.88
N SER A 92 -7.12 -5.03 11.52
CA SER A 92 -8.56 -4.98 11.78
C SER A 92 -8.92 -5.89 12.95
N GLY A 93 -10.10 -5.65 13.53
CA GLY A 93 -10.55 -6.45 14.65
C GLY A 93 -11.99 -6.89 14.51
N PRO A 94 -12.30 -8.09 15.03
CA PRO A 94 -13.65 -8.65 14.97
C PRO A 94 -14.63 -7.90 15.86
N SER A 95 -14.12 -7.00 16.68
CA SER A 95 -14.95 -6.21 17.59
C SER A 95 -16.06 -5.52 16.83
N SER A 96 -17.30 -5.76 17.25
CA SER A 96 -18.46 -5.16 16.60
C SER A 96 -19.19 -4.22 17.56
N GLY A 97 -19.35 -4.67 18.81
CA GLY A 97 -20.04 -3.86 19.80
C GLY A 97 -21.54 -4.02 19.75
N GLY A 1 15.11 21.71 -2.28
CA GLY A 1 14.99 20.26 -2.29
C GLY A 1 14.74 19.70 -0.91
N SER A 2 14.17 18.50 -0.85
CA SER A 2 13.87 17.84 0.42
C SER A 2 14.49 16.45 0.47
N SER A 3 15.73 16.38 0.94
CA SER A 3 16.43 15.11 1.04
C SER A 3 15.76 14.20 2.06
N GLY A 4 15.93 12.89 1.87
CA GLY A 4 15.33 11.93 2.78
C GLY A 4 16.14 11.75 4.05
N SER A 5 15.51 11.21 5.08
CA SER A 5 16.18 11.00 6.36
C SER A 5 16.06 9.54 6.80
N SER A 6 17.06 9.06 7.53
CA SER A 6 17.07 7.68 8.00
C SER A 6 15.85 7.40 8.87
N GLY A 7 15.51 6.12 9.00
CA GLY A 7 14.36 5.74 9.80
C GLY A 7 14.74 5.33 11.20
N LYS A 8 14.46 6.20 12.16
CA LYS A 8 14.77 5.94 13.56
C LYS A 8 13.85 4.86 14.14
N ILE A 9 12.55 5.05 13.93
CA ILE A 9 11.56 4.09 14.43
C ILE A 9 11.12 3.14 13.32
N GLY A 10 10.54 2.00 13.72
CA GLY A 10 10.08 1.03 12.75
C GLY A 10 9.86 -0.34 13.36
N TYR A 11 8.96 -1.12 12.78
CA TYR A 11 8.66 -2.45 13.28
C TYR A 11 7.76 -3.21 12.30
N GLY A 12 7.93 -4.52 12.24
CA GLY A 12 7.12 -5.34 11.36
C GLY A 12 6.38 -6.43 12.09
N LYS A 13 5.49 -6.04 13.00
CA LYS A 13 4.71 -7.01 13.76
C LYS A 13 3.28 -7.10 13.24
N ALA A 14 3.09 -6.70 11.98
CA ALA A 14 1.78 -6.74 11.36
C ALA A 14 1.58 -8.03 10.57
N ASN A 15 0.57 -8.80 10.96
CA ASN A 15 0.28 -10.06 10.29
C ASN A 15 -0.18 -9.83 8.85
N PRO A 16 0.20 -10.74 7.95
CA PRO A 16 -0.16 -10.65 6.54
C PRO A 16 -1.65 -10.90 6.30
N THR A 17 -2.33 -9.89 5.76
CA THR A 17 -3.75 -10.00 5.48
C THR A 17 -4.07 -9.59 4.05
N THR A 18 -5.04 -10.26 3.44
CA THR A 18 -5.44 -9.96 2.08
C THR A 18 -5.55 -8.45 1.86
N ARG A 19 -5.97 -7.74 2.89
CA ARG A 19 -6.12 -6.29 2.81
C ARG A 19 -4.77 -5.59 2.98
N LEU A 20 -4.53 -4.58 2.15
CA LEU A 20 -3.28 -3.83 2.23
C LEU A 20 -3.55 -2.33 2.35
N TRP A 21 -2.64 -1.63 3.01
CA TRP A 21 -2.78 -0.20 3.22
C TRP A 21 -1.75 0.57 2.38
N VAL A 22 -2.24 1.32 1.40
CA VAL A 22 -1.36 2.11 0.53
C VAL A 22 -1.34 3.58 0.95
N GLY A 23 -0.16 4.18 0.93
CA GLY A 23 -0.04 5.58 1.30
C GLY A 23 1.05 6.29 0.54
N GLY A 24 0.97 7.61 0.49
CA GLY A 24 1.97 8.39 -0.23
C GLY A 24 1.55 8.72 -1.64
N LEU A 25 0.26 8.96 -1.83
CA LEU A 25 -0.28 9.29 -3.15
C LEU A 25 -0.07 10.76 -3.47
N GLY A 26 -0.39 11.14 -4.71
CA GLY A 26 -0.22 12.53 -5.12
C GLY A 26 -0.97 12.84 -6.40
N PRO A 27 -0.54 13.90 -7.09
CA PRO A 27 -1.16 14.33 -8.35
C PRO A 27 -0.90 13.35 -9.49
N ASN A 28 0.37 13.00 -9.68
CA ASN A 28 0.75 12.07 -10.74
C ASN A 28 0.03 10.74 -10.59
N THR A 29 0.17 10.12 -9.42
CA THR A 29 -0.46 8.84 -9.14
C THR A 29 -1.93 8.86 -9.57
N SER A 30 -2.36 7.77 -10.21
CA SER A 30 -3.74 7.66 -10.68
C SER A 30 -4.31 6.28 -10.36
N LEU A 31 -5.61 6.24 -10.07
CA LEU A 31 -6.27 4.98 -9.75
C LEU A 31 -5.89 3.89 -10.74
N ALA A 32 -6.15 4.14 -12.02
CA ALA A 32 -5.83 3.17 -13.07
C ALA A 32 -4.38 2.71 -12.96
N ALA A 33 -3.46 3.66 -12.87
CA ALA A 33 -2.04 3.35 -12.76
C ALA A 33 -1.80 2.25 -11.74
N LEU A 34 -2.15 2.51 -10.49
CA LEU A 34 -1.98 1.53 -9.43
C LEU A 34 -2.75 0.24 -9.72
N ALA A 35 -4.08 0.37 -9.79
CA ALA A 35 -4.94 -0.78 -10.07
C ALA A 35 -4.28 -1.73 -11.07
N ARG A 36 -3.70 -1.15 -12.13
CA ARG A 36 -3.04 -1.94 -13.16
C ARG A 36 -1.84 -2.70 -12.58
N GLU A 37 -1.07 -2.02 -11.73
CA GLU A 37 0.10 -2.63 -11.11
C GLU A 37 -0.32 -3.69 -10.09
N PHE A 38 -1.02 -3.25 -9.05
CA PHE A 38 -1.47 -4.16 -7.99
C PHE A 38 -2.23 -5.33 -8.58
N ASP A 39 -3.00 -5.06 -9.63
CA ASP A 39 -3.79 -6.10 -10.29
C ASP A 39 -2.89 -7.22 -10.81
N ARG A 40 -1.82 -6.84 -11.50
CA ARG A 40 -0.88 -7.81 -12.05
C ARG A 40 -0.64 -8.95 -11.07
N PHE A 41 -0.33 -8.61 -9.83
CA PHE A 41 -0.07 -9.59 -8.79
C PHE A 41 -1.29 -10.50 -8.60
N GLY A 42 -2.43 -9.88 -8.31
CA GLY A 42 -3.65 -10.65 -8.10
C GLY A 42 -4.90 -9.81 -8.33
N SER A 43 -6.01 -10.49 -8.59
CA SER A 43 -7.28 -9.81 -8.83
C SER A 43 -7.68 -8.94 -7.64
N ILE A 44 -7.99 -7.68 -7.90
CA ILE A 44 -8.39 -6.75 -6.85
C ILE A 44 -9.90 -6.72 -6.69
N ARG A 45 -10.36 -6.69 -5.44
CA ARG A 45 -11.79 -6.65 -5.16
C ARG A 45 -12.33 -5.23 -5.26
N THR A 46 -11.70 -4.31 -4.53
CA THR A 46 -12.12 -2.91 -4.54
C THR A 46 -11.01 -2.00 -4.03
N ILE A 47 -11.03 -0.74 -4.46
CA ILE A 47 -10.03 0.23 -4.05
C ILE A 47 -10.66 1.59 -3.75
N ASP A 48 -10.26 2.18 -2.63
CA ASP A 48 -10.78 3.48 -2.23
C ASP A 48 -10.01 4.62 -2.90
N HIS A 49 -10.72 5.50 -3.57
CA HIS A 49 -10.10 6.62 -4.26
C HIS A 49 -10.49 7.94 -3.60
N VAL A 50 -9.59 8.47 -2.77
CA VAL A 50 -9.84 9.73 -2.08
C VAL A 50 -8.55 10.52 -1.92
N LYS A 51 -8.65 11.84 -2.09
CA LYS A 51 -7.49 12.72 -1.97
C LYS A 51 -7.31 13.17 -0.52
N GLY A 52 -8.43 13.48 0.14
CA GLY A 52 -8.37 13.92 1.52
C GLY A 52 -7.72 12.90 2.43
N ASP A 53 -8.22 11.67 2.39
CA ASP A 53 -7.68 10.59 3.22
C ASP A 53 -6.19 10.40 2.94
N SER A 54 -5.79 10.59 1.69
CA SER A 54 -4.40 10.43 1.30
C SER A 54 -3.95 8.97 1.44
N PHE A 55 -4.91 8.06 1.34
CA PHE A 55 -4.62 6.63 1.46
C PHE A 55 -5.74 5.80 0.86
N ALA A 56 -5.44 4.53 0.56
CA ALA A 56 -6.42 3.63 -0.02
C ALA A 56 -6.17 2.19 0.42
N TYR A 57 -7.25 1.42 0.55
CA TYR A 57 -7.15 0.03 0.97
C TYR A 57 -7.44 -0.91 -0.20
N ILE A 58 -6.47 -1.77 -0.51
CA ILE A 58 -6.63 -2.72 -1.60
C ILE A 58 -6.90 -4.12 -1.07
N GLN A 59 -7.93 -4.76 -1.61
CA GLN A 59 -8.30 -6.11 -1.19
C GLN A 59 -7.99 -7.12 -2.29
N TYR A 60 -7.28 -8.18 -1.94
CA TYR A 60 -6.91 -9.22 -2.90
C TYR A 60 -7.77 -10.47 -2.69
N GLU A 61 -8.09 -11.14 -3.78
CA GLU A 61 -8.90 -12.36 -3.72
C GLU A 61 -8.26 -13.39 -2.81
N SER A 62 -6.94 -13.46 -2.83
CA SER A 62 -6.20 -14.41 -2.00
C SER A 62 -5.23 -13.68 -1.07
N LEU A 63 -4.81 -14.37 -0.03
CA LEU A 63 -3.87 -13.79 0.94
C LEU A 63 -2.45 -13.76 0.37
N ASP A 64 -2.03 -14.88 -0.21
CA ASP A 64 -0.70 -14.97 -0.79
C ASP A 64 -0.44 -13.82 -1.76
N ALA A 65 -1.35 -13.65 -2.71
CA ALA A 65 -1.23 -12.58 -3.70
C ALA A 65 -1.03 -11.24 -3.03
N ALA A 66 -1.77 -10.99 -1.95
CA ALA A 66 -1.66 -9.75 -1.22
C ALA A 66 -0.23 -9.49 -0.76
N GLN A 67 0.37 -10.50 -0.13
CA GLN A 67 1.74 -10.39 0.36
C GLN A 67 2.72 -10.14 -0.79
N ALA A 68 2.47 -10.80 -1.92
CA ALA A 68 3.32 -10.65 -3.09
C ALA A 68 3.45 -9.18 -3.50
N ALA A 69 2.30 -8.55 -3.77
CA ALA A 69 2.28 -7.15 -4.17
C ALA A 69 2.84 -6.26 -3.07
N CYS A 70 2.27 -6.37 -1.88
CA CYS A 70 2.72 -5.57 -0.74
C CYS A 70 4.23 -5.41 -0.74
N ALA A 71 4.93 -6.51 -0.96
CA ALA A 71 6.39 -6.50 -0.99
C ALA A 71 6.90 -5.67 -2.16
N LYS A 72 6.71 -6.18 -3.37
CA LYS A 72 7.16 -5.48 -4.57
C LYS A 72 6.83 -4.00 -4.49
N MET A 73 5.54 -3.68 -4.37
CA MET A 73 5.10 -2.30 -4.29
C MET A 73 5.94 -1.51 -3.29
N ARG A 74 6.11 -2.06 -2.09
CA ARG A 74 6.90 -1.42 -1.06
C ARG A 74 8.16 -0.79 -1.65
N GLY A 75 8.14 0.53 -1.82
CA GLY A 75 9.28 1.22 -2.37
C GLY A 75 9.29 1.22 -3.89
N PHE A 76 8.18 1.63 -4.49
CA PHE A 76 8.05 1.67 -5.94
C PHE A 76 8.65 2.96 -6.50
N PRO A 77 9.34 2.84 -7.65
CA PRO A 77 9.97 3.98 -8.32
C PRO A 77 8.95 4.94 -8.92
N LEU A 78 7.67 4.66 -8.67
CA LEU A 78 6.60 5.50 -9.18
C LEU A 78 7.02 6.96 -9.23
N GLY A 79 6.47 7.71 -10.20
CA GLY A 79 6.80 9.11 -10.33
C GLY A 79 8.29 9.35 -10.39
N GLY A 80 8.80 10.16 -9.46
CA GLY A 80 10.23 10.45 -9.43
C GLY A 80 11.01 9.43 -8.62
N PRO A 81 12.34 9.59 -8.59
CA PRO A 81 13.23 8.68 -7.86
C PRO A 81 13.09 8.84 -6.36
N ASP A 82 12.60 9.98 -5.92
CA ASP A 82 12.41 10.25 -4.50
C ASP A 82 11.00 9.89 -4.06
N ARG A 83 10.14 9.58 -5.03
CA ARG A 83 8.75 9.22 -4.74
C ARG A 83 8.61 7.70 -4.63
N ARG A 84 8.73 7.19 -3.40
CA ARG A 84 8.62 5.76 -3.16
C ARG A 84 7.28 5.43 -2.51
N LEU A 85 6.50 4.58 -3.17
CA LEU A 85 5.20 4.19 -2.65
C LEU A 85 5.33 3.52 -1.28
N ARG A 86 4.40 3.83 -0.39
CA ARG A 86 4.42 3.27 0.96
C ARG A 86 3.32 2.22 1.12
N VAL A 87 3.71 0.94 1.15
CA VAL A 87 2.77 -0.14 1.30
C VAL A 87 2.96 -0.88 2.63
N ASP A 88 1.88 -1.01 3.38
CA ASP A 88 1.94 -1.69 4.68
C ASP A 88 0.67 -2.52 4.91
N PHE A 89 0.83 -3.66 5.57
CA PHE A 89 -0.29 -4.54 5.86
C PHE A 89 -1.28 -3.87 6.81
N ALA A 90 -2.47 -3.62 6.32
CA ALA A 90 -3.51 -2.98 7.13
C ALA A 90 -3.68 -3.71 8.46
N LYS A 91 -4.17 -2.97 9.47
CA LYS A 91 -4.38 -3.55 10.80
C LYS A 91 -5.86 -3.51 11.17
N SER A 92 -6.24 -4.32 12.16
CA SER A 92 -7.63 -4.38 12.61
C SER A 92 -7.69 -4.60 14.12
N GLY A 93 -8.68 -4.00 14.75
CA GLY A 93 -8.85 -4.14 16.19
C GLY A 93 -9.29 -5.54 16.59
N PRO A 94 -9.88 -5.65 17.79
CA PRO A 94 -10.36 -6.93 18.31
C PRO A 94 -11.58 -7.43 17.56
N SER A 95 -11.37 -8.35 16.62
CA SER A 95 -12.46 -8.91 15.82
C SER A 95 -13.03 -10.15 16.49
N SER A 96 -14.24 -10.02 17.02
CA SER A 96 -14.91 -11.14 17.69
C SER A 96 -15.95 -11.78 16.78
N GLY A 97 -15.87 -13.11 16.64
CA GLY A 97 -16.80 -13.82 15.80
C GLY A 97 -17.13 -15.20 16.34
N GLY A 1 35.99 4.20 2.87
CA GLY A 1 34.54 4.21 2.77
C GLY A 1 33.91 2.99 3.42
N SER A 2 33.20 3.21 4.53
CA SER A 2 32.55 2.13 5.25
C SER A 2 31.21 2.58 5.82
N SER A 3 30.34 1.62 6.10
CA SER A 3 29.02 1.92 6.65
C SER A 3 28.66 0.93 7.76
N GLY A 4 28.46 1.47 8.97
CA GLY A 4 28.11 0.62 10.09
C GLY A 4 27.02 -0.37 9.76
N SER A 5 27.41 -1.62 9.52
CA SER A 5 26.47 -2.67 9.18
C SER A 5 25.64 -3.08 10.41
N SER A 6 26.31 -3.20 11.55
CA SER A 6 25.65 -3.59 12.79
C SER A 6 24.92 -2.40 13.39
N GLY A 7 23.61 -2.33 13.14
CA GLY A 7 22.81 -1.23 13.66
C GLY A 7 21.67 -1.73 14.54
N LYS A 8 20.67 -0.87 14.73
CA LYS A 8 19.51 -1.22 15.54
C LYS A 8 18.39 -1.79 14.67
N ILE A 9 17.71 -2.80 15.19
CA ILE A 9 16.61 -3.44 14.47
C ILE A 9 15.27 -3.15 15.14
N GLY A 10 14.38 -2.49 14.41
CA GLY A 10 13.07 -2.17 14.95
C GLY A 10 12.11 -1.68 13.90
N TYR A 11 11.81 -2.53 12.93
CA TYR A 11 10.90 -2.17 11.85
C TYR A 11 10.08 -3.38 11.40
N GLY A 12 8.81 -3.14 11.08
CA GLY A 12 7.94 -4.22 10.65
C GLY A 12 7.12 -4.80 11.78
N LYS A 13 7.47 -6.03 12.17
CA LYS A 13 6.75 -6.71 13.25
C LYS A 13 5.26 -6.75 12.98
N ALA A 14 4.88 -6.88 11.72
CA ALA A 14 3.48 -6.94 11.33
C ALA A 14 3.17 -8.23 10.58
N ASN A 15 1.93 -8.69 10.69
CA ASN A 15 1.50 -9.91 10.03
C ASN A 15 0.90 -9.60 8.66
N PRO A 16 0.93 -10.60 7.75
CA PRO A 16 0.39 -10.45 6.39
C PRO A 16 -1.13 -10.38 6.39
N THR A 17 -1.68 -9.79 5.33
CA THR A 17 -3.13 -9.66 5.20
C THR A 17 -3.54 -9.59 3.73
N THR A 18 -4.85 -9.56 3.49
CA THR A 18 -5.37 -9.49 2.14
C THR A 18 -5.71 -8.05 1.75
N ARG A 19 -5.62 -7.15 2.72
CA ARG A 19 -5.92 -5.74 2.47
C ARG A 19 -4.68 -4.88 2.69
N LEU A 20 -4.00 -4.56 1.59
CA LEU A 20 -2.79 -3.75 1.65
C LEU A 20 -3.14 -2.26 1.66
N TRP A 21 -2.39 -1.48 2.44
CA TRP A 21 -2.61 -0.05 2.54
C TRP A 21 -1.56 0.72 1.74
N VAL A 22 -2.02 1.50 0.78
CA VAL A 22 -1.12 2.29 -0.06
C VAL A 22 -1.24 3.77 0.27
N GLY A 23 -0.13 4.37 0.72
CA GLY A 23 -0.14 5.78 1.06
C GLY A 23 0.90 6.56 0.29
N GLY A 24 0.94 7.87 0.51
CA GLY A 24 1.89 8.72 -0.18
C GLY A 24 1.48 9.01 -1.61
N LEU A 25 0.23 9.42 -1.79
CA LEU A 25 -0.29 9.74 -3.12
C LEU A 25 -0.39 11.25 -3.31
N GLY A 26 -0.36 11.69 -4.57
CA GLY A 26 -0.45 13.10 -4.87
C GLY A 26 -1.39 13.39 -6.02
N PRO A 27 -1.31 14.61 -6.57
CA PRO A 27 -2.16 15.03 -7.69
C PRO A 27 -1.79 14.33 -8.99
N ASN A 28 -0.57 13.83 -9.06
CA ASN A 28 -0.09 13.13 -10.24
C ASN A 28 -0.46 11.65 -10.19
N THR A 29 -0.23 11.03 -9.04
CA THR A 29 -0.53 9.62 -8.85
C THR A 29 -1.99 9.32 -9.17
N SER A 30 -2.21 8.64 -10.29
CA SER A 30 -3.56 8.29 -10.71
C SER A 30 -3.92 6.87 -10.27
N LEU A 31 -5.04 6.74 -9.57
CA LEU A 31 -5.50 5.44 -9.09
C LEU A 31 -5.32 4.37 -10.16
N ALA A 32 -5.80 4.65 -11.36
CA ALA A 32 -5.68 3.72 -12.47
C ALA A 32 -4.28 3.11 -12.54
N ALA A 33 -3.27 3.96 -12.38
CA ALA A 33 -1.89 3.50 -12.42
C ALA A 33 -1.66 2.34 -11.46
N LEU A 34 -1.71 2.63 -10.16
CA LEU A 34 -1.51 1.60 -9.15
C LEU A 34 -2.42 0.39 -9.40
N ALA A 35 -3.72 0.64 -9.37
CA ALA A 35 -4.69 -0.43 -9.61
C ALA A 35 -4.21 -1.38 -10.70
N ARG A 36 -3.86 -0.82 -11.84
CA ARG A 36 -3.38 -1.63 -12.96
C ARG A 36 -2.17 -2.46 -12.57
N GLU A 37 -1.34 -1.90 -11.69
CA GLU A 37 -0.14 -2.59 -11.23
C GLU A 37 -0.49 -3.68 -10.22
N PHE A 38 -1.14 -3.30 -9.14
CA PHE A 38 -1.54 -4.25 -8.10
C PHE A 38 -2.32 -5.41 -8.71
N ASP A 39 -3.22 -5.09 -9.62
CA ASP A 39 -4.03 -6.11 -10.28
C ASP A 39 -3.16 -7.25 -10.81
N ARG A 40 -2.13 -6.90 -11.57
CA ARG A 40 -1.21 -7.89 -12.13
C ARG A 40 -1.00 -9.04 -11.15
N PHE A 41 -0.35 -8.74 -10.03
CA PHE A 41 -0.06 -9.75 -9.02
C PHE A 41 -1.27 -10.67 -8.83
N GLY A 42 -2.42 -10.09 -8.51
CA GLY A 42 -3.62 -10.87 -8.30
C GLY A 42 -4.88 -10.06 -8.50
N SER A 43 -6.01 -10.74 -8.68
CA SER A 43 -7.29 -10.07 -8.89
C SER A 43 -7.67 -9.24 -7.67
N ILE A 44 -7.80 -7.94 -7.86
CA ILE A 44 -8.15 -7.04 -6.78
C ILE A 44 -9.66 -7.08 -6.51
N ARG A 45 -10.03 -7.25 -5.24
CA ARG A 45 -11.43 -7.31 -4.84
C ARG A 45 -12.08 -5.94 -4.98
N THR A 46 -11.50 -4.94 -4.33
CA THR A 46 -12.04 -3.59 -4.37
C THR A 46 -11.00 -2.58 -3.87
N ILE A 47 -11.21 -1.31 -4.22
CA ILE A 47 -10.30 -0.26 -3.80
C ILE A 47 -11.06 0.97 -3.33
N ASP A 48 -10.48 1.70 -2.38
CA ASP A 48 -11.12 2.89 -1.84
C ASP A 48 -10.77 4.12 -2.68
N HIS A 49 -11.76 4.97 -2.91
CA HIS A 49 -11.57 6.18 -3.71
C HIS A 49 -11.64 7.42 -2.83
N VAL A 50 -10.53 8.15 -2.74
CA VAL A 50 -10.48 9.36 -1.94
C VAL A 50 -9.18 10.12 -2.17
N LYS A 51 -9.30 11.40 -2.52
CA LYS A 51 -8.13 12.23 -2.78
C LYS A 51 -7.66 12.93 -1.50
N GLY A 52 -8.58 13.64 -0.85
CA GLY A 52 -8.24 14.34 0.37
C GLY A 52 -7.49 13.47 1.36
N ASP A 53 -8.13 12.39 1.79
CA ASP A 53 -7.51 11.47 2.74
C ASP A 53 -6.06 11.20 2.37
N SER A 54 -5.78 11.11 1.07
CA SER A 54 -4.43 10.86 0.60
C SER A 54 -3.98 9.43 0.92
N PHE A 55 -4.95 8.52 0.94
CA PHE A 55 -4.67 7.12 1.24
C PHE A 55 -5.81 6.22 0.79
N ALA A 56 -5.47 5.02 0.33
CA ALA A 56 -6.45 4.07 -0.14
C ALA A 56 -6.17 2.67 0.39
N TYR A 57 -7.10 1.74 0.16
CA TYR A 57 -6.95 0.37 0.62
C TYR A 57 -7.28 -0.61 -0.50
N ILE A 58 -6.32 -1.45 -0.85
CA ILE A 58 -6.51 -2.45 -1.90
C ILE A 58 -6.65 -3.85 -1.31
N GLN A 59 -7.59 -4.62 -1.85
CA GLN A 59 -7.82 -5.98 -1.38
C GLN A 59 -7.58 -6.99 -2.50
N TYR A 60 -7.13 -8.18 -2.13
CA TYR A 60 -6.86 -9.23 -3.10
C TYR A 60 -7.76 -10.44 -2.87
N GLU A 61 -8.06 -11.16 -3.94
CA GLU A 61 -8.92 -12.33 -3.86
C GLU A 61 -8.21 -13.47 -3.13
N SER A 62 -6.88 -13.41 -3.10
CA SER A 62 -6.09 -14.44 -2.44
C SER A 62 -5.04 -13.81 -1.52
N LEU A 63 -4.91 -14.37 -0.32
CA LEU A 63 -3.95 -13.87 0.66
C LEU A 63 -2.55 -13.87 0.09
N ASP A 64 -2.12 -15.01 -0.43
CA ASP A 64 -0.78 -15.14 -1.01
C ASP A 64 -0.54 -14.03 -2.03
N ALA A 65 -1.55 -13.71 -2.82
CA ALA A 65 -1.43 -12.67 -3.83
C ALA A 65 -1.16 -11.31 -3.19
N ALA A 66 -1.82 -11.05 -2.07
CA ALA A 66 -1.65 -9.79 -1.36
C ALA A 66 -0.24 -9.66 -0.80
N GLN A 67 0.24 -10.73 -0.16
CA GLN A 67 1.58 -10.73 0.42
C GLN A 67 2.64 -10.44 -0.64
N ALA A 68 2.39 -10.91 -1.86
CA ALA A 68 3.33 -10.68 -2.96
C ALA A 68 3.50 -9.20 -3.25
N ALA A 69 2.40 -8.53 -3.58
CA ALA A 69 2.43 -7.10 -3.87
C ALA A 69 2.92 -6.31 -2.67
N CYS A 70 2.39 -6.61 -1.50
CA CYS A 70 2.77 -5.92 -0.27
C CYS A 70 4.29 -5.81 -0.17
N ALA A 71 4.99 -6.79 -0.74
CA ALA A 71 6.45 -6.80 -0.71
C ALA A 71 7.02 -6.02 -1.89
N LYS A 72 6.79 -6.53 -3.10
CA LYS A 72 7.29 -5.89 -4.31
C LYS A 72 6.96 -4.40 -4.31
N MET A 73 5.67 -4.09 -4.25
CA MET A 73 5.21 -2.70 -4.24
C MET A 73 6.04 -1.86 -3.27
N ARG A 74 6.22 -2.38 -2.06
CA ARG A 74 6.99 -1.69 -1.03
C ARG A 74 8.19 -0.96 -1.64
N GLY A 75 8.21 0.35 -1.51
CA GLY A 75 9.29 1.14 -2.06
C GLY A 75 9.32 1.13 -3.57
N PHE A 76 8.16 1.36 -4.18
CA PHE A 76 8.04 1.37 -5.63
C PHE A 76 8.58 2.68 -6.21
N PRO A 77 9.29 2.57 -7.35
CA PRO A 77 9.88 3.73 -8.03
C PRO A 77 8.81 4.64 -8.65
N LEU A 78 7.55 4.31 -8.40
CA LEU A 78 6.45 5.10 -8.94
C LEU A 78 6.80 6.58 -9.00
N GLY A 79 6.23 7.28 -9.96
CA GLY A 79 6.49 8.71 -10.11
C GLY A 79 7.93 8.98 -10.50
N GLY A 80 8.80 9.15 -9.51
CA GLY A 80 10.19 9.42 -9.76
C GLY A 80 11.12 8.55 -8.94
N PRO A 81 12.44 8.74 -9.12
CA PRO A 81 13.45 7.96 -8.41
C PRO A 81 13.52 8.34 -6.93
N ASP A 82 12.86 9.43 -6.57
CA ASP A 82 12.84 9.90 -5.19
C ASP A 82 11.57 9.44 -4.48
N ARG A 83 10.43 9.67 -5.12
CA ARG A 83 9.14 9.28 -4.55
C ARG A 83 8.99 7.77 -4.52
N ARG A 84 8.82 7.23 -3.31
CA ARG A 84 8.67 5.79 -3.14
C ARG A 84 7.36 5.46 -2.43
N LEU A 85 6.63 4.48 -2.95
CA LEU A 85 5.36 4.07 -2.36
C LEU A 85 5.57 3.42 -1.00
N ARG A 86 4.59 3.56 -0.12
CA ARG A 86 4.67 2.98 1.22
C ARG A 86 3.50 2.03 1.48
N VAL A 87 3.78 0.74 1.42
CA VAL A 87 2.75 -0.27 1.65
C VAL A 87 2.99 -1.01 2.97
N ASP A 88 1.92 -1.18 3.74
CA ASP A 88 1.99 -1.87 5.02
C ASP A 88 0.81 -2.78 5.22
N PHE A 89 1.01 -3.87 5.97
CA PHE A 89 -0.04 -4.83 6.24
C PHE A 89 -1.06 -4.26 7.23
N ALA A 90 -2.33 -4.36 6.89
CA ALA A 90 -3.39 -3.86 7.75
C ALA A 90 -4.18 -5.00 8.38
N LYS A 91 -3.88 -5.31 9.64
CA LYS A 91 -4.55 -6.38 10.35
C LYS A 91 -5.62 -5.83 11.30
N SER A 92 -6.80 -6.42 11.26
CA SER A 92 -7.90 -5.99 12.13
C SER A 92 -8.35 -7.11 13.05
N GLY A 93 -8.50 -8.31 12.49
CA GLY A 93 -8.93 -9.45 13.27
C GLY A 93 -10.43 -9.56 13.37
N PRO A 94 -10.95 -10.79 13.41
CA PRO A 94 -12.38 -11.06 13.50
C PRO A 94 -12.95 -10.68 14.86
N SER A 95 -14.24 -10.36 14.90
CA SER A 95 -14.91 -9.97 16.13
C SER A 95 -14.77 -11.08 17.18
N SER A 96 -13.90 -10.86 18.15
CA SER A 96 -13.68 -11.84 19.21
C SER A 96 -14.95 -12.06 20.01
N GLY A 97 -15.49 -11.00 20.58
CA GLY A 97 -16.71 -11.10 21.37
C GLY A 97 -16.44 -10.99 22.86
N GLY A 1 39.83 11.62 -3.61
CA GLY A 1 38.77 10.68 -3.37
C GLY A 1 37.60 11.30 -2.61
N SER A 2 36.82 10.46 -1.93
CA SER A 2 35.68 10.94 -1.16
C SER A 2 35.14 9.84 -0.26
N SER A 3 34.62 10.22 0.89
CA SER A 3 34.06 9.27 1.85
C SER A 3 32.64 9.65 2.23
N GLY A 4 31.80 8.63 2.42
CA GLY A 4 30.41 8.87 2.78
C GLY A 4 29.91 7.89 3.83
N SER A 5 28.59 7.77 3.92
CA SER A 5 27.98 6.87 4.90
C SER A 5 26.81 6.11 4.27
N SER A 6 26.51 4.93 4.81
CA SER A 6 25.43 4.11 4.31
C SER A 6 24.74 3.36 5.44
N GLY A 7 23.44 3.13 5.29
CA GLY A 7 22.68 2.43 6.31
C GLY A 7 21.19 2.46 6.05
N LYS A 8 20.57 1.29 6.05
CA LYS A 8 19.13 1.18 5.81
C LYS A 8 18.49 0.16 6.75
N ILE A 9 17.26 0.43 7.15
CA ILE A 9 16.54 -0.46 8.05
C ILE A 9 15.08 -0.62 7.62
N GLY A 10 14.43 -1.65 8.15
CA GLY A 10 13.04 -1.90 7.81
C GLY A 10 12.46 -3.08 8.56
N TYR A 11 11.32 -2.87 9.20
CA TYR A 11 10.66 -3.93 9.97
C TYR A 11 9.23 -4.14 9.48
N GLY A 12 8.54 -5.09 10.10
CA GLY A 12 7.17 -5.38 9.72
C GLY A 12 6.54 -6.44 10.59
N LYS A 13 6.05 -6.03 11.76
CA LYS A 13 5.42 -6.95 12.69
C LYS A 13 3.92 -7.06 12.42
N ALA A 14 3.47 -6.42 11.34
CA ALA A 14 2.07 -6.44 10.97
C ALA A 14 1.72 -7.72 10.21
N ASN A 15 0.84 -8.53 10.79
CA ASN A 15 0.43 -9.78 10.15
C ASN A 15 -0.11 -9.54 8.76
N PRO A 16 0.14 -10.48 7.84
CA PRO A 16 -0.30 -10.39 6.45
C PRO A 16 -1.82 -10.54 6.32
N THR A 17 -2.39 -9.88 5.33
CA THR A 17 -3.83 -9.94 5.10
C THR A 17 -4.18 -9.47 3.69
N THR A 18 -5.25 -10.03 3.13
CA THR A 18 -5.69 -9.66 1.80
C THR A 18 -5.71 -8.15 1.61
N ARG A 19 -6.06 -7.44 2.68
CA ARG A 19 -6.12 -5.98 2.63
C ARG A 19 -4.72 -5.37 2.73
N LEU A 20 -4.49 -4.30 1.99
CA LEU A 20 -3.20 -3.63 1.99
C LEU A 20 -3.37 -2.11 2.01
N TRP A 21 -2.78 -1.46 3.01
CA TRP A 21 -2.87 0.00 3.12
C TRP A 21 -1.86 0.68 2.22
N VAL A 22 -2.28 1.75 1.57
CA VAL A 22 -1.40 2.50 0.67
C VAL A 22 -1.49 4.00 0.94
N GLY A 23 -0.36 4.60 1.29
CA GLY A 23 -0.32 6.02 1.57
C GLY A 23 0.78 6.73 0.80
N GLY A 24 0.74 8.06 0.83
CA GLY A 24 1.75 8.84 0.13
C GLY A 24 1.38 9.09 -1.32
N LEU A 25 0.11 9.35 -1.58
CA LEU A 25 -0.36 9.61 -2.93
C LEU A 25 -0.08 11.05 -3.35
N GLY A 26 -0.34 11.36 -4.61
CA GLY A 26 -0.10 12.69 -5.12
C GLY A 26 -1.02 13.05 -6.27
N PRO A 27 -0.88 14.28 -6.78
CA PRO A 27 -1.70 14.77 -7.90
C PRO A 27 -1.35 14.07 -9.22
N ASN A 28 -0.33 13.21 -9.18
CA ASN A 28 0.10 12.49 -10.36
C ASN A 28 -0.52 11.09 -10.41
N THR A 29 -0.40 10.37 -9.30
CA THR A 29 -0.95 9.02 -9.20
C THR A 29 -2.36 8.95 -9.76
N SER A 30 -2.65 7.91 -10.53
CA SER A 30 -3.96 7.74 -11.12
C SER A 30 -4.59 6.42 -10.67
N LEU A 31 -5.76 6.10 -11.23
CA LEU A 31 -6.46 4.88 -10.89
C LEU A 31 -5.93 3.70 -11.68
N ALA A 32 -6.10 3.76 -13.01
CA ALA A 32 -5.64 2.69 -13.89
C ALA A 32 -4.19 2.34 -13.59
N ALA A 33 -3.36 3.35 -13.35
CA ALA A 33 -1.95 3.15 -13.05
C ALA A 33 -1.77 2.09 -11.96
N LEU A 34 -2.30 2.36 -10.77
CA LEU A 34 -2.20 1.45 -9.65
C LEU A 34 -2.93 0.13 -9.96
N ALA A 35 -4.24 0.22 -10.09
CA ALA A 35 -5.06 -0.96 -10.38
C ALA A 35 -4.36 -1.88 -11.38
N ARG A 36 -3.49 -1.30 -12.20
CA ARG A 36 -2.76 -2.06 -13.20
C ARG A 36 -1.55 -2.75 -12.57
N GLU A 37 -0.67 -1.96 -11.96
CA GLU A 37 0.54 -2.49 -11.33
C GLU A 37 0.17 -3.52 -10.27
N PHE A 38 -0.82 -3.18 -9.43
CA PHE A 38 -1.26 -4.08 -8.37
C PHE A 38 -1.91 -5.32 -8.95
N ASP A 39 -2.75 -5.13 -9.97
CA ASP A 39 -3.44 -6.23 -10.61
C ASP A 39 -2.46 -7.30 -11.08
N ARG A 40 -1.32 -6.86 -11.60
CA ARG A 40 -0.29 -7.77 -12.10
C ARG A 40 -0.17 -8.99 -11.18
N PHE A 41 -0.06 -8.75 -9.88
CA PHE A 41 0.06 -9.82 -8.91
C PHE A 41 -1.21 -10.66 -8.86
N GLY A 42 -2.31 -10.03 -8.46
CA GLY A 42 -3.58 -10.73 -8.38
C GLY A 42 -4.76 -9.84 -8.70
N SER A 43 -5.96 -10.42 -8.69
CA SER A 43 -7.17 -9.67 -8.99
C SER A 43 -7.64 -8.89 -7.77
N ILE A 44 -7.98 -7.62 -7.97
CA ILE A 44 -8.45 -6.77 -6.89
C ILE A 44 -9.97 -6.80 -6.79
N ARG A 45 -10.48 -6.85 -5.56
CA ARG A 45 -11.92 -6.88 -5.33
C ARG A 45 -12.51 -5.46 -5.37
N THR A 46 -11.86 -4.53 -4.66
CA THR A 46 -12.32 -3.15 -4.63
C THR A 46 -11.22 -2.23 -4.10
N ILE A 47 -11.32 -0.95 -4.45
CA ILE A 47 -10.34 0.04 -4.02
C ILE A 47 -11.01 1.32 -3.57
N ASP A 48 -10.85 1.64 -2.28
CA ASP A 48 -11.45 2.85 -1.72
C ASP A 48 -10.49 4.04 -1.85
N HIS A 49 -10.97 5.11 -2.47
CA HIS A 49 -10.16 6.31 -2.64
C HIS A 49 -10.72 7.47 -1.84
N VAL A 50 -9.84 8.37 -1.40
CA VAL A 50 -10.25 9.53 -0.62
C VAL A 50 -9.12 10.56 -0.53
N LYS A 51 -9.46 11.81 -0.78
CA LYS A 51 -8.48 12.89 -0.72
C LYS A 51 -8.24 13.33 0.72
N GLY A 52 -9.28 13.26 1.54
CA GLY A 52 -9.17 13.65 2.93
C GLY A 52 -7.87 13.18 3.56
N ASP A 53 -7.74 11.88 3.72
CA ASP A 53 -6.53 11.30 4.31
C ASP A 53 -5.51 10.94 3.24
N SER A 54 -5.96 10.93 1.98
CA SER A 54 -5.08 10.60 0.87
C SER A 54 -4.54 9.19 1.00
N PHE A 55 -5.42 8.25 1.32
CA PHE A 55 -5.04 6.86 1.49
C PHE A 55 -5.78 5.96 0.50
N ALA A 56 -5.22 4.80 0.22
CA ALA A 56 -5.83 3.85 -0.71
C ALA A 56 -5.75 2.42 -0.18
N TYR A 57 -6.87 1.72 -0.18
CA TYR A 57 -6.91 0.34 0.31
C TYR A 57 -7.01 -0.64 -0.86
N ILE A 58 -6.18 -1.68 -0.82
CA ILE A 58 -6.17 -2.69 -1.86
C ILE A 58 -6.68 -4.03 -1.34
N GLN A 59 -7.72 -4.56 -1.98
CA GLN A 59 -8.29 -5.83 -1.58
C GLN A 59 -8.02 -6.90 -2.62
N TYR A 60 -7.40 -8.00 -2.19
CA TYR A 60 -7.08 -9.10 -3.08
C TYR A 60 -7.93 -10.33 -2.77
N GLU A 61 -8.27 -11.09 -3.81
CA GLU A 61 -9.08 -12.29 -3.64
C GLU A 61 -8.34 -13.33 -2.81
N SER A 62 -7.01 -13.30 -2.86
CA SER A 62 -6.19 -14.24 -2.12
C SER A 62 -5.29 -13.51 -1.12
N LEU A 63 -4.83 -14.23 -0.11
CA LEU A 63 -3.94 -13.66 0.90
C LEU A 63 -2.50 -13.61 0.41
N ASP A 64 -2.03 -14.73 -0.15
CA ASP A 64 -0.67 -14.81 -0.66
C ASP A 64 -0.41 -13.71 -1.67
N ALA A 65 -1.25 -13.63 -2.69
CA ALA A 65 -1.11 -12.62 -3.73
C ALA A 65 -0.92 -11.22 -3.13
N ALA A 66 -1.67 -10.95 -2.06
CA ALA A 66 -1.58 -9.66 -1.38
C ALA A 66 -0.19 -9.42 -0.81
N GLN A 67 0.31 -10.42 -0.08
CA GLN A 67 1.64 -10.33 0.52
C GLN A 67 2.70 -10.04 -0.53
N ALA A 68 2.60 -10.74 -1.66
CA ALA A 68 3.56 -10.56 -2.75
C ALA A 68 3.66 -9.09 -3.16
N ALA A 69 2.53 -8.50 -3.53
CA ALA A 69 2.48 -7.10 -3.94
C ALA A 69 3.04 -6.19 -2.84
N CYS A 70 2.49 -6.33 -1.64
CA CYS A 70 2.92 -5.52 -0.50
C CYS A 70 4.44 -5.37 -0.50
N ALA A 71 5.15 -6.49 -0.65
CA ALA A 71 6.60 -6.48 -0.66
C ALA A 71 7.14 -5.65 -1.81
N LYS A 72 6.93 -6.13 -3.03
CA LYS A 72 7.40 -5.43 -4.23
C LYS A 72 7.04 -3.95 -4.16
N MET A 73 5.74 -3.67 -4.09
CA MET A 73 5.26 -2.29 -4.02
C MET A 73 6.06 -1.49 -2.98
N ARG A 74 6.04 -1.96 -1.74
CA ARG A 74 6.75 -1.29 -0.66
C ARG A 74 8.06 -0.69 -1.16
N GLY A 75 8.03 0.59 -1.51
CA GLY A 75 9.22 1.25 -1.99
C GLY A 75 9.36 1.16 -3.50
N PHE A 76 8.24 1.25 -4.21
CA PHE A 76 8.24 1.17 -5.66
C PHE A 76 8.83 2.44 -6.27
N PRO A 77 9.60 2.27 -7.35
CA PRO A 77 10.24 3.39 -8.05
C PRO A 77 9.23 4.25 -8.80
N LEU A 78 7.96 3.95 -8.63
CA LEU A 78 6.89 4.70 -9.28
C LEU A 78 7.27 6.17 -9.42
N GLY A 79 7.01 6.74 -10.59
CA GLY A 79 7.33 8.14 -10.84
C GLY A 79 8.82 8.36 -11.04
N GLY A 80 9.50 8.78 -9.98
CA GLY A 80 10.92 9.03 -10.07
C GLY A 80 11.71 8.33 -8.98
N PRO A 81 13.02 8.62 -8.90
CA PRO A 81 13.90 8.00 -7.90
C PRO A 81 13.61 8.50 -6.49
N ASP A 82 12.95 9.66 -6.40
CA ASP A 82 12.61 10.23 -5.11
C ASP A 82 11.22 9.78 -4.66
N ARG A 83 10.29 9.72 -5.60
CA ARG A 83 8.92 9.32 -5.32
C ARG A 83 8.84 7.80 -5.10
N ARG A 84 8.60 7.40 -3.86
CA ARG A 84 8.49 5.99 -3.53
C ARG A 84 7.16 5.68 -2.87
N LEU A 85 6.47 4.66 -3.38
CA LEU A 85 5.17 4.26 -2.85
C LEU A 85 5.32 3.71 -1.43
N ARG A 86 4.26 3.87 -0.64
CA ARG A 86 4.26 3.39 0.74
C ARG A 86 3.12 2.42 0.98
N VAL A 87 3.45 1.13 1.13
CA VAL A 87 2.45 0.10 1.37
C VAL A 87 2.72 -0.63 2.68
N ASP A 88 1.67 -0.82 3.47
CA ASP A 88 1.79 -1.52 4.74
C ASP A 88 0.55 -2.37 5.02
N PHE A 89 0.78 -3.63 5.36
CA PHE A 89 -0.32 -4.55 5.64
C PHE A 89 -1.37 -3.89 6.53
N ALA A 90 -2.61 -3.88 6.06
CA ALA A 90 -3.71 -3.29 6.82
C ALA A 90 -4.11 -4.16 8.00
N LYS A 91 -4.81 -3.57 8.96
CA LYS A 91 -5.26 -4.29 10.14
C LYS A 91 -6.78 -4.29 10.25
N SER A 92 -7.33 -5.32 10.87
CA SER A 92 -8.78 -5.43 11.05
C SER A 92 -9.12 -6.10 12.37
N GLY A 93 -10.08 -5.53 13.08
CA GLY A 93 -10.49 -6.09 14.36
C GLY A 93 -11.95 -6.47 14.38
N PRO A 94 -12.26 -7.66 13.85
CA PRO A 94 -13.64 -8.17 13.80
C PRO A 94 -14.18 -8.54 15.18
N SER A 95 -15.49 -8.44 15.35
CA SER A 95 -16.12 -8.75 16.61
C SER A 95 -17.52 -9.35 16.40
N SER A 96 -18.11 -9.85 17.48
CA SER A 96 -19.44 -10.44 17.40
C SER A 96 -19.95 -10.81 18.79
N GLY A 97 -21.19 -10.42 19.09
CA GLY A 97 -21.77 -10.71 20.38
C GLY A 97 -22.19 -9.46 21.12
N GLY A 1 18.77 13.99 10.55
CA GLY A 1 19.34 13.74 9.24
C GLY A 1 20.82 14.05 9.17
N SER A 2 21.62 13.03 8.89
CA SER A 2 23.07 13.20 8.80
C SER A 2 23.50 13.48 7.36
N SER A 3 23.18 14.68 6.87
CA SER A 3 23.52 15.07 5.51
C SER A 3 23.35 13.89 4.55
N GLY A 4 22.27 13.14 4.73
CA GLY A 4 22.01 12.00 3.87
C GLY A 4 20.63 11.41 4.09
N SER A 5 20.58 10.10 4.27
CA SER A 5 19.32 9.41 4.49
C SER A 5 19.21 8.90 5.92
N SER A 6 18.23 9.42 6.66
CA SER A 6 18.03 9.02 8.04
C SER A 6 17.14 7.78 8.13
N GLY A 7 17.67 6.73 8.74
CA GLY A 7 16.90 5.49 8.88
C GLY A 7 16.87 4.99 10.31
N LYS A 8 15.68 4.98 10.89
CA LYS A 8 15.50 4.53 12.26
C LYS A 8 14.77 3.19 12.30
N ILE A 9 15.04 2.40 13.34
CA ILE A 9 14.40 1.10 13.49
C ILE A 9 12.88 1.24 13.60
N GLY A 10 12.16 0.29 13.01
CA GLY A 10 10.71 0.33 13.06
C GLY A 10 10.08 -0.49 11.96
N TYR A 11 9.96 -1.80 12.19
CA TYR A 11 9.37 -2.70 11.21
C TYR A 11 8.62 -3.84 11.90
N GLY A 12 7.30 -3.80 11.81
CA GLY A 12 6.48 -4.83 12.43
C GLY A 12 5.17 -4.29 12.97
N LYS A 13 4.65 -4.95 13.99
CA LYS A 13 3.39 -4.52 14.61
C LYS A 13 2.25 -4.54 13.60
N ALA A 14 2.24 -5.58 12.75
CA ALA A 14 1.21 -5.71 11.73
C ALA A 14 1.01 -7.18 11.35
N ASN A 15 -0.19 -7.51 10.90
CA ASN A 15 -0.51 -8.88 10.50
C ASN A 15 -0.86 -8.94 9.02
N PRO A 16 -0.45 -10.04 8.36
CA PRO A 16 -0.72 -10.25 6.92
C PRO A 16 -2.19 -10.51 6.65
N THR A 17 -2.70 -9.86 5.60
CA THR A 17 -4.10 -10.01 5.21
C THR A 17 -4.34 -9.52 3.79
N THR A 18 -5.34 -10.10 3.13
CA THR A 18 -5.67 -9.73 1.76
C THR A 18 -5.63 -8.21 1.58
N ARG A 19 -6.04 -7.49 2.61
CA ARG A 19 -6.05 -6.03 2.57
C ARG A 19 -4.65 -5.47 2.80
N LEU A 20 -4.36 -4.34 2.17
CA LEU A 20 -3.06 -3.70 2.31
C LEU A 20 -3.20 -2.17 2.35
N TRP A 21 -2.21 -1.52 2.94
CA TRP A 21 -2.22 -0.06 3.05
C TRP A 21 -1.27 0.57 2.05
N VAL A 22 -1.78 1.55 1.30
CA VAL A 22 -0.97 2.24 0.30
C VAL A 22 -1.10 3.75 0.44
N GLY A 23 0.02 4.41 0.74
CA GLY A 23 0.01 5.85 0.90
C GLY A 23 0.99 6.54 -0.04
N GLY A 24 0.98 7.87 -0.02
CA GLY A 24 1.87 8.63 -0.88
C GLY A 24 1.30 8.81 -2.28
N LEU A 25 0.02 9.12 -2.36
CA LEU A 25 -0.64 9.32 -3.65
C LEU A 25 -0.94 10.79 -3.89
N GLY A 26 -0.85 11.21 -5.15
CA GLY A 26 -1.10 12.61 -5.48
C GLY A 26 -2.26 12.75 -6.47
N PRO A 27 -2.53 14.01 -6.87
CA PRO A 27 -3.61 14.31 -7.81
C PRO A 27 -3.31 13.81 -9.22
N ASN A 28 -2.09 13.36 -9.44
CA ASN A 28 -1.67 12.86 -10.74
C ASN A 28 -1.86 11.34 -10.82
N THR A 29 -1.49 10.64 -9.75
CA THR A 29 -1.62 9.20 -9.70
C THR A 29 -3.09 8.77 -9.69
N SER A 30 -3.57 8.33 -10.84
CA SER A 30 -4.96 7.90 -10.96
C SER A 30 -5.13 6.47 -10.47
N LEU A 31 -6.14 6.25 -9.63
CA LEU A 31 -6.41 4.93 -9.08
C LEU A 31 -6.30 3.86 -10.17
N ALA A 32 -6.95 4.09 -11.29
CA ALA A 32 -6.92 3.15 -12.41
C ALA A 32 -5.50 2.64 -12.66
N ALA A 33 -4.54 3.57 -12.64
CA ALA A 33 -3.14 3.22 -12.86
C ALA A 33 -2.67 2.19 -11.85
N LEU A 34 -2.70 2.56 -10.57
CA LEU A 34 -2.28 1.66 -9.51
C LEU A 34 -2.97 0.31 -9.61
N ALA A 35 -4.29 0.34 -9.76
CA ALA A 35 -5.08 -0.89 -9.87
C ALA A 35 -4.38 -1.90 -10.77
N ARG A 36 -4.03 -1.47 -11.97
CA ARG A 36 -3.35 -2.34 -12.93
C ARG A 36 -1.97 -2.75 -12.42
N GLU A 37 -1.34 -1.85 -11.66
CA GLU A 37 -0.01 -2.11 -11.12
C GLU A 37 -0.08 -3.20 -10.05
N PHE A 38 -1.15 -3.19 -9.27
CA PHE A 38 -1.33 -4.17 -8.20
C PHE A 38 -1.99 -5.44 -8.73
N ASP A 39 -2.74 -5.29 -9.82
CA ASP A 39 -3.43 -6.43 -10.43
C ASP A 39 -2.43 -7.47 -10.92
N ARG A 40 -1.32 -7.00 -11.48
CA ARG A 40 -0.29 -7.90 -11.98
C ARG A 40 -0.08 -9.08 -11.05
N PHE A 41 -0.31 -8.85 -9.76
CA PHE A 41 -0.15 -9.90 -8.75
C PHE A 41 -1.40 -10.77 -8.67
N GLY A 42 -2.55 -10.13 -8.49
CA GLY A 42 -3.80 -10.86 -8.40
C GLY A 42 -5.01 -9.96 -8.56
N SER A 43 -6.12 -10.53 -9.04
CA SER A 43 -7.34 -9.78 -9.24
C SER A 43 -7.66 -8.92 -8.02
N ILE A 44 -7.72 -7.61 -8.22
CA ILE A 44 -8.02 -6.67 -7.13
C ILE A 44 -9.52 -6.56 -6.90
N ARG A 45 -9.94 -6.78 -5.65
CA ARG A 45 -11.34 -6.71 -5.30
C ARG A 45 -11.88 -5.28 -5.49
N THR A 46 -11.29 -4.34 -4.77
CA THR A 46 -11.71 -2.95 -4.85
C THR A 46 -10.66 -2.02 -4.23
N ILE A 47 -10.69 -0.76 -4.62
CA ILE A 47 -9.74 0.23 -4.11
C ILE A 47 -10.45 1.54 -3.77
N ASP A 48 -10.19 2.05 -2.57
CA ASP A 48 -10.80 3.31 -2.13
C ASP A 48 -10.05 4.50 -2.71
N HIS A 49 -10.80 5.45 -3.28
CA HIS A 49 -10.21 6.64 -3.87
C HIS A 49 -10.48 7.86 -3.00
N VAL A 50 -9.47 8.28 -2.24
CA VAL A 50 -9.60 9.44 -1.37
C VAL A 50 -8.40 10.37 -1.53
N LYS A 51 -8.63 11.51 -2.18
CA LYS A 51 -7.58 12.50 -2.40
C LYS A 51 -7.29 13.27 -1.12
N GLY A 52 -8.35 13.69 -0.44
CA GLY A 52 -8.19 14.44 0.80
C GLY A 52 -7.13 13.85 1.70
N ASP A 53 -7.33 12.59 2.09
CA ASP A 53 -6.39 11.90 2.96
C ASP A 53 -5.13 11.49 2.19
N SER A 54 -5.26 11.38 0.88
CA SER A 54 -4.15 10.99 0.02
C SER A 54 -3.65 9.60 0.40
N PHE A 55 -4.57 8.64 0.46
CA PHE A 55 -4.22 7.27 0.81
C PHE A 55 -5.35 6.32 0.43
N ALA A 56 -5.06 5.02 0.45
CA ALA A 56 -6.05 4.00 0.12
C ALA A 56 -5.53 2.61 0.44
N TYR A 57 -6.44 1.64 0.46
CA TYR A 57 -6.08 0.26 0.75
C TYR A 57 -6.36 -0.65 -0.44
N ILE A 58 -5.57 -1.72 -0.55
CA ILE A 58 -5.74 -2.67 -1.65
C ILE A 58 -6.28 -4.00 -1.16
N GLN A 59 -7.33 -4.49 -1.80
CA GLN A 59 -7.95 -5.76 -1.42
C GLN A 59 -7.72 -6.82 -2.50
N TYR A 60 -7.13 -7.94 -2.10
CA TYR A 60 -6.85 -9.02 -3.03
C TYR A 60 -7.81 -10.19 -2.82
N GLU A 61 -8.11 -10.91 -3.89
CA GLU A 61 -9.01 -12.04 -3.82
C GLU A 61 -8.45 -13.15 -2.93
N SER A 62 -7.12 -13.18 -2.81
CA SER A 62 -6.45 -14.18 -2.00
C SER A 62 -5.42 -13.53 -1.08
N LEU A 63 -5.18 -14.17 0.07
CA LEU A 63 -4.22 -13.65 1.04
C LEU A 63 -2.80 -13.74 0.49
N ASP A 64 -2.52 -14.82 -0.22
CA ASP A 64 -1.19 -15.02 -0.80
C ASP A 64 -0.86 -13.93 -1.81
N ALA A 65 -1.79 -13.69 -2.73
CA ALA A 65 -1.60 -12.66 -3.76
C ALA A 65 -1.35 -11.30 -3.13
N ALA A 66 -1.82 -11.12 -1.90
CA ALA A 66 -1.65 -9.85 -1.20
C ALA A 66 -0.23 -9.75 -0.62
N GLN A 67 0.22 -10.80 0.03
CA GLN A 67 1.56 -10.82 0.62
C GLN A 67 2.62 -10.54 -0.43
N ALA A 68 2.36 -10.99 -1.66
CA ALA A 68 3.30 -10.80 -2.76
C ALA A 68 3.43 -9.32 -3.11
N ALA A 69 2.31 -8.70 -3.48
CA ALA A 69 2.30 -7.29 -3.84
C ALA A 69 2.81 -6.42 -2.68
N CYS A 70 2.26 -6.66 -1.49
CA CYS A 70 2.65 -5.89 -0.31
C CYS A 70 4.17 -5.82 -0.19
N ALA A 71 4.85 -6.86 -0.69
CA ALA A 71 6.30 -6.91 -0.63
C ALA A 71 6.92 -6.27 -1.87
N LYS A 72 6.75 -6.92 -3.02
CA LYS A 72 7.30 -6.41 -4.28
C LYS A 72 7.07 -4.90 -4.39
N MET A 73 5.84 -4.47 -4.11
CA MET A 73 5.50 -3.05 -4.18
C MET A 73 6.45 -2.22 -3.32
N ARG A 74 6.49 -2.53 -2.03
CA ARG A 74 7.35 -1.81 -1.09
C ARG A 74 8.66 -1.41 -1.76
N GLY A 75 8.70 -0.18 -2.25
CA GLY A 75 9.90 0.32 -2.91
C GLY A 75 9.70 0.53 -4.39
N PHE A 76 8.52 1.02 -4.77
CA PHE A 76 8.20 1.26 -6.17
C PHE A 76 8.78 2.60 -6.63
N PRO A 77 9.29 2.62 -7.87
CA PRO A 77 9.88 3.83 -8.46
C PRO A 77 8.85 4.90 -8.77
N LEU A 78 7.60 4.64 -8.36
CA LEU A 78 6.51 5.58 -8.60
C LEU A 78 6.99 7.02 -8.45
N GLY A 79 7.24 7.67 -9.58
CA GLY A 79 7.71 9.05 -9.56
C GLY A 79 9.20 9.16 -9.35
N GLY A 80 9.66 10.33 -8.93
CA GLY A 80 11.08 10.53 -8.71
C GLY A 80 11.68 9.50 -7.79
N PRO A 81 13.02 9.53 -7.64
CA PRO A 81 13.74 8.60 -6.78
C PRO A 81 13.47 8.84 -5.29
N ASP A 82 12.71 9.89 -5.01
CA ASP A 82 12.37 10.23 -3.63
C ASP A 82 10.97 9.75 -3.27
N ARG A 83 10.04 9.90 -4.22
CA ARG A 83 8.66 9.48 -4.00
C ARG A 83 8.53 7.97 -4.12
N ARG A 84 8.72 7.27 -3.02
CA ARG A 84 8.63 5.81 -3.00
C ARG A 84 7.32 5.36 -2.36
N LEU A 85 6.59 4.50 -3.05
CA LEU A 85 5.32 3.98 -2.55
C LEU A 85 5.51 3.21 -1.26
N ARG A 86 4.86 3.66 -0.19
CA ARG A 86 4.95 3.00 1.10
C ARG A 86 3.83 1.99 1.29
N VAL A 87 4.15 0.71 1.17
CA VAL A 87 3.17 -0.35 1.32
C VAL A 87 3.40 -1.15 2.61
N ASP A 88 2.37 -1.26 3.42
CA ASP A 88 2.46 -1.99 4.68
C ASP A 88 1.16 -2.72 4.99
N PHE A 89 1.27 -3.98 5.41
CA PHE A 89 0.10 -4.79 5.72
C PHE A 89 -0.89 -3.99 6.57
N ALA A 90 -2.16 -4.04 6.17
CA ALA A 90 -3.21 -3.33 6.89
C ALA A 90 -3.80 -4.19 8.00
N LYS A 91 -4.73 -3.63 8.76
CA LYS A 91 -5.38 -4.34 9.85
C LYS A 91 -6.83 -4.65 9.51
N SER A 92 -7.05 -5.76 8.80
CA SER A 92 -8.39 -6.16 8.41
C SER A 92 -9.22 -6.52 9.63
N GLY A 93 -8.78 -7.53 10.38
CA GLY A 93 -9.50 -7.94 11.57
C GLY A 93 -8.71 -8.93 12.40
N PRO A 94 -8.89 -8.87 13.73
CA PRO A 94 -8.19 -9.76 14.67
C PRO A 94 -8.69 -11.19 14.58
N SER A 95 -8.06 -12.08 15.34
CA SER A 95 -8.44 -13.49 15.35
C SER A 95 -9.69 -13.71 16.21
N SER A 96 -10.85 -13.62 15.57
CA SER A 96 -12.11 -13.82 16.28
C SER A 96 -12.13 -15.14 17.03
N GLY A 97 -13.06 -15.28 17.96
CA GLY A 97 -13.16 -16.50 18.74
C GLY A 97 -14.60 -16.86 19.06
N GLY A 1 38.32 7.76 13.31
CA GLY A 1 37.06 7.82 14.05
C GLY A 1 35.99 6.96 13.42
N SER A 2 34.76 7.11 13.88
CA SER A 2 33.63 6.34 13.37
C SER A 2 32.31 7.06 13.60
N SER A 3 31.25 6.58 12.97
CA SER A 3 29.93 7.19 13.10
C SER A 3 28.83 6.14 12.91
N GLY A 4 27.66 6.44 13.44
CA GLY A 4 26.53 5.52 13.33
C GLY A 4 26.06 5.01 14.68
N SER A 5 25.40 5.88 15.44
CA SER A 5 24.90 5.51 16.75
C SER A 5 23.40 5.73 16.84
N SER A 6 22.81 5.34 17.97
CA SER A 6 21.38 5.49 18.18
C SER A 6 20.61 5.29 16.87
N GLY A 7 21.01 4.28 16.11
CA GLY A 7 20.37 3.99 14.84
C GLY A 7 19.91 2.55 14.74
N LYS A 8 19.23 2.07 15.76
CA LYS A 8 18.73 0.70 15.79
C LYS A 8 17.27 0.63 15.35
N ILE A 9 16.95 1.37 14.29
CA ILE A 9 15.58 1.40 13.77
C ILE A 9 15.29 0.16 12.93
N GLY A 10 14.08 -0.37 13.07
CA GLY A 10 13.69 -1.55 12.33
C GLY A 10 12.77 -2.46 13.11
N TYR A 11 11.61 -1.93 13.50
CA TYR A 11 10.64 -2.70 14.27
C TYR A 11 9.23 -2.49 13.72
N GLY A 12 8.49 -3.59 13.60
CA GLY A 12 7.13 -3.50 13.09
C GLY A 12 6.64 -4.81 12.52
N LYS A 13 6.57 -5.84 13.37
CA LYS A 13 6.11 -7.15 12.95
C LYS A 13 4.58 -7.22 12.90
N ALA A 14 4.03 -7.10 11.70
CA ALA A 14 2.59 -7.14 11.51
C ALA A 14 2.19 -8.30 10.59
N ASN A 15 1.36 -9.20 11.10
CA ASN A 15 0.90 -10.34 10.33
C ASN A 15 0.31 -9.90 8.99
N PRO A 16 0.55 -10.71 7.95
CA PRO A 16 0.05 -10.42 6.60
C PRO A 16 -1.45 -10.56 6.49
N THR A 17 -2.04 -9.89 5.50
CA THR A 17 -3.48 -9.93 5.30
C THR A 17 -3.84 -9.48 3.88
N THR A 18 -4.93 -10.03 3.35
CA THR A 18 -5.39 -9.67 2.01
C THR A 18 -5.42 -8.16 1.82
N ARG A 19 -5.76 -7.44 2.88
CA ARG A 19 -5.83 -5.99 2.83
C ARG A 19 -4.44 -5.38 2.75
N LEU A 20 -4.30 -4.32 1.97
CA LEU A 20 -3.02 -3.65 1.81
C LEU A 20 -3.21 -2.13 1.85
N TRP A 21 -2.43 -1.46 2.70
CA TRP A 21 -2.50 -0.02 2.83
C TRP A 21 -1.53 0.66 1.87
N VAL A 22 -2.04 1.64 1.11
CA VAL A 22 -1.21 2.36 0.16
C VAL A 22 -1.24 3.86 0.44
N GLY A 23 -0.07 4.43 0.68
CA GLY A 23 0.02 5.85 0.94
C GLY A 23 1.10 6.54 0.14
N GLY A 24 0.99 7.85 0.01
CA GLY A 24 1.98 8.61 -0.76
C GLY A 24 1.52 8.89 -2.17
N LEU A 25 0.25 9.24 -2.32
CA LEU A 25 -0.31 9.53 -3.64
C LEU A 25 -0.51 11.03 -3.82
N GLY A 26 -0.27 11.52 -5.04
CA GLY A 26 -0.43 12.93 -5.33
C GLY A 26 -1.59 13.21 -6.26
N PRO A 27 -1.78 14.48 -6.61
CA PRO A 27 -2.86 14.91 -7.51
C PRO A 27 -2.62 14.45 -8.94
N ASN A 28 -1.41 13.98 -9.23
CA ASN A 28 -1.06 13.51 -10.56
C ASN A 28 -1.22 11.99 -10.66
N THR A 29 -0.79 11.29 -9.63
CA THR A 29 -0.88 9.83 -9.59
C THR A 29 -2.33 9.38 -9.58
N SER A 30 -2.81 8.89 -10.72
CA SER A 30 -4.19 8.42 -10.85
C SER A 30 -4.34 7.03 -10.23
N LEU A 31 -5.58 6.64 -9.98
CA LEU A 31 -5.87 5.34 -9.40
C LEU A 31 -5.61 4.22 -10.39
N ALA A 32 -6.14 4.37 -11.61
CA ALA A 32 -5.96 3.38 -12.65
C ALA A 32 -4.53 2.85 -12.66
N ALA A 33 -3.57 3.77 -12.72
CA ALA A 33 -2.16 3.39 -12.75
C ALA A 33 -1.86 2.33 -11.71
N LEU A 34 -2.10 2.66 -10.44
CA LEU A 34 -1.86 1.73 -9.35
C LEU A 34 -2.60 0.41 -9.57
N ALA A 35 -3.93 0.48 -9.59
CA ALA A 35 -4.75 -0.70 -9.80
C ALA A 35 -4.12 -1.63 -10.82
N ARG A 36 -3.69 -1.07 -11.95
CA ARG A 36 -3.06 -1.86 -13.01
C ARG A 36 -1.77 -2.50 -12.52
N GLU A 37 -0.99 -1.72 -11.77
CA GLU A 37 0.28 -2.22 -11.24
C GLU A 37 0.06 -3.36 -10.27
N PHE A 38 -0.88 -3.17 -9.35
CA PHE A 38 -1.19 -4.18 -8.35
C PHE A 38 -1.82 -5.42 -9.00
N ASP A 39 -2.89 -5.20 -9.75
CA ASP A 39 -3.59 -6.28 -10.43
C ASP A 39 -2.59 -7.31 -10.96
N ARG A 40 -1.54 -6.82 -11.61
CA ARG A 40 -0.51 -7.69 -12.18
C ARG A 40 -0.30 -8.91 -11.29
N PHE A 41 -0.17 -8.68 -9.99
CA PHE A 41 0.05 -9.77 -9.03
C PHE A 41 -1.20 -10.64 -8.92
N GLY A 42 -2.28 -10.07 -8.42
CA GLY A 42 -3.52 -10.81 -8.26
C GLY A 42 -4.75 -9.93 -8.40
N SER A 43 -5.90 -10.56 -8.59
CA SER A 43 -7.15 -9.83 -8.75
C SER A 43 -7.48 -9.03 -7.49
N ILE A 44 -8.02 -7.84 -7.68
CA ILE A 44 -8.38 -6.97 -6.56
C ILE A 44 -9.89 -6.92 -6.37
N ARG A 45 -10.32 -6.93 -5.11
CA ARG A 45 -11.74 -6.88 -4.79
C ARG A 45 -12.30 -5.47 -4.99
N THR A 46 -11.58 -4.48 -4.48
CA THR A 46 -12.01 -3.09 -4.61
C THR A 46 -10.94 -2.14 -4.06
N ILE A 47 -10.95 -0.90 -4.53
CA ILE A 47 -10.00 0.10 -4.09
C ILE A 47 -10.69 1.42 -3.75
N ASP A 48 -10.19 2.10 -2.72
CA ASP A 48 -10.76 3.37 -2.30
C ASP A 48 -9.99 4.54 -2.91
N HIS A 49 -10.72 5.41 -3.59
CA HIS A 49 -10.10 6.58 -4.24
C HIS A 49 -10.58 7.87 -3.57
N VAL A 50 -9.69 8.50 -2.81
CA VAL A 50 -10.03 9.74 -2.12
C VAL A 50 -8.80 10.64 -1.99
N LYS A 51 -9.01 11.95 -2.12
CA LYS A 51 -7.92 12.91 -2.02
C LYS A 51 -7.61 13.21 -0.55
N GLY A 52 -8.65 13.50 0.22
CA GLY A 52 -8.47 13.81 1.63
C GLY A 52 -7.68 12.74 2.36
N ASP A 53 -8.24 11.54 2.44
CA ASP A 53 -7.59 10.44 3.12
C ASP A 53 -6.14 10.30 2.66
N SER A 54 -5.90 10.61 1.38
CA SER A 54 -4.56 10.51 0.82
C SER A 54 -4.03 9.08 0.91
N PHE A 55 -4.94 8.12 0.94
CA PHE A 55 -4.57 6.71 1.03
C PHE A 55 -5.62 5.82 0.36
N ALA A 56 -5.20 4.63 -0.05
CA ALA A 56 -6.11 3.70 -0.70
C ALA A 56 -5.87 2.28 -0.20
N TYR A 57 -6.96 1.56 0.08
CA TYR A 57 -6.87 0.19 0.57
C TYR A 57 -7.19 -0.81 -0.53
N ILE A 58 -6.23 -1.66 -0.85
CA ILE A 58 -6.41 -2.67 -1.89
C ILE A 58 -6.66 -4.04 -1.29
N GLN A 59 -7.77 -4.67 -1.69
CA GLN A 59 -8.13 -5.99 -1.19
C GLN A 59 -7.86 -7.06 -2.24
N TYR A 60 -7.35 -8.20 -1.80
CA TYR A 60 -7.05 -9.31 -2.71
C TYR A 60 -7.91 -10.52 -2.39
N GLU A 61 -8.39 -11.19 -3.44
CA GLU A 61 -9.23 -12.37 -3.26
C GLU A 61 -8.53 -13.41 -2.39
N SER A 62 -7.21 -13.48 -2.49
CA SER A 62 -6.42 -14.43 -1.71
C SER A 62 -5.42 -13.71 -0.82
N LEU A 63 -4.84 -14.44 0.12
CA LEU A 63 -3.86 -13.87 1.04
C LEU A 63 -2.47 -13.88 0.42
N ASP A 64 -2.08 -15.01 -0.14
CA ASP A 64 -0.76 -15.15 -0.77
C ASP A 64 -0.51 -14.00 -1.74
N ALA A 65 -1.40 -13.84 -2.71
CA ALA A 65 -1.27 -12.78 -3.71
C ALA A 65 -1.02 -11.43 -3.04
N ALA A 66 -1.80 -11.14 -2.00
CA ALA A 66 -1.67 -9.89 -1.27
C ALA A 66 -0.24 -9.68 -0.80
N GLN A 67 0.31 -10.69 -0.13
CA GLN A 67 1.68 -10.62 0.37
C GLN A 67 2.66 -10.27 -0.75
N ALA A 68 2.59 -11.02 -1.84
CA ALA A 68 3.47 -10.80 -2.98
C ALA A 68 3.52 -9.32 -3.35
N ALA A 69 2.39 -8.77 -3.75
CA ALA A 69 2.30 -7.36 -4.13
C ALA A 69 2.68 -6.46 -2.96
N CYS A 70 2.26 -6.83 -1.76
CA CYS A 70 2.55 -6.06 -0.56
C CYS A 70 4.03 -5.70 -0.50
N ALA A 71 4.89 -6.71 -0.60
CA ALA A 71 6.32 -6.50 -0.56
C ALA A 71 6.84 -5.88 -1.85
N LYS A 72 6.58 -6.55 -2.97
CA LYS A 72 7.01 -6.06 -4.28
C LYS A 72 6.71 -4.58 -4.42
N MET A 73 5.43 -4.22 -4.32
CA MET A 73 5.03 -2.82 -4.43
C MET A 73 5.76 -1.95 -3.42
N ARG A 74 5.92 -2.46 -2.21
CA ARG A 74 6.60 -1.73 -1.15
C ARG A 74 7.84 -1.02 -1.70
N GLY A 75 7.83 0.30 -1.64
CA GLY A 75 8.97 1.07 -2.14
C GLY A 75 8.98 1.17 -3.65
N PHE A 76 7.79 1.25 -4.25
CA PHE A 76 7.68 1.34 -5.70
C PHE A 76 8.38 2.61 -6.22
N PRO A 77 9.05 2.48 -7.37
CA PRO A 77 9.76 3.60 -7.99
C PRO A 77 8.81 4.65 -8.56
N LEU A 78 7.52 4.47 -8.30
CA LEU A 78 6.50 5.40 -8.78
C LEU A 78 7.03 6.84 -8.75
N GLY A 79 6.47 7.68 -9.61
CA GLY A 79 6.90 9.07 -9.66
C GLY A 79 8.35 9.22 -10.07
N GLY A 80 9.20 9.55 -9.10
CA GLY A 80 10.61 9.71 -9.38
C GLY A 80 11.48 8.77 -8.57
N PRO A 81 12.81 8.86 -8.77
CA PRO A 81 13.77 8.02 -8.07
C PRO A 81 13.87 8.35 -6.58
N ASP A 82 13.11 9.37 -6.16
CA ASP A 82 13.12 9.79 -4.77
C ASP A 82 11.80 9.44 -4.09
N ARG A 83 10.70 9.75 -4.75
CA ARG A 83 9.37 9.46 -4.21
C ARG A 83 8.98 8.01 -4.47
N ARG A 84 8.86 7.24 -3.39
CA ARG A 84 8.49 5.83 -3.50
C ARG A 84 7.17 5.56 -2.79
N LEU A 85 6.58 4.40 -3.07
CA LEU A 85 5.31 4.01 -2.46
C LEU A 85 5.54 3.27 -1.15
N ARG A 86 4.70 3.53 -0.17
CA ARG A 86 4.81 2.89 1.13
C ARG A 86 3.66 1.92 1.36
N VAL A 87 3.93 0.63 1.23
CA VAL A 87 2.92 -0.40 1.42
C VAL A 87 3.15 -1.16 2.73
N ASP A 88 2.11 -1.20 3.57
CA ASP A 88 2.20 -1.89 4.85
C ASP A 88 0.88 -2.56 5.19
N PHE A 89 0.95 -3.80 5.66
CA PHE A 89 -0.25 -4.56 6.02
C PHE A 89 -1.11 -3.77 7.01
N ALA A 90 -2.40 -3.67 6.71
CA ALA A 90 -3.33 -2.94 7.56
C ALA A 90 -4.32 -3.90 8.23
N LYS A 91 -4.82 -3.50 9.39
CA LYS A 91 -5.76 -4.31 10.14
C LYS A 91 -6.29 -3.57 11.35
N SER A 92 -7.59 -3.69 11.62
CA SER A 92 -8.21 -3.02 12.75
C SER A 92 -8.72 -4.04 13.76
N GLY A 93 -9.60 -4.93 13.30
CA GLY A 93 -10.16 -5.95 14.18
C GLY A 93 -10.78 -7.09 13.41
N PRO A 94 -9.95 -8.06 13.00
CA PRO A 94 -10.40 -9.23 12.25
C PRO A 94 -11.22 -10.19 13.10
N SER A 95 -12.54 -10.02 13.05
CA SER A 95 -13.45 -10.86 13.82
C SER A 95 -14.16 -11.86 12.92
N SER A 96 -14.52 -13.01 13.48
CA SER A 96 -15.21 -14.06 12.72
C SER A 96 -16.48 -13.51 12.09
N GLY A 97 -16.45 -13.34 10.77
CA GLY A 97 -17.61 -12.83 10.06
C GLY A 97 -17.38 -11.45 9.49
N GLY A 1 26.32 21.25 10.80
CA GLY A 1 26.32 20.02 10.05
C GLY A 1 25.21 19.08 10.47
N SER A 2 25.50 17.78 10.50
CA SER A 2 24.51 16.78 10.89
C SER A 2 25.13 15.74 11.81
N SER A 3 24.70 15.76 13.07
CA SER A 3 25.21 14.82 14.06
C SER A 3 25.17 13.39 13.52
N GLY A 4 24.03 13.00 12.97
CA GLY A 4 23.89 11.67 12.43
C GLY A 4 23.36 10.68 13.45
N SER A 5 23.98 9.51 13.52
CA SER A 5 23.55 8.47 14.45
C SER A 5 22.03 8.40 14.53
N SER A 6 21.38 8.51 13.38
CA SER A 6 19.92 8.46 13.32
C SER A 6 19.46 7.29 12.46
N GLY A 7 18.38 6.65 12.88
CA GLY A 7 17.85 5.52 12.14
C GLY A 7 16.51 5.05 12.68
N LYS A 8 16.42 4.88 13.98
CA LYS A 8 15.19 4.43 14.62
C LYS A 8 14.76 3.07 14.07
N ILE A 9 15.71 2.16 13.94
CA ILE A 9 15.43 0.83 13.43
C ILE A 9 14.08 0.32 13.94
N GLY A 10 13.38 -0.44 13.10
CA GLY A 10 12.09 -0.99 13.49
C GLY A 10 11.30 -1.47 12.30
N TYR A 11 10.94 -2.76 12.32
CA TYR A 11 10.16 -3.35 11.23
C TYR A 11 8.69 -3.39 11.57
N GLY A 12 8.36 -3.87 12.76
CA GLY A 12 6.97 -3.95 13.19
C GLY A 12 6.38 -5.32 12.95
N LYS A 13 5.81 -5.91 14.00
CA LYS A 13 5.20 -7.24 13.88
C LYS A 13 3.73 -7.12 13.50
N ALA A 14 3.46 -7.16 12.20
CA ALA A 14 2.10 -7.07 11.70
C ALA A 14 1.80 -8.18 10.71
N ASN A 15 0.94 -9.11 11.11
CA ASN A 15 0.57 -10.24 10.25
C ASN A 15 -0.04 -9.74 8.94
N PRO A 16 0.27 -10.45 7.84
CA PRO A 16 -0.24 -10.10 6.52
C PRO A 16 -1.73 -10.36 6.38
N THR A 17 -2.37 -9.62 5.48
CA THR A 17 -3.80 -9.76 5.26
C THR A 17 -4.19 -9.29 3.86
N THR A 18 -5.28 -9.84 3.33
CA THR A 18 -5.76 -9.48 2.00
C THR A 18 -5.87 -7.98 1.84
N ARG A 19 -6.14 -7.29 2.95
CA ARG A 19 -6.27 -5.84 2.94
C ARG A 19 -4.90 -5.16 3.06
N LEU A 20 -4.52 -4.43 2.03
CA LEU A 20 -3.25 -3.73 2.01
C LEU A 20 -3.44 -2.23 2.16
N TRP A 21 -2.53 -1.58 2.87
CA TRP A 21 -2.60 -0.14 3.09
C TRP A 21 -1.55 0.58 2.24
N VAL A 22 -1.99 1.61 1.52
CA VAL A 22 -1.09 2.39 0.68
C VAL A 22 -1.15 3.87 1.03
N GLY A 23 0.04 4.49 1.17
CA GLY A 23 0.09 5.90 1.50
C GLY A 23 1.07 6.66 0.64
N GLY A 24 0.96 7.99 0.63
CA GLY A 24 1.85 8.81 -0.17
C GLY A 24 1.30 9.06 -1.57
N LEU A 25 -0.01 9.26 -1.66
CA LEU A 25 -0.66 9.51 -2.95
C LEU A 25 -1.20 10.93 -3.00
N GLY A 26 -1.70 11.32 -4.19
CA GLY A 26 -2.25 12.66 -4.35
C GLY A 26 -3.18 12.74 -5.54
N PRO A 27 -3.57 13.97 -5.90
CA PRO A 27 -4.48 14.22 -7.03
C PRO A 27 -3.82 13.93 -8.37
N ASN A 28 -2.49 13.99 -8.40
CA ASN A 28 -1.75 13.72 -9.63
C ASN A 28 -1.82 12.25 -10.01
N THR A 29 -1.50 11.38 -9.04
CA THR A 29 -1.53 9.94 -9.27
C THR A 29 -2.87 9.50 -9.83
N SER A 30 -2.86 8.53 -10.74
CA SER A 30 -4.07 8.02 -11.34
C SER A 30 -4.47 6.68 -10.73
N LEU A 31 -5.68 6.61 -10.21
CA LEU A 31 -6.18 5.38 -9.59
C LEU A 31 -5.89 4.17 -10.47
N ALA A 32 -6.33 4.24 -11.72
CA ALA A 32 -6.12 3.15 -12.67
C ALA A 32 -4.66 2.71 -12.67
N ALA A 33 -3.77 3.64 -12.96
CA ALA A 33 -2.34 3.35 -12.99
C ALA A 33 -1.95 2.37 -11.88
N LEU A 34 -2.36 2.69 -10.66
CA LEU A 34 -2.06 1.85 -9.52
C LEU A 34 -2.80 0.52 -9.60
N ALA A 35 -4.13 0.59 -9.64
CA ALA A 35 -4.96 -0.60 -9.73
C ALA A 35 -4.31 -1.66 -10.62
N ARG A 36 -3.82 -1.23 -11.78
CA ARG A 36 -3.17 -2.13 -12.72
C ARG A 36 -1.89 -2.71 -12.13
N GLU A 37 -0.98 -1.82 -11.73
CA GLU A 37 0.29 -2.25 -11.16
C GLU A 37 0.07 -3.21 -9.99
N PHE A 38 -1.09 -3.09 -9.36
CA PHE A 38 -1.43 -3.95 -8.23
C PHE A 38 -2.14 -5.22 -8.70
N ASP A 39 -2.83 -5.11 -9.83
CA ASP A 39 -3.55 -6.25 -10.39
C ASP A 39 -2.59 -7.30 -10.93
N ARG A 40 -1.50 -6.83 -11.54
CA ARG A 40 -0.50 -7.73 -12.11
C ARG A 40 -0.24 -8.91 -11.18
N PHE A 41 -0.32 -8.65 -9.88
CA PHE A 41 -0.09 -9.70 -8.88
C PHE A 41 -1.29 -10.63 -8.79
N GLY A 42 -2.47 -10.05 -8.56
CA GLY A 42 -3.68 -10.84 -8.45
C GLY A 42 -4.93 -10.00 -8.56
N SER A 43 -6.01 -10.62 -9.03
CA SER A 43 -7.29 -9.91 -9.19
C SER A 43 -7.61 -9.10 -7.94
N ILE A 44 -7.95 -7.83 -8.13
CA ILE A 44 -8.29 -6.96 -7.02
C ILE A 44 -9.80 -6.86 -6.83
N ARG A 45 -10.26 -7.07 -5.61
CA ARG A 45 -11.69 -7.01 -5.30
C ARG A 45 -12.22 -5.59 -5.49
N THR A 46 -11.61 -4.64 -4.79
CA THR A 46 -12.03 -3.25 -4.87
C THR A 46 -10.94 -2.31 -4.36
N ILE A 47 -11.02 -1.05 -4.75
CA ILE A 47 -10.04 -0.05 -4.33
C ILE A 47 -10.71 1.26 -3.94
N ASP A 48 -10.24 1.87 -2.86
CA ASP A 48 -10.79 3.13 -2.39
C ASP A 48 -10.19 4.30 -3.15
N HIS A 49 -11.05 5.22 -3.58
CA HIS A 49 -10.61 6.40 -4.32
C HIS A 49 -10.72 7.65 -3.47
N VAL A 50 -9.58 8.24 -3.14
CA VAL A 50 -9.55 9.45 -2.33
C VAL A 50 -8.18 10.12 -2.37
N LYS A 51 -8.15 11.39 -2.77
CA LYS A 51 -6.91 12.14 -2.86
C LYS A 51 -6.60 12.85 -1.54
N GLY A 52 -7.65 13.29 -0.86
CA GLY A 52 -7.48 13.98 0.40
C GLY A 52 -6.79 13.12 1.45
N ASP A 53 -7.47 12.06 1.86
CA ASP A 53 -6.92 11.14 2.86
C ASP A 53 -5.45 10.85 2.58
N SER A 54 -5.09 10.80 1.29
CA SER A 54 -3.72 10.53 0.89
C SER A 54 -3.37 9.07 1.13
N PHE A 55 -4.39 8.21 1.13
CA PHE A 55 -4.18 6.79 1.36
C PHE A 55 -5.41 5.99 0.92
N ALA A 56 -5.19 4.72 0.56
CA ALA A 56 -6.28 3.86 0.12
C ALA A 56 -6.05 2.42 0.58
N TYR A 57 -7.09 1.61 0.48
CA TYR A 57 -7.02 0.21 0.89
C TYR A 57 -7.32 -0.72 -0.28
N ILE A 58 -6.35 -1.56 -0.63
CA ILE A 58 -6.53 -2.50 -1.73
C ILE A 58 -6.77 -3.92 -1.21
N GLN A 59 -7.85 -4.53 -1.68
CA GLN A 59 -8.19 -5.90 -1.26
C GLN A 59 -7.84 -6.90 -2.35
N TYR A 60 -7.51 -8.12 -1.93
CA TYR A 60 -7.14 -9.18 -2.88
C TYR A 60 -7.99 -10.42 -2.64
N GLU A 61 -8.21 -11.19 -3.71
CA GLU A 61 -9.00 -12.41 -3.62
C GLU A 61 -8.35 -13.41 -2.67
N SER A 62 -7.03 -13.35 -2.57
CA SER A 62 -6.28 -14.26 -1.70
C SER A 62 -5.22 -13.50 -0.90
N LEU A 63 -4.88 -14.02 0.27
CA LEU A 63 -3.89 -13.39 1.12
C LEU A 63 -2.50 -13.46 0.49
N ASP A 64 -2.20 -14.59 -0.15
CA ASP A 64 -0.92 -14.78 -0.80
C ASP A 64 -0.60 -13.63 -1.74
N ALA A 65 -1.40 -13.49 -2.79
CA ALA A 65 -1.21 -12.42 -3.76
C ALA A 65 -0.97 -11.09 -3.08
N ALA A 66 -1.78 -10.80 -2.06
CA ALA A 66 -1.67 -9.55 -1.32
C ALA A 66 -0.24 -9.36 -0.80
N GLN A 67 0.34 -10.42 -0.26
CA GLN A 67 1.70 -10.36 0.27
C GLN A 67 2.69 -10.03 -0.84
N ALA A 68 2.68 -10.82 -1.90
CA ALA A 68 3.58 -10.61 -3.03
C ALA A 68 3.61 -9.15 -3.44
N ALA A 69 2.43 -8.58 -3.68
CA ALA A 69 2.31 -7.18 -4.09
C ALA A 69 2.75 -6.25 -2.96
N CYS A 70 2.42 -6.61 -1.73
CA CYS A 70 2.77 -5.80 -0.57
C CYS A 70 4.28 -5.57 -0.52
N ALA A 71 5.05 -6.66 -0.60
CA ALA A 71 6.50 -6.57 -0.56
C ALA A 71 7.05 -5.92 -1.83
N LYS A 72 6.74 -6.52 -2.97
CA LYS A 72 7.20 -6.00 -4.25
C LYS A 72 6.96 -4.50 -4.35
N MET A 73 5.70 -4.10 -4.25
CA MET A 73 5.33 -2.69 -4.33
C MET A 73 6.13 -1.87 -3.31
N ARG A 74 6.27 -2.41 -2.10
CA ARG A 74 7.00 -1.73 -1.04
C ARG A 74 8.18 -0.94 -1.61
N GLY A 75 8.11 0.38 -1.52
CA GLY A 75 9.17 1.23 -2.03
C GLY A 75 9.27 1.17 -3.54
N PHE A 76 8.12 1.26 -4.21
CA PHE A 76 8.09 1.23 -5.67
C PHE A 76 8.79 2.44 -6.26
N PRO A 77 9.53 2.22 -7.35
CA PRO A 77 10.27 3.28 -8.04
C PRO A 77 9.34 4.28 -8.74
N LEU A 78 8.04 4.11 -8.54
CA LEU A 78 7.05 4.99 -9.14
C LEU A 78 7.59 6.41 -9.26
N GLY A 79 7.13 7.13 -10.29
CA GLY A 79 7.58 8.50 -10.50
C GLY A 79 9.08 8.61 -10.56
N GLY A 80 9.68 9.17 -9.53
CA GLY A 80 11.12 9.33 -9.50
C GLY A 80 11.79 8.46 -8.45
N PRO A 81 13.12 8.53 -8.37
CA PRO A 81 13.90 7.73 -7.42
C PRO A 81 13.69 8.20 -5.98
N ASP A 82 13.04 9.34 -5.82
CA ASP A 82 12.78 9.90 -4.49
C ASP A 82 11.35 9.57 -4.04
N ARG A 83 10.39 9.75 -4.96
CA ARG A 83 8.99 9.48 -4.65
C ARG A 83 8.70 7.99 -4.70
N ARG A 84 8.96 7.30 -3.59
CA ARG A 84 8.72 5.87 -3.50
C ARG A 84 7.40 5.57 -2.81
N LEU A 85 6.74 4.50 -3.24
CA LEU A 85 5.46 4.11 -2.66
C LEU A 85 5.66 3.46 -1.29
N ARG A 86 4.65 3.57 -0.43
CA ARG A 86 4.71 2.99 0.90
C ARG A 86 3.57 2.00 1.11
N VAL A 87 3.91 0.71 1.07
CA VAL A 87 2.92 -0.35 1.26
C VAL A 87 3.22 -1.17 2.50
N ASP A 88 2.29 -1.18 3.44
CA ASP A 88 2.46 -1.93 4.69
C ASP A 88 1.17 -2.67 5.05
N PHE A 89 1.30 -3.94 5.40
CA PHE A 89 0.14 -4.75 5.77
C PHE A 89 -0.78 -3.99 6.72
N ALA A 90 -2.07 -4.09 6.49
CA ALA A 90 -3.07 -3.42 7.31
C ALA A 90 -3.28 -4.16 8.63
N LYS A 91 -3.58 -5.46 8.53
CA LYS A 91 -3.81 -6.28 9.71
C LYS A 91 -4.96 -5.72 10.55
N SER A 92 -6.03 -5.31 9.87
CA SER A 92 -7.19 -4.76 10.56
C SER A 92 -8.40 -5.68 10.41
N GLY A 93 -8.16 -6.99 10.54
CA GLY A 93 -9.24 -7.95 10.43
C GLY A 93 -9.76 -8.06 9.01
N PRO A 94 -10.65 -9.03 8.78
CA PRO A 94 -11.25 -9.27 7.46
C PRO A 94 -12.20 -8.16 7.05
N SER A 95 -12.39 -7.19 7.94
CA SER A 95 -13.28 -6.07 7.67
C SER A 95 -14.65 -6.55 7.21
N SER A 96 -15.15 -7.59 7.88
CA SER A 96 -16.45 -8.17 7.54
C SER A 96 -17.57 -7.44 8.27
N GLY A 97 -17.39 -7.25 9.58
CA GLY A 97 -18.39 -6.57 10.37
C GLY A 97 -17.83 -6.01 11.67
N GLY A 1 -3.01 26.73 9.68
CA GLY A 1 -3.12 25.38 10.17
C GLY A 1 -1.79 24.83 10.63
N SER A 2 -1.11 24.10 9.76
CA SER A 2 0.18 23.51 10.07
C SER A 2 0.06 22.56 11.27
N SER A 3 -1.00 21.77 11.28
CA SER A 3 -1.23 20.82 12.36
C SER A 3 -1.51 19.42 11.82
N GLY A 4 -1.30 18.41 12.66
CA GLY A 4 -1.52 17.04 12.25
C GLY A 4 -1.44 16.07 13.41
N SER A 5 -1.18 14.80 13.10
CA SER A 5 -1.07 13.77 14.12
C SER A 5 0.25 13.89 14.88
N SER A 6 0.20 14.59 16.01
CA SER A 6 1.38 14.79 16.83
C SER A 6 1.94 13.45 17.32
N GLY A 7 1.08 12.65 17.94
CA GLY A 7 1.51 11.35 18.44
C GLY A 7 1.08 10.22 17.53
N LYS A 8 0.37 9.25 18.09
CA LYS A 8 -0.09 8.10 17.33
C LYS A 8 1.08 7.32 16.75
N ILE A 9 2.12 7.15 17.56
CA ILE A 9 3.31 6.41 17.13
C ILE A 9 3.69 5.34 18.15
N GLY A 10 3.72 4.09 17.71
CA GLY A 10 4.08 3.00 18.59
C GLY A 10 3.68 1.65 18.04
N TYR A 11 4.20 1.32 16.85
CA TYR A 11 3.89 0.05 16.21
C TYR A 11 5.13 -0.53 15.54
N GLY A 12 5.12 -1.84 15.33
CA GLY A 12 6.24 -2.50 14.69
C GLY A 12 5.81 -3.58 13.71
N LYS A 13 5.89 -4.83 14.14
CA LYS A 13 5.51 -5.95 13.29
C LYS A 13 4.00 -5.99 13.09
N ALA A 14 3.56 -6.66 12.02
CA ALA A 14 2.14 -6.78 11.72
C ALA A 14 1.86 -8.01 10.87
N ASN A 15 0.79 -8.72 11.20
CA ASN A 15 0.41 -9.92 10.45
C ASN A 15 -0.11 -9.56 9.06
N PRO A 16 0.21 -10.41 8.08
CA PRO A 16 -0.22 -10.20 6.69
C PRO A 16 -1.72 -10.39 6.52
N THR A 17 -2.31 -9.60 5.61
CA THR A 17 -3.73 -9.69 5.34
C THR A 17 -4.06 -9.30 3.90
N THR A 18 -5.13 -9.86 3.36
CA THR A 18 -5.54 -9.57 1.99
C THR A 18 -5.56 -8.07 1.73
N ARG A 19 -5.87 -7.30 2.77
CA ARG A 19 -5.94 -5.84 2.66
C ARG A 19 -4.55 -5.23 2.79
N LEU A 20 -4.27 -4.21 1.98
CA LEU A 20 -2.98 -3.54 1.99
C LEU A 20 -3.15 -2.03 2.01
N TRP A 21 -2.38 -1.35 2.85
CA TRP A 21 -2.44 0.10 2.95
C TRP A 21 -1.44 0.77 2.01
N VAL A 22 -1.96 1.59 1.11
CA VAL A 22 -1.11 2.28 0.14
C VAL A 22 -1.26 3.80 0.28
N GLY A 23 -0.16 4.46 0.62
CA GLY A 23 -0.19 5.91 0.77
C GLY A 23 0.83 6.60 -0.11
N GLY A 24 1.03 7.90 0.12
CA GLY A 24 1.97 8.66 -0.67
C GLY A 24 1.47 8.92 -2.08
N LEU A 25 0.19 9.21 -2.20
CA LEU A 25 -0.42 9.48 -3.50
C LEU A 25 -0.42 10.98 -3.80
N GLY A 26 -0.67 11.32 -5.07
CA GLY A 26 -0.71 12.72 -5.45
C GLY A 26 -1.79 13.01 -6.47
N PRO A 27 -1.81 14.25 -6.99
CA PRO A 27 -2.78 14.68 -7.99
C PRO A 27 -2.56 14.01 -9.35
N ASN A 28 -1.31 13.91 -9.75
CA ASN A 28 -0.96 13.28 -11.03
C ASN A 28 -1.36 11.81 -11.04
N THR A 29 -1.08 11.11 -9.95
CA THR A 29 -1.40 9.71 -9.83
C THR A 29 -2.82 9.43 -10.31
N SER A 30 -3.02 8.26 -10.93
CA SER A 30 -4.33 7.88 -11.44
C SER A 30 -4.75 6.51 -10.90
N LEU A 31 -6.05 6.34 -10.72
CA LEU A 31 -6.58 5.08 -10.20
C LEU A 31 -6.06 3.89 -11.01
N ALA A 32 -6.41 3.86 -12.29
CA ALA A 32 -5.97 2.78 -13.17
C ALA A 32 -4.47 2.52 -13.02
N ALA A 33 -3.68 3.58 -13.14
CA ALA A 33 -2.23 3.48 -13.02
C ALA A 33 -1.85 2.52 -11.89
N LEU A 34 -2.27 2.85 -10.67
CA LEU A 34 -1.98 2.02 -9.52
C LEU A 34 -2.59 0.63 -9.65
N ALA A 35 -3.90 0.60 -9.87
CA ALA A 35 -4.61 -0.67 -10.03
C ALA A 35 -3.89 -1.58 -11.02
N ARG A 36 -3.91 -1.20 -12.29
CA ARG A 36 -3.26 -1.98 -13.33
C ARG A 36 -2.00 -2.65 -12.80
N GLU A 37 -1.24 -1.91 -12.00
CA GLU A 37 0.00 -2.44 -11.43
C GLU A 37 -0.29 -3.52 -10.40
N PHE A 38 -1.04 -3.16 -9.37
CA PHE A 38 -1.39 -4.09 -8.32
C PHE A 38 -2.06 -5.34 -8.89
N ASP A 39 -3.11 -5.15 -9.66
CA ASP A 39 -3.83 -6.25 -10.28
C ASP A 39 -2.86 -7.33 -10.76
N ARG A 40 -1.75 -6.90 -11.34
CA ARG A 40 -0.74 -7.82 -11.84
C ARG A 40 -0.65 -9.06 -10.95
N PHE A 41 -0.20 -8.87 -9.72
CA PHE A 41 -0.06 -9.97 -8.77
C PHE A 41 -1.34 -10.81 -8.72
N GLY A 42 -2.47 -10.14 -8.51
CA GLY A 42 -3.74 -10.84 -8.45
C GLY A 42 -4.92 -9.92 -8.69
N SER A 43 -6.09 -10.50 -8.94
CA SER A 43 -7.29 -9.73 -9.20
C SER A 43 -7.68 -8.92 -7.97
N ILE A 44 -7.85 -7.62 -8.15
CA ILE A 44 -8.22 -6.73 -7.06
C ILE A 44 -9.74 -6.68 -6.88
N ARG A 45 -10.21 -7.04 -5.69
CA ARG A 45 -11.63 -7.03 -5.40
C ARG A 45 -12.20 -5.62 -5.48
N THR A 46 -11.67 -4.72 -4.65
CA THR A 46 -12.13 -3.33 -4.62
C THR A 46 -11.06 -2.42 -4.03
N ILE A 47 -11.13 -1.15 -4.37
CA ILE A 47 -10.17 -0.17 -3.87
C ILE A 47 -10.86 1.13 -3.47
N ASP A 48 -10.52 1.64 -2.29
CA ASP A 48 -11.11 2.88 -1.79
C ASP A 48 -10.12 4.04 -1.88
N HIS A 49 -10.53 5.13 -2.52
CA HIS A 49 -9.67 6.30 -2.67
C HIS A 49 -10.21 7.47 -1.86
N VAL A 50 -9.31 8.31 -1.37
CA VAL A 50 -9.69 9.47 -0.58
C VAL A 50 -8.87 10.69 -0.97
N LYS A 51 -9.46 11.87 -0.81
CA LYS A 51 -8.78 13.12 -1.14
C LYS A 51 -8.02 13.67 0.07
N GLY A 52 -8.76 14.00 1.12
CA GLY A 52 -8.14 14.53 2.33
C GLY A 52 -7.04 13.63 2.84
N ASP A 53 -7.39 12.41 3.20
CA ASP A 53 -6.42 11.45 3.73
C ASP A 53 -5.42 11.05 2.63
N SER A 54 -5.90 10.99 1.40
CA SER A 54 -5.06 10.61 0.27
C SER A 54 -4.48 9.21 0.47
N PHE A 55 -5.32 8.27 0.85
CA PHE A 55 -4.91 6.90 1.08
C PHE A 55 -5.54 5.95 0.07
N ALA A 56 -5.07 4.71 0.05
CA ALA A 56 -5.59 3.71 -0.87
C ALA A 56 -5.57 2.32 -0.25
N TYR A 57 -6.68 1.61 -0.35
CA TYR A 57 -6.79 0.26 0.21
C TYR A 57 -6.91 -0.78 -0.89
N ILE A 58 -5.98 -1.72 -0.92
CA ILE A 58 -5.98 -2.77 -1.92
C ILE A 58 -6.48 -4.09 -1.34
N GLN A 59 -7.40 -4.73 -2.05
CA GLN A 59 -7.97 -5.99 -1.60
C GLN A 59 -7.74 -7.09 -2.64
N TYR A 60 -6.98 -8.11 -2.26
CA TYR A 60 -6.68 -9.22 -3.16
C TYR A 60 -7.60 -10.41 -2.89
N GLU A 61 -8.03 -11.07 -3.95
CA GLU A 61 -8.92 -12.22 -3.83
C GLU A 61 -8.33 -13.26 -2.89
N SER A 62 -7.00 -13.38 -2.91
CA SER A 62 -6.31 -14.34 -2.06
C SER A 62 -5.34 -13.63 -1.11
N LEU A 63 -4.92 -14.35 -0.07
CA LEU A 63 -3.98 -13.79 0.91
C LEU A 63 -2.58 -13.70 0.33
N ASP A 64 -2.13 -14.78 -0.30
CA ASP A 64 -0.81 -14.83 -0.89
C ASP A 64 -0.60 -13.66 -1.85
N ALA A 65 -1.52 -13.50 -2.80
CA ALA A 65 -1.45 -12.42 -3.77
C ALA A 65 -1.17 -11.09 -3.09
N ALA A 66 -1.73 -10.90 -1.90
CA ALA A 66 -1.54 -9.67 -1.15
C ALA A 66 -0.13 -9.58 -0.57
N GLN A 67 0.37 -10.71 -0.07
CA GLN A 67 1.70 -10.77 0.51
C GLN A 67 2.77 -10.55 -0.56
N ALA A 68 2.52 -11.06 -1.76
CA ALA A 68 3.46 -10.92 -2.86
C ALA A 68 3.64 -9.46 -3.24
N ALA A 69 2.53 -8.76 -3.45
CA ALA A 69 2.57 -7.35 -3.81
C ALA A 69 3.03 -6.50 -2.63
N CYS A 70 2.38 -6.68 -1.48
CA CYS A 70 2.72 -5.92 -0.29
C CYS A 70 4.23 -5.71 -0.19
N ALA A 71 5.00 -6.76 -0.45
CA ALA A 71 6.45 -6.68 -0.39
C ALA A 71 7.00 -5.92 -1.60
N LYS A 72 6.86 -6.52 -2.78
CA LYS A 72 7.36 -5.90 -4.01
C LYS A 72 7.01 -4.42 -4.05
N MET A 73 5.71 -4.11 -3.98
CA MET A 73 5.25 -2.74 -4.01
C MET A 73 6.05 -1.88 -3.02
N ARG A 74 6.20 -2.36 -1.80
CA ARG A 74 6.95 -1.64 -0.78
C ARG A 74 8.17 -0.95 -1.39
N GLY A 75 8.10 0.37 -1.49
CA GLY A 75 9.19 1.13 -2.05
C GLY A 75 9.19 1.13 -3.57
N PHE A 76 8.02 1.39 -4.15
CA PHE A 76 7.88 1.42 -5.61
C PHE A 76 8.57 2.65 -6.20
N PRO A 77 9.23 2.46 -7.34
CA PRO A 77 9.95 3.54 -8.04
C PRO A 77 9.00 4.57 -8.63
N LEU A 78 7.71 4.43 -8.34
CA LEU A 78 6.71 5.34 -8.86
C LEU A 78 7.26 6.77 -8.94
N GLY A 79 6.85 7.50 -9.97
CA GLY A 79 7.31 8.87 -10.14
C GLY A 79 8.80 8.94 -10.42
N GLY A 80 9.59 9.08 -9.36
CA GLY A 80 11.03 9.16 -9.51
C GLY A 80 11.77 8.39 -8.44
N PRO A 81 13.11 8.54 -8.41
CA PRO A 81 13.96 7.86 -7.44
C PRO A 81 13.78 8.38 -6.02
N ASP A 82 12.98 9.44 -5.89
CA ASP A 82 12.71 10.04 -4.60
C ASP A 82 11.35 9.60 -4.06
N ARG A 83 10.34 9.66 -4.91
CA ARG A 83 8.98 9.27 -4.52
C ARG A 83 8.86 7.75 -4.42
N ARG A 84 8.62 7.26 -3.21
CA ARG A 84 8.50 5.83 -2.98
C ARG A 84 7.12 5.49 -2.41
N LEU A 85 6.51 4.44 -2.94
CA LEU A 85 5.19 4.02 -2.48
C LEU A 85 5.28 3.35 -1.12
N ARG A 86 4.39 3.76 -0.21
CA ARG A 86 4.37 3.19 1.14
C ARG A 86 3.33 2.08 1.24
N VAL A 87 3.80 0.84 1.37
CA VAL A 87 2.92 -0.30 1.49
C VAL A 87 3.11 -1.02 2.82
N ASP A 88 2.04 -1.13 3.59
CA ASP A 88 2.09 -1.79 4.88
C ASP A 88 0.80 -2.57 5.16
N PHE A 89 0.94 -3.86 5.44
CA PHE A 89 -0.21 -4.71 5.72
C PHE A 89 -1.24 -3.97 6.56
N ALA A 90 -2.47 -3.88 6.04
CA ALA A 90 -3.55 -3.20 6.74
C ALA A 90 -3.87 -3.90 8.06
N LYS A 91 -4.79 -3.31 8.82
CA LYS A 91 -5.18 -3.88 10.10
C LYS A 91 -6.61 -4.44 10.04
N SER A 92 -6.72 -5.75 9.86
CA SER A 92 -8.02 -6.39 9.78
C SER A 92 -8.65 -6.53 11.17
N GLY A 93 -7.83 -6.88 12.15
CA GLY A 93 -8.31 -7.04 13.51
C GLY A 93 -9.52 -7.94 13.58
N PRO A 94 -9.29 -9.26 13.57
CA PRO A 94 -10.37 -10.25 13.64
C PRO A 94 -11.05 -10.29 15.00
N SER A 95 -10.54 -9.48 15.93
CA SER A 95 -11.10 -9.40 17.28
C SER A 95 -10.91 -10.73 18.00
N SER A 96 -9.70 -11.29 17.90
CA SER A 96 -9.38 -12.55 18.55
C SER A 96 -8.08 -12.45 19.33
N GLY A 97 -7.69 -13.56 19.97
CA GLY A 97 -6.46 -13.57 20.74
C GLY A 97 -5.71 -14.88 20.62
N GLY A 1 36.89 6.81 24.07
CA GLY A 1 35.69 7.48 23.59
C GLY A 1 34.95 8.20 24.70
N SER A 2 35.23 9.49 24.85
CA SER A 2 34.59 10.30 25.87
C SER A 2 33.37 11.04 25.31
N SER A 3 32.59 10.33 24.50
CA SER A 3 31.40 10.91 23.90
C SER A 3 30.29 9.87 23.74
N GLY A 4 29.15 10.31 23.21
CA GLY A 4 28.04 9.39 23.02
C GLY A 4 26.87 10.04 22.30
N SER A 5 25.85 9.25 22.01
CA SER A 5 24.67 9.76 21.31
C SER A 5 23.45 8.87 21.57
N SER A 6 22.29 9.33 21.15
CA SER A 6 21.05 8.59 21.35
C SER A 6 20.26 8.49 20.05
N GLY A 7 19.42 7.46 19.95
CA GLY A 7 18.62 7.27 18.75
C GLY A 7 18.12 5.85 18.61
N LYS A 8 16.80 5.69 18.59
CA LYS A 8 16.19 4.37 18.47
C LYS A 8 14.83 4.46 17.77
N ILE A 9 14.67 3.70 16.70
CA ILE A 9 13.42 3.71 15.95
C ILE A 9 12.54 2.52 16.35
N GLY A 10 13.18 1.46 16.82
CA GLY A 10 12.44 0.28 17.23
C GLY A 10 11.78 -0.44 16.06
N TYR A 11 11.31 -1.65 16.31
CA TYR A 11 10.65 -2.43 15.27
C TYR A 11 9.48 -3.24 15.85
N GLY A 12 8.40 -3.32 15.09
CA GLY A 12 7.23 -4.06 15.53
C GLY A 12 6.91 -5.23 14.64
N LYS A 13 5.63 -5.48 14.42
CA LYS A 13 5.19 -6.59 13.59
C LYS A 13 3.70 -6.46 13.24
N ALA A 14 3.37 -6.73 11.99
CA ALA A 14 1.99 -6.65 11.52
C ALA A 14 1.51 -7.99 10.99
N ASN A 15 0.21 -8.24 11.10
CA ASN A 15 -0.38 -9.48 10.62
C ASN A 15 -0.78 -9.37 9.16
N PRO A 16 -0.60 -10.46 8.40
CA PRO A 16 -0.94 -10.52 6.98
C PRO A 16 -2.45 -10.48 6.75
N THR A 17 -2.85 -10.00 5.57
CA THR A 17 -4.26 -9.92 5.22
C THR A 17 -4.44 -9.54 3.75
N THR A 18 -5.67 -9.68 3.26
CA THR A 18 -5.97 -9.37 1.87
C THR A 18 -6.28 -7.88 1.71
N ARG A 19 -5.65 -7.05 2.53
CA ARG A 19 -5.85 -5.61 2.48
C ARG A 19 -4.53 -4.86 2.66
N LEU A 20 -4.08 -4.21 1.59
CA LEU A 20 -2.83 -3.46 1.64
C LEU A 20 -3.10 -1.95 1.65
N TRP A 21 -2.39 -1.24 2.52
CA TRP A 21 -2.54 0.21 2.64
C TRP A 21 -1.46 0.93 1.86
N VAL A 22 -1.86 1.69 0.85
CA VAL A 22 -0.92 2.44 0.03
C VAL A 22 -1.08 3.94 0.24
N GLY A 23 -0.04 4.58 0.76
CA GLY A 23 -0.08 6.01 1.00
C GLY A 23 0.86 6.78 0.10
N GLY A 24 0.72 8.10 0.09
CA GLY A 24 1.58 8.93 -0.74
C GLY A 24 1.01 9.14 -2.13
N LEU A 25 -0.30 9.31 -2.21
CA LEU A 25 -0.97 9.52 -3.50
C LEU A 25 -1.32 10.99 -3.69
N GLY A 26 -1.12 11.49 -4.90
CA GLY A 26 -1.42 12.88 -5.20
C GLY A 26 -2.51 13.02 -6.25
N PRO A 27 -2.72 14.25 -6.72
CA PRO A 27 -3.75 14.55 -7.72
C PRO A 27 -3.40 13.99 -9.09
N ASN A 28 -2.14 13.54 -9.24
CA ASN A 28 -1.68 12.98 -10.50
C ASN A 28 -2.07 11.52 -10.62
N THR A 29 -1.78 10.74 -9.58
CA THR A 29 -2.09 9.31 -9.56
C THR A 29 -3.60 9.10 -9.50
N SER A 30 -4.04 7.97 -10.06
CA SER A 30 -5.46 7.64 -10.07
C SER A 30 -5.69 6.21 -9.59
N LEU A 31 -6.95 5.86 -9.35
CA LEU A 31 -7.30 4.53 -8.89
C LEU A 31 -6.81 3.46 -9.86
N ALA A 32 -7.11 3.65 -11.15
CA ALA A 32 -6.68 2.71 -12.18
C ALA A 32 -5.17 2.62 -12.24
N ALA A 33 -4.52 3.77 -12.43
CA ALA A 33 -3.06 3.81 -12.51
C ALA A 33 -2.42 2.83 -11.55
N LEU A 34 -2.96 2.76 -10.33
CA LEU A 34 -2.44 1.86 -9.31
C LEU A 34 -3.00 0.45 -9.50
N ALA A 35 -4.31 0.35 -9.65
CA ALA A 35 -4.97 -0.93 -9.84
C ALA A 35 -4.23 -1.77 -10.88
N ARG A 36 -3.89 -1.14 -12.01
CA ARG A 36 -3.19 -1.83 -13.08
C ARG A 36 -1.88 -2.44 -12.58
N GLU A 37 -1.03 -1.59 -12.01
CA GLU A 37 0.26 -2.04 -11.48
C GLU A 37 0.06 -3.19 -10.49
N PHE A 38 -0.64 -2.92 -9.41
CA PHE A 38 -0.90 -3.94 -8.39
C PHE A 38 -1.45 -5.22 -9.02
N ASP A 39 -2.46 -5.07 -9.86
CA ASP A 39 -3.07 -6.21 -10.53
C ASP A 39 -2.02 -7.24 -10.93
N ARG A 40 -0.88 -6.76 -11.41
CA ARG A 40 0.21 -7.63 -11.83
C ARG A 40 0.29 -8.86 -10.93
N PHE A 41 0.40 -8.63 -9.63
CA PHE A 41 0.49 -9.73 -8.67
C PHE A 41 -0.76 -10.60 -8.72
N GLY A 42 -1.89 -10.01 -8.32
CA GLY A 42 -3.15 -10.73 -8.32
C GLY A 42 -4.31 -9.88 -8.78
N SER A 43 -5.53 -10.40 -8.62
CA SER A 43 -6.73 -9.69 -9.03
C SER A 43 -7.24 -8.79 -7.90
N ILE A 44 -7.57 -7.55 -8.23
CA ILE A 44 -8.08 -6.61 -7.25
C ILE A 44 -9.60 -6.54 -7.27
N ARG A 45 -10.21 -6.60 -6.10
CA ARG A 45 -11.67 -6.54 -5.98
C ARG A 45 -12.16 -5.10 -6.06
N THR A 46 -11.44 -4.19 -5.40
CA THR A 46 -11.81 -2.78 -5.39
C THR A 46 -10.73 -1.93 -4.71
N ILE A 47 -10.72 -0.65 -5.01
CA ILE A 47 -9.76 0.27 -4.43
C ILE A 47 -10.40 1.59 -4.04
N ASP A 48 -10.07 2.09 -2.86
CA ASP A 48 -10.62 3.35 -2.37
C ASP A 48 -9.66 4.50 -2.62
N HIS A 49 -10.17 5.59 -3.19
CA HIS A 49 -9.36 6.76 -3.49
C HIS A 49 -9.74 7.93 -2.61
N VAL A 50 -8.78 8.46 -1.87
CA VAL A 50 -9.01 9.59 -0.98
C VAL A 50 -8.02 10.71 -1.24
N LYS A 51 -8.54 11.92 -1.43
CA LYS A 51 -7.70 13.09 -1.69
C LYS A 51 -7.33 13.79 -0.38
N GLY A 52 -8.20 13.68 0.61
CA GLY A 52 -7.93 14.30 1.89
C GLY A 52 -6.81 13.63 2.65
N ASP A 53 -7.01 12.36 2.99
CA ASP A 53 -5.99 11.60 3.73
C ASP A 53 -4.90 11.11 2.79
N SER A 54 -5.25 10.94 1.51
CA SER A 54 -4.30 10.47 0.51
C SER A 54 -3.92 9.01 0.76
N PHE A 55 -4.90 8.21 1.15
CA PHE A 55 -4.68 6.80 1.42
C PHE A 55 -5.45 5.93 0.43
N ALA A 56 -4.98 4.69 0.26
CA ALA A 56 -5.63 3.76 -0.66
C ALA A 56 -5.60 2.34 -0.11
N TYR A 57 -6.69 1.61 -0.31
CA TYR A 57 -6.80 0.23 0.17
C TYR A 57 -7.08 -0.73 -0.98
N ILE A 58 -6.17 -1.67 -1.19
CA ILE A 58 -6.32 -2.65 -2.26
C ILE A 58 -6.75 -3.99 -1.70
N GLN A 59 -7.79 -4.57 -2.31
CA GLN A 59 -8.32 -5.86 -1.87
C GLN A 59 -7.95 -6.96 -2.87
N TYR A 60 -7.34 -8.02 -2.37
CA TYR A 60 -6.94 -9.14 -3.21
C TYR A 60 -7.82 -10.36 -2.95
N GLU A 61 -8.17 -11.06 -4.03
CA GLU A 61 -9.00 -12.25 -3.93
C GLU A 61 -8.34 -13.31 -3.06
N SER A 62 -7.02 -13.31 -3.03
CA SER A 62 -6.25 -14.27 -2.25
C SER A 62 -5.31 -13.55 -1.29
N LEU A 63 -4.97 -14.24 -0.19
CA LEU A 63 -4.07 -13.66 0.81
C LEU A 63 -2.63 -13.74 0.35
N ASP A 64 -2.24 -14.89 -0.19
CA ASP A 64 -0.87 -15.09 -0.68
C ASP A 64 -0.47 -13.96 -1.64
N ALA A 65 -1.27 -13.77 -2.67
CA ALA A 65 -1.00 -12.72 -3.66
C ALA A 65 -0.77 -11.38 -2.99
N ALA A 66 -1.66 -11.02 -2.06
CA ALA A 66 -1.54 -9.75 -1.34
C ALA A 66 -0.18 -9.63 -0.66
N GLN A 67 0.22 -10.67 0.05
CA GLN A 67 1.50 -10.67 0.74
C GLN A 67 2.65 -10.38 -0.23
N ALA A 68 2.62 -11.04 -1.38
CA ALA A 68 3.66 -10.85 -2.39
C ALA A 68 3.82 -9.38 -2.73
N ALA A 69 2.73 -8.74 -3.12
CA ALA A 69 2.75 -7.33 -3.48
C ALA A 69 3.15 -6.46 -2.28
N CYS A 70 2.49 -6.69 -1.14
CA CYS A 70 2.77 -5.93 0.07
C CYS A 70 4.27 -5.67 0.21
N ALA A 71 5.06 -6.69 -0.08
CA ALA A 71 6.52 -6.57 0.01
C ALA A 71 7.11 -6.00 -1.27
N LYS A 72 6.89 -6.70 -2.38
CA LYS A 72 7.41 -6.27 -3.68
C LYS A 72 7.11 -4.79 -3.90
N MET A 73 5.82 -4.43 -3.87
CA MET A 73 5.42 -3.05 -4.08
C MET A 73 6.13 -2.12 -3.10
N ARG A 74 6.39 -2.61 -1.89
CA ARG A 74 7.07 -1.82 -0.87
C ARG A 74 8.24 -1.06 -1.47
N GLY A 75 8.05 0.25 -1.66
CA GLY A 75 9.10 1.08 -2.23
C GLY A 75 9.10 1.05 -3.74
N PHE A 76 7.94 1.30 -4.35
CA PHE A 76 7.82 1.31 -5.79
C PHE A 76 8.52 2.52 -6.41
N PRO A 77 9.18 2.29 -7.55
CA PRO A 77 9.92 3.35 -8.25
C PRO A 77 8.98 4.39 -8.87
N LEU A 78 7.70 4.26 -8.59
CA LEU A 78 6.70 5.18 -9.12
C LEU A 78 7.28 6.60 -9.25
N GLY A 79 6.94 7.26 -10.35
CA GLY A 79 7.43 8.61 -10.57
C GLY A 79 8.93 8.65 -10.76
N GLY A 80 9.67 8.79 -9.66
CA GLY A 80 11.11 8.84 -9.73
C GLY A 80 11.77 8.05 -8.63
N PRO A 81 13.12 8.15 -8.53
CA PRO A 81 13.89 7.46 -7.51
C PRO A 81 13.66 8.01 -6.11
N ASP A 82 13.04 9.18 -6.05
CA ASP A 82 12.75 9.82 -4.77
C ASP A 82 11.38 9.40 -4.25
N ARG A 83 10.37 9.48 -5.11
CA ARG A 83 9.02 9.10 -4.73
C ARG A 83 8.86 7.59 -4.65
N ARG A 84 8.64 7.08 -3.45
CA ARG A 84 8.48 5.65 -3.24
C ARG A 84 7.15 5.35 -2.54
N LEU A 85 6.40 4.40 -3.10
CA LEU A 85 5.11 4.02 -2.55
C LEU A 85 5.29 3.33 -1.19
N ARG A 86 4.35 3.59 -0.28
CA ARG A 86 4.41 2.99 1.05
C ARG A 86 3.31 1.95 1.23
N VAL A 87 3.71 0.68 1.22
CA VAL A 87 2.76 -0.42 1.37
C VAL A 87 2.99 -1.16 2.69
N ASP A 88 1.96 -1.22 3.52
CA ASP A 88 2.05 -1.90 4.80
C ASP A 88 0.73 -2.59 5.15
N PHE A 89 0.81 -3.79 5.72
CA PHE A 89 -0.37 -4.54 6.10
C PHE A 89 -1.26 -3.72 7.04
N ALA A 90 -2.55 -3.66 6.73
CA ALA A 90 -3.50 -2.92 7.55
C ALA A 90 -4.39 -3.86 8.34
N LYS A 91 -4.71 -3.48 9.58
CA LYS A 91 -5.55 -4.29 10.44
C LYS A 91 -6.92 -3.64 10.62
N SER A 92 -7.85 -3.95 9.72
CA SER A 92 -9.19 -3.39 9.79
C SER A 92 -10.23 -4.40 9.28
N GLY A 93 -11.42 -4.35 9.87
CA GLY A 93 -12.47 -5.26 9.45
C GLY A 93 -13.82 -4.58 9.33
N PRO A 94 -14.66 -5.06 8.41
CA PRO A 94 -15.99 -4.51 8.18
C PRO A 94 -16.95 -4.78 9.34
N SER A 95 -17.07 -3.82 10.25
CA SER A 95 -17.94 -3.95 11.40
C SER A 95 -19.38 -4.25 10.96
N SER A 96 -20.00 -5.22 11.61
CA SER A 96 -21.38 -5.59 11.29
C SER A 96 -22.34 -4.44 11.57
N GLY A 97 -21.82 -3.38 12.20
CA GLY A 97 -22.64 -2.23 12.52
C GLY A 97 -22.00 -0.93 12.11
N GLY A 1 3.62 26.57 1.14
CA GLY A 1 4.42 25.39 1.41
C GLY A 1 4.28 24.91 2.84
N SER A 2 3.15 24.28 3.14
CA SER A 2 2.90 23.77 4.48
C SER A 2 2.97 22.24 4.51
N SER A 3 3.53 21.70 5.58
CA SER A 3 3.67 20.26 5.73
C SER A 3 3.72 19.87 7.21
N GLY A 4 2.66 19.20 7.68
CA GLY A 4 2.60 18.77 9.06
C GLY A 4 3.72 17.81 9.42
N SER A 5 3.35 16.65 9.96
CA SER A 5 4.34 15.65 10.35
C SER A 5 3.72 14.25 10.30
N SER A 6 4.49 13.29 9.80
CA SER A 6 4.03 11.92 9.69
C SER A 6 4.30 11.16 10.99
N GLY A 7 5.56 11.05 11.36
CA GLY A 7 5.94 10.34 12.57
C GLY A 7 7.32 9.74 12.49
N LYS A 8 8.20 10.13 13.41
CA LYS A 8 9.56 9.63 13.45
C LYS A 8 9.57 8.10 13.50
N ILE A 9 8.81 7.55 14.45
CA ILE A 9 8.73 6.10 14.61
C ILE A 9 7.34 5.59 14.27
N GLY A 10 7.28 4.65 13.33
CA GLY A 10 6.01 4.08 12.92
C GLY A 10 6.14 2.67 12.40
N TYR A 11 6.15 1.70 13.32
CA TYR A 11 6.28 0.30 12.95
C TYR A 11 5.68 -0.60 14.03
N GLY A 12 5.46 -1.87 13.68
CA GLY A 12 4.89 -2.81 14.63
C GLY A 12 4.53 -4.13 13.98
N LYS A 13 4.70 -5.22 14.72
CA LYS A 13 4.39 -6.55 14.21
C LYS A 13 2.98 -6.59 13.61
N ALA A 14 2.92 -6.42 12.29
CA ALA A 14 1.63 -6.44 11.59
C ALA A 14 1.43 -7.76 10.86
N ASN A 15 0.25 -8.35 11.03
CA ASN A 15 -0.07 -9.62 10.38
C ASN A 15 -0.47 -9.40 8.92
N PRO A 16 -0.07 -10.34 8.05
CA PRO A 16 -0.39 -10.27 6.62
C PRO A 16 -1.86 -10.49 6.34
N THR A 17 -2.51 -9.49 5.73
CA THR A 17 -3.91 -9.58 5.40
C THR A 17 -4.17 -9.19 3.95
N THR A 18 -5.16 -9.83 3.34
CA THR A 18 -5.51 -9.54 1.96
C THR A 18 -5.50 -8.05 1.67
N ARG A 19 -5.94 -7.27 2.65
CA ARG A 19 -5.98 -5.82 2.52
C ARG A 19 -4.58 -5.22 2.61
N LEU A 20 -4.29 -4.27 1.73
CA LEU A 20 -2.98 -3.62 1.72
C LEU A 20 -3.12 -2.10 1.65
N TRP A 21 -2.50 -1.41 2.59
CA TRP A 21 -2.56 0.05 2.63
C TRP A 21 -1.48 0.66 1.75
N VAL A 22 -1.84 1.74 1.05
CA VAL A 22 -0.90 2.43 0.18
C VAL A 22 -0.96 3.94 0.37
N GLY A 23 0.19 4.55 0.58
CA GLY A 23 0.25 5.99 0.79
C GLY A 23 1.03 6.69 -0.30
N GLY A 24 1.48 7.91 0.00
CA GLY A 24 2.24 8.67 -0.98
C GLY A 24 1.46 8.92 -2.25
N LEU A 25 0.21 9.32 -2.11
CA LEU A 25 -0.65 9.59 -3.26
C LEU A 25 -0.97 11.08 -3.37
N GLY A 26 -1.41 11.50 -4.55
CA GLY A 26 -1.76 12.90 -4.75
C GLY A 26 -2.56 13.12 -6.03
N PRO A 27 -2.64 14.38 -6.47
CA PRO A 27 -3.37 14.75 -7.67
C PRO A 27 -2.70 14.25 -8.95
N ASN A 28 -1.57 13.58 -8.78
CA ASN A 28 -0.82 13.05 -9.92
C ASN A 28 -1.05 11.55 -10.05
N THR A 29 -0.81 10.81 -8.97
CA THR A 29 -0.99 9.36 -8.98
C THR A 29 -2.43 8.99 -9.32
N SER A 30 -2.62 8.47 -10.54
CA SER A 30 -3.95 8.07 -10.99
C SER A 30 -4.25 6.63 -10.59
N LEU A 31 -5.30 6.46 -9.81
CA LEU A 31 -5.69 5.13 -9.35
C LEU A 31 -5.56 4.11 -10.47
N ALA A 32 -6.14 4.41 -11.63
CA ALA A 32 -6.08 3.52 -12.77
C ALA A 32 -4.71 2.88 -12.90
N ALA A 33 -3.66 3.69 -12.80
CA ALA A 33 -2.30 3.20 -12.90
C ALA A 33 -2.00 2.16 -11.81
N LEU A 34 -2.06 2.59 -10.56
CA LEU A 34 -1.80 1.70 -9.45
C LEU A 34 -2.61 0.40 -9.58
N ALA A 35 -3.93 0.53 -9.60
CA ALA A 35 -4.80 -0.62 -9.74
C ALA A 35 -4.25 -1.62 -10.75
N ARG A 36 -3.84 -1.12 -11.90
CA ARG A 36 -3.30 -1.96 -12.96
C ARG A 36 -2.04 -2.70 -12.47
N GLU A 37 -1.15 -1.95 -11.82
CA GLU A 37 0.09 -2.53 -11.31
C GLU A 37 -0.20 -3.64 -10.31
N PHE A 38 -0.91 -3.30 -9.24
CA PHE A 38 -1.26 -4.27 -8.21
C PHE A 38 -1.97 -5.48 -8.82
N ASP A 39 -2.91 -5.21 -9.71
CA ASP A 39 -3.67 -6.28 -10.37
C ASP A 39 -2.73 -7.34 -10.92
N ARG A 40 -1.66 -6.89 -11.58
CA ARG A 40 -0.69 -7.81 -12.17
C ARG A 40 -0.50 -9.04 -11.28
N PHE A 41 -0.22 -8.80 -10.01
CA PHE A 41 -0.01 -9.89 -9.06
C PHE A 41 -1.26 -10.75 -8.92
N GLY A 42 -2.36 -10.12 -8.52
CA GLY A 42 -3.61 -10.84 -8.36
C GLY A 42 -4.82 -9.99 -8.67
N SER A 43 -6.00 -10.55 -8.47
CA SER A 43 -7.24 -9.83 -8.74
C SER A 43 -7.62 -8.94 -7.55
N ILE A 44 -7.86 -7.67 -7.83
CA ILE A 44 -8.24 -6.71 -6.80
C ILE A 44 -9.75 -6.66 -6.62
N ARG A 45 -10.21 -7.13 -5.47
CA ARG A 45 -11.64 -7.13 -5.16
C ARG A 45 -12.24 -5.75 -5.35
N THR A 46 -11.76 -4.78 -4.58
CA THR A 46 -12.25 -3.40 -4.67
C THR A 46 -11.27 -2.43 -4.03
N ILE A 47 -11.38 -1.16 -4.42
CA ILE A 47 -10.50 -0.13 -3.88
C ILE A 47 -11.28 1.14 -3.54
N ASP A 48 -10.90 1.78 -2.44
CA ASP A 48 -11.57 3.00 -2.00
C ASP A 48 -11.03 4.21 -2.77
N HIS A 49 -11.91 5.18 -3.02
CA HIS A 49 -11.53 6.39 -3.75
C HIS A 49 -11.60 7.60 -2.83
N VAL A 50 -10.45 8.17 -2.51
CA VAL A 50 -10.38 9.34 -1.64
C VAL A 50 -9.03 10.02 -1.75
N LYS A 51 -9.04 11.32 -2.06
CA LYS A 51 -7.81 12.09 -2.19
C LYS A 51 -7.40 12.69 -0.85
N GLY A 52 -8.39 13.20 -0.11
CA GLY A 52 -8.11 13.79 1.19
C GLY A 52 -7.31 12.87 2.09
N ASP A 53 -7.91 11.74 2.45
CA ASP A 53 -7.25 10.77 3.32
C ASP A 53 -5.78 10.62 2.95
N SER A 54 -5.49 10.71 1.65
CA SER A 54 -4.12 10.58 1.17
C SER A 54 -3.67 9.12 1.22
N PHE A 55 -4.63 8.21 1.15
CA PHE A 55 -4.32 6.78 1.19
C PHE A 55 -5.41 5.97 0.48
N ALA A 56 -5.03 4.82 -0.06
CA ALA A 56 -5.97 3.95 -0.75
C ALA A 56 -5.91 2.53 -0.22
N TYR A 57 -7.06 1.85 -0.22
CA TYR A 57 -7.13 0.48 0.27
C TYR A 57 -7.26 -0.50 -0.90
N ILE A 58 -6.44 -1.55 -0.88
CA ILE A 58 -6.48 -2.56 -1.93
C ILE A 58 -6.75 -3.94 -1.35
N GLN A 59 -7.82 -4.57 -1.82
CA GLN A 59 -8.19 -5.90 -1.35
C GLN A 59 -7.91 -6.96 -2.42
N TYR A 60 -7.27 -8.05 -2.02
CA TYR A 60 -6.95 -9.13 -2.94
C TYR A 60 -7.84 -10.34 -2.70
N GLU A 61 -8.17 -11.05 -3.79
CA GLU A 61 -9.02 -12.23 -3.69
C GLU A 61 -8.47 -13.23 -2.68
N SER A 62 -7.15 -13.35 -2.64
CA SER A 62 -6.50 -14.27 -1.72
C SER A 62 -5.49 -13.53 -0.83
N LEU A 63 -5.02 -14.21 0.20
CA LEU A 63 -4.06 -13.62 1.13
C LEU A 63 -2.65 -13.71 0.57
N ASP A 64 -2.32 -14.87 -0.03
CA ASP A 64 -1.00 -15.08 -0.60
C ASP A 64 -0.66 -13.98 -1.61
N ALA A 65 -1.53 -13.81 -2.61
CA ALA A 65 -1.32 -12.80 -3.64
C ALA A 65 -1.04 -11.43 -3.01
N ALA A 66 -1.76 -11.12 -1.94
CA ALA A 66 -1.59 -9.84 -1.25
C ALA A 66 -0.16 -9.69 -0.73
N GLN A 67 0.30 -10.70 0.00
CA GLN A 67 1.65 -10.67 0.56
C GLN A 67 2.68 -10.36 -0.52
N ALA A 68 2.43 -10.85 -1.73
CA ALA A 68 3.34 -10.62 -2.85
C ALA A 68 3.42 -9.15 -3.20
N ALA A 69 2.30 -8.58 -3.63
CA ALA A 69 2.24 -7.17 -4.00
C ALA A 69 2.65 -6.28 -2.82
N CYS A 70 2.28 -6.71 -1.61
CA CYS A 70 2.60 -5.96 -0.41
C CYS A 70 4.09 -5.63 -0.35
N ALA A 71 4.92 -6.66 -0.47
CA ALA A 71 6.37 -6.48 -0.43
C ALA A 71 6.89 -5.92 -1.75
N LYS A 72 6.53 -6.59 -2.86
CA LYS A 72 6.96 -6.15 -4.17
C LYS A 72 6.80 -4.64 -4.34
N MET A 73 5.56 -4.18 -4.21
CA MET A 73 5.26 -2.75 -4.34
C MET A 73 6.08 -1.93 -3.35
N ARG A 74 6.11 -2.38 -2.11
CA ARG A 74 6.86 -1.69 -1.06
C ARG A 74 8.14 -1.07 -1.63
N GLY A 75 8.12 0.24 -1.83
CA GLY A 75 9.27 0.92 -2.37
C GLY A 75 9.28 0.95 -3.88
N PHE A 76 8.19 1.43 -4.48
CA PHE A 76 8.07 1.51 -5.92
C PHE A 76 8.81 2.73 -6.47
N PRO A 77 9.48 2.56 -7.61
CA PRO A 77 10.23 3.65 -8.26
C PRO A 77 9.32 4.72 -8.84
N LEU A 78 8.02 4.59 -8.58
CA LEU A 78 7.04 5.56 -9.08
C LEU A 78 7.63 6.96 -9.10
N GLY A 79 7.13 7.79 -10.01
CA GLY A 79 7.62 9.16 -10.11
C GLY A 79 9.11 9.22 -10.34
N GLY A 80 9.83 9.72 -9.35
CA GLY A 80 11.28 9.84 -9.48
C GLY A 80 12.02 8.93 -8.52
N PRO A 81 13.35 9.01 -8.53
CA PRO A 81 14.21 8.18 -7.66
C PRO A 81 14.09 8.59 -6.20
N ASP A 82 13.29 9.61 -5.93
CA ASP A 82 13.09 10.10 -4.56
C ASP A 82 11.73 9.66 -4.03
N ARG A 83 10.69 9.87 -4.83
CA ARG A 83 9.33 9.51 -4.43
C ARG A 83 9.11 8.00 -4.58
N ARG A 84 8.88 7.33 -3.47
CA ARG A 84 8.65 5.89 -3.48
C ARG A 84 7.35 5.53 -2.75
N LEU A 85 6.68 4.49 -3.23
CA LEU A 85 5.42 4.06 -2.64
C LEU A 85 5.67 3.36 -1.30
N ARG A 86 4.79 3.60 -0.34
CA ARG A 86 4.92 2.99 0.98
C ARG A 86 3.79 1.98 1.22
N VAL A 87 4.13 0.70 1.15
CA VAL A 87 3.16 -0.36 1.36
C VAL A 87 3.36 -1.04 2.70
N ASP A 88 2.30 -1.09 3.51
CA ASP A 88 2.37 -1.73 4.83
C ASP A 88 1.09 -2.50 5.12
N PHE A 89 1.24 -3.74 5.57
CA PHE A 89 0.10 -4.58 5.90
C PHE A 89 -0.93 -3.82 6.73
N ALA A 90 -2.14 -3.70 6.20
CA ALA A 90 -3.22 -3.00 6.89
C ALA A 90 -4.01 -3.95 7.78
N LYS A 91 -3.39 -4.40 8.86
CA LYS A 91 -4.05 -5.31 9.80
C LYS A 91 -5.46 -4.84 10.12
N SER A 92 -6.21 -5.67 10.84
CA SER A 92 -7.58 -5.33 11.21
C SER A 92 -7.63 -4.78 12.63
N GLY A 93 -7.28 -3.50 12.78
CA GLY A 93 -7.29 -2.88 14.09
C GLY A 93 -5.95 -2.96 14.78
N PRO A 94 -5.62 -1.91 15.57
CA PRO A 94 -4.36 -1.84 16.30
C PRO A 94 -4.28 -2.85 17.43
N SER A 95 -5.41 -3.07 18.10
CA SER A 95 -5.49 -4.01 19.21
C SER A 95 -4.63 -5.24 18.93
N SER A 96 -3.95 -5.73 19.97
CA SER A 96 -3.10 -6.91 19.84
C SER A 96 -3.77 -8.15 20.42
N GLY A 97 -5.01 -8.37 20.01
CA GLY A 97 -5.75 -9.53 20.50
C GLY A 97 -6.11 -10.50 19.39
N GLY A 1 -1.38 20.23 2.48
CA GLY A 1 -0.37 21.07 3.09
C GLY A 1 -0.59 21.25 4.58
N SER A 2 0.04 20.40 5.38
CA SER A 2 -0.10 20.47 6.83
C SER A 2 -1.51 20.06 7.27
N SER A 3 -2.03 19.00 6.65
CA SER A 3 -3.37 18.50 6.96
C SER A 3 -3.32 17.03 7.36
N GLY A 4 -3.28 16.79 8.66
CA GLY A 4 -3.23 15.42 9.15
C GLY A 4 -1.81 14.94 9.38
N SER A 5 -1.62 14.13 10.42
CA SER A 5 -0.31 13.60 10.75
C SER A 5 -0.24 12.10 10.46
N SER A 6 0.95 11.53 10.64
CA SER A 6 1.15 10.10 10.39
C SER A 6 0.81 9.28 11.63
N GLY A 7 0.09 8.18 11.42
CA GLY A 7 -0.29 7.32 12.53
C GLY A 7 0.87 7.05 13.48
N LYS A 8 0.83 7.70 14.64
CA LYS A 8 1.88 7.53 15.64
C LYS A 8 1.67 6.23 16.42
N ILE A 9 0.54 6.13 17.11
CA ILE A 9 0.22 4.95 17.90
C ILE A 9 0.11 3.71 17.02
N GLY A 10 1.12 2.84 17.11
CA GLY A 10 1.11 1.63 16.31
C GLY A 10 2.35 0.79 16.53
N TYR A 11 2.24 -0.52 16.29
CA TYR A 11 3.36 -1.43 16.47
C TYR A 11 3.52 -2.33 15.24
N GLY A 12 4.62 -3.08 15.21
CA GLY A 12 4.87 -3.98 14.10
C GLY A 12 4.24 -5.34 14.30
N LYS A 13 4.98 -6.40 13.97
CA LYS A 13 4.48 -7.75 14.11
C LYS A 13 3.04 -7.86 13.62
N ALA A 14 2.78 -7.32 12.43
CA ALA A 14 1.45 -7.36 11.85
C ALA A 14 1.33 -8.49 10.83
N ASN A 15 0.50 -9.48 11.15
CA ASN A 15 0.29 -10.62 10.25
C ASN A 15 -0.15 -10.15 8.87
N PRO A 16 0.31 -10.87 7.83
CA PRO A 16 -0.03 -10.54 6.44
C PRO A 16 -1.49 -10.84 6.12
N THR A 17 -2.25 -9.80 5.83
CA THR A 17 -3.66 -9.95 5.50
C THR A 17 -3.93 -9.57 4.05
N THR A 18 -4.97 -10.17 3.47
CA THR A 18 -5.35 -9.89 2.09
C THR A 18 -5.42 -8.38 1.83
N ARG A 19 -5.88 -7.65 2.84
CA ARG A 19 -6.01 -6.20 2.72
C ARG A 19 -4.66 -5.51 2.89
N LEU A 20 -4.44 -4.45 2.12
CA LEU A 20 -3.18 -3.71 2.20
C LEU A 20 -3.44 -2.21 2.22
N TRP A 21 -2.59 -1.48 2.95
CA TRP A 21 -2.73 -0.03 3.05
C TRP A 21 -1.80 0.67 2.06
N VAL A 22 -2.32 1.70 1.40
CA VAL A 22 -1.55 2.46 0.43
C VAL A 22 -1.67 3.96 0.68
N GLY A 23 -0.52 4.63 0.78
CA GLY A 23 -0.53 6.07 1.01
C GLY A 23 0.60 6.77 0.28
N GLY A 24 0.50 8.10 0.21
CA GLY A 24 1.54 8.87 -0.47
C GLY A 24 1.19 9.13 -1.92
N LEU A 25 -0.07 9.43 -2.19
CA LEU A 25 -0.52 9.69 -3.55
C LEU A 25 -0.71 11.20 -3.77
N GLY A 26 -0.92 11.58 -5.03
CA GLY A 26 -1.10 12.99 -5.35
C GLY A 26 -2.19 13.20 -6.39
N PRO A 27 -2.37 14.46 -6.80
CA PRO A 27 -3.38 14.83 -7.79
C PRO A 27 -3.03 14.31 -9.20
N ASN A 28 -1.75 14.14 -9.45
CA ASN A 28 -1.28 13.66 -10.74
C ASN A 28 -1.56 12.16 -10.89
N THR A 29 -1.24 11.40 -9.86
CA THR A 29 -1.45 9.95 -9.88
C THR A 29 -2.92 9.62 -10.11
N SER A 30 -3.18 8.58 -10.89
CA SER A 30 -4.55 8.17 -11.19
C SER A 30 -4.85 6.81 -10.54
N LEU A 31 -6.07 6.67 -10.02
CA LEU A 31 -6.49 5.43 -9.38
C LEU A 31 -6.26 4.24 -10.31
N ALA A 32 -6.81 4.32 -11.51
CA ALA A 32 -6.68 3.25 -12.49
C ALA A 32 -5.21 2.83 -12.63
N ALA A 33 -4.33 3.79 -12.83
CA ALA A 33 -2.92 3.52 -12.97
C ALA A 33 -2.45 2.46 -11.97
N LEU A 34 -2.54 2.79 -10.69
CA LEU A 34 -2.13 1.85 -9.64
C LEU A 34 -2.92 0.55 -9.73
N ALA A 35 -4.24 0.65 -9.72
CA ALA A 35 -5.10 -0.52 -9.80
C ALA A 35 -4.56 -1.53 -10.82
N ARG A 36 -4.27 -1.04 -12.02
CA ARG A 36 -3.75 -1.89 -13.08
C ARG A 36 -2.43 -2.53 -12.67
N GLU A 37 -1.55 -1.72 -12.07
CA GLU A 37 -0.25 -2.21 -11.63
C GLU A 37 -0.41 -3.33 -10.60
N PHE A 38 -1.03 -3.01 -9.48
CA PHE A 38 -1.25 -3.98 -8.42
C PHE A 38 -1.82 -5.29 -8.98
N ASP A 39 -2.88 -5.16 -9.78
CA ASP A 39 -3.52 -6.31 -10.38
C ASP A 39 -2.49 -7.31 -10.89
N ARG A 40 -1.42 -6.80 -11.49
CA ARG A 40 -0.36 -7.64 -12.02
C ARG A 40 -0.14 -8.86 -11.13
N PHE A 41 -0.11 -8.63 -9.82
CA PHE A 41 0.10 -9.70 -8.86
C PHE A 41 -1.14 -10.60 -8.78
N GLY A 42 -2.26 -10.02 -8.39
CA GLY A 42 -3.49 -10.77 -8.28
C GLY A 42 -4.72 -9.93 -8.53
N SER A 43 -5.87 -10.58 -8.68
CA SER A 43 -7.12 -9.88 -8.93
C SER A 43 -7.52 -9.01 -7.75
N ILE A 44 -7.94 -7.78 -8.03
CA ILE A 44 -8.34 -6.86 -6.98
C ILE A 44 -9.85 -6.81 -6.84
N ARG A 45 -10.33 -6.88 -5.61
CA ARG A 45 -11.76 -6.85 -5.33
C ARG A 45 -12.30 -5.42 -5.43
N THR A 46 -11.75 -4.54 -4.61
CA THR A 46 -12.18 -3.13 -4.61
C THR A 46 -11.07 -2.23 -4.09
N ILE A 47 -11.15 -0.95 -4.42
CA ILE A 47 -10.16 0.02 -3.99
C ILE A 47 -10.81 1.32 -3.55
N ASP A 48 -10.27 1.94 -2.50
CA ASP A 48 -10.79 3.18 -1.98
C ASP A 48 -10.00 4.38 -2.49
N HIS A 49 -10.70 5.39 -2.97
CA HIS A 49 -10.06 6.60 -3.51
C HIS A 49 -10.33 7.80 -2.61
N VAL A 50 -9.30 8.25 -1.91
CA VAL A 50 -9.41 9.39 -1.00
C VAL A 50 -8.42 10.48 -1.35
N LYS A 51 -8.87 11.72 -1.37
CA LYS A 51 -8.01 12.86 -1.69
C LYS A 51 -7.36 13.42 -0.42
N GLY A 52 -8.20 13.92 0.49
CA GLY A 52 -7.69 14.48 1.73
C GLY A 52 -6.60 13.63 2.34
N ASP A 53 -6.96 12.44 2.79
CA ASP A 53 -5.99 11.52 3.41
C ASP A 53 -5.00 11.00 2.38
N SER A 54 -5.46 10.89 1.13
CA SER A 54 -4.60 10.39 0.05
C SER A 54 -4.18 8.95 0.30
N PHE A 55 -5.16 8.10 0.56
CA PHE A 55 -4.89 6.68 0.82
C PHE A 55 -5.71 5.79 -0.10
N ALA A 56 -5.54 4.48 0.05
CA ALA A 56 -6.27 3.52 -0.78
C ALA A 56 -6.07 2.10 -0.26
N TYR A 57 -7.18 1.38 -0.09
CA TYR A 57 -7.13 0.01 0.41
C TYR A 57 -7.38 -0.98 -0.73
N ILE A 58 -6.40 -1.84 -0.99
CA ILE A 58 -6.50 -2.84 -2.04
C ILE A 58 -6.77 -4.23 -1.45
N GLN A 59 -7.86 -4.83 -1.88
CA GLN A 59 -8.23 -6.16 -1.40
C GLN A 59 -7.95 -7.23 -2.47
N TYR A 60 -7.30 -8.31 -2.06
CA TYR A 60 -6.97 -9.39 -2.98
C TYR A 60 -7.82 -10.63 -2.69
N GLU A 61 -8.17 -11.35 -3.74
CA GLU A 61 -8.98 -12.56 -3.60
C GLU A 61 -8.29 -13.57 -2.68
N SER A 62 -6.96 -13.61 -2.75
CA SER A 62 -6.19 -14.53 -1.93
C SER A 62 -5.23 -13.78 -1.02
N LEU A 63 -4.61 -14.50 -0.09
CA LEU A 63 -3.66 -13.90 0.84
C LEU A 63 -2.26 -13.84 0.23
N ASP A 64 -1.74 -15.00 -0.15
CA ASP A 64 -0.42 -15.07 -0.75
C ASP A 64 -0.17 -13.90 -1.69
N ALA A 65 -1.04 -13.76 -2.69
CA ALA A 65 -0.91 -12.67 -3.66
C ALA A 65 -0.73 -11.34 -2.96
N ALA A 66 -1.54 -11.10 -1.92
CA ALA A 66 -1.46 -9.86 -1.16
C ALA A 66 -0.04 -9.59 -0.67
N GLN A 67 0.55 -10.59 -0.02
CA GLN A 67 1.90 -10.47 0.50
C GLN A 67 2.87 -10.05 -0.60
N ALA A 68 2.86 -10.79 -1.70
CA ALA A 68 3.73 -10.49 -2.83
C ALA A 68 3.69 -9.02 -3.19
N ALA A 69 2.49 -8.54 -3.54
CA ALA A 69 2.31 -7.14 -3.91
C ALA A 69 2.82 -6.21 -2.81
N CYS A 70 2.51 -6.55 -1.57
CA CYS A 70 2.94 -5.74 -0.42
C CYS A 70 4.44 -5.50 -0.46
N ALA A 71 5.22 -6.57 -0.39
CA ALA A 71 6.67 -6.47 -0.42
C ALA A 71 7.16 -5.84 -1.72
N LYS A 72 6.79 -6.45 -2.84
CA LYS A 72 7.18 -5.94 -4.15
C LYS A 72 6.94 -4.44 -4.25
N MET A 73 5.68 -4.04 -4.10
CA MET A 73 5.32 -2.62 -4.18
C MET A 73 6.12 -1.81 -3.17
N ARG A 74 6.09 -2.23 -1.90
CA ARG A 74 6.81 -1.54 -0.85
C ARG A 74 8.13 -0.96 -1.38
N GLY A 75 8.11 0.31 -1.76
CA GLY A 75 9.30 0.95 -2.27
C GLY A 75 9.35 0.95 -3.78
N PHE A 76 8.21 1.21 -4.41
CA PHE A 76 8.13 1.23 -5.87
C PHE A 76 8.85 2.46 -6.43
N PRO A 77 9.56 2.26 -7.55
CA PRO A 77 10.31 3.33 -8.20
C PRO A 77 9.40 4.37 -8.86
N LEU A 78 8.09 4.21 -8.65
CA LEU A 78 7.11 5.13 -9.21
C LEU A 78 7.65 6.55 -9.23
N GLY A 79 8.13 6.98 -10.39
CA GLY A 79 8.66 8.33 -10.53
C GLY A 79 10.16 8.37 -10.31
N GLY A 80 10.60 9.27 -9.45
CA GLY A 80 12.02 9.41 -9.18
C GLY A 80 12.49 8.50 -8.06
N PRO A 81 13.78 8.60 -7.71
CA PRO A 81 14.37 7.78 -6.64
C PRO A 81 13.87 8.18 -5.26
N ASP A 82 13.07 9.24 -5.21
CA ASP A 82 12.53 9.72 -3.95
C ASP A 82 11.08 9.27 -3.77
N ARG A 83 10.27 9.47 -4.81
CA ARG A 83 8.86 9.09 -4.77
C ARG A 83 8.72 7.56 -4.74
N ARG A 84 8.49 7.02 -3.56
CA ARG A 84 8.34 5.57 -3.40
C ARG A 84 6.98 5.24 -2.79
N LEU A 85 6.34 4.20 -3.32
CA LEU A 85 5.04 3.78 -2.82
C LEU A 85 5.16 3.15 -1.44
N ARG A 86 4.32 3.60 -0.52
CA ARG A 86 4.34 3.08 0.85
C ARG A 86 3.18 2.09 1.07
N VAL A 87 3.52 0.81 1.09
CA VAL A 87 2.52 -0.23 1.29
C VAL A 87 2.78 -1.01 2.58
N ASP A 88 1.81 -0.97 3.49
CA ASP A 88 1.93 -1.66 4.76
C ASP A 88 0.74 -2.59 5.00
N PHE A 89 0.94 -3.62 5.81
CA PHE A 89 -0.11 -4.58 6.11
C PHE A 89 -1.16 -3.96 7.01
N ALA A 90 -2.42 -4.04 6.59
CA ALA A 90 -3.53 -3.50 7.36
C ALA A 90 -4.28 -4.60 8.10
N LYS A 91 -3.69 -5.06 9.20
CA LYS A 91 -4.31 -6.11 10.00
C LYS A 91 -5.73 -5.73 10.40
N SER A 92 -6.62 -6.73 10.42
CA SER A 92 -8.01 -6.50 10.79
C SER A 92 -8.24 -6.76 12.26
N GLY A 93 -8.02 -5.74 13.09
CA GLY A 93 -8.21 -5.89 14.52
C GLY A 93 -9.59 -5.45 14.97
N PRO A 94 -10.05 -6.02 16.11
CA PRO A 94 -11.37 -5.71 16.66
C PRO A 94 -11.42 -4.29 17.22
N SER A 95 -12.52 -3.58 16.92
CA SER A 95 -12.70 -2.22 17.39
C SER A 95 -14.13 -2.00 17.86
N SER A 96 -14.29 -1.51 19.08
CA SER A 96 -15.61 -1.25 19.65
C SER A 96 -15.83 0.25 19.86
N GLY A 97 -16.95 0.74 19.34
CA GLY A 97 -17.26 2.15 19.47
C GLY A 97 -18.37 2.60 18.54
N GLY A 1 5.53 18.11 12.92
CA GLY A 1 6.28 16.99 13.45
C GLY A 1 7.58 16.77 12.71
N SER A 2 8.68 17.23 13.30
CA SER A 2 10.01 17.08 12.69
C SER A 2 10.83 16.05 13.45
N SER A 3 11.63 15.28 12.70
CA SER A 3 12.48 14.25 13.30
C SER A 3 13.84 14.82 13.67
N GLY A 4 14.08 14.99 14.96
CA GLY A 4 15.35 15.52 15.42
C GLY A 4 15.68 15.08 16.83
N SER A 5 16.86 14.48 17.00
CA SER A 5 17.30 14.01 18.31
C SER A 5 16.21 13.17 18.97
N SER A 6 15.53 12.36 18.17
CA SER A 6 14.47 11.50 18.67
C SER A 6 14.72 10.04 18.32
N GLY A 7 13.87 9.16 18.82
CA GLY A 7 14.02 7.74 18.54
C GLY A 7 13.08 6.88 19.36
N LYS A 8 12.18 6.17 18.69
CA LYS A 8 11.22 5.31 19.36
C LYS A 8 11.36 3.87 18.89
N ILE A 9 11.43 2.94 19.83
CA ILE A 9 11.55 1.52 19.51
C ILE A 9 10.25 0.99 18.91
N GLY A 10 10.35 0.45 17.69
CA GLY A 10 9.18 -0.10 17.02
C GLY A 10 9.14 -1.61 17.09
N TYR A 11 8.57 -2.14 18.17
CA TYR A 11 8.47 -3.58 18.34
C TYR A 11 7.01 -4.03 18.34
N GLY A 12 6.43 -4.11 17.14
CA GLY A 12 5.04 -4.53 17.03
C GLY A 12 4.68 -4.95 15.62
N LYS A 13 5.28 -6.04 15.16
CA LYS A 13 5.02 -6.55 13.81
C LYS A 13 3.53 -6.72 13.58
N ALA A 14 3.10 -6.56 12.33
CA ALA A 14 1.69 -6.70 11.97
C ALA A 14 1.44 -7.99 11.21
N ASN A 15 0.24 -8.54 11.34
CA ASN A 15 -0.11 -9.78 10.66
C ASN A 15 -0.57 -9.50 9.23
N PRO A 16 -0.17 -10.38 8.30
CA PRO A 16 -0.53 -10.25 6.88
C PRO A 16 -2.00 -10.52 6.64
N THR A 17 -2.56 -9.85 5.63
CA THR A 17 -3.97 -10.00 5.28
C THR A 17 -4.25 -9.51 3.87
N THR A 18 -5.23 -10.12 3.22
CA THR A 18 -5.60 -9.75 1.86
C THR A 18 -5.64 -8.23 1.70
N ARG A 19 -6.02 -7.54 2.78
CA ARG A 19 -6.09 -6.08 2.75
C ARG A 19 -4.69 -5.47 2.86
N LEU A 20 -4.42 -4.50 1.99
CA LEU A 20 -3.13 -3.82 1.98
C LEU A 20 -3.31 -2.31 2.00
N TRP A 21 -2.46 -1.64 2.77
CA TRP A 21 -2.52 -0.18 2.87
C TRP A 21 -1.58 0.48 1.88
N VAL A 22 -2.09 1.46 1.13
CA VAL A 22 -1.28 2.17 0.15
C VAL A 22 -1.32 3.67 0.39
N GLY A 23 -0.16 4.25 0.71
CA GLY A 23 -0.09 5.67 0.96
C GLY A 23 0.99 6.35 0.12
N GLY A 24 1.03 7.67 0.19
CA GLY A 24 2.02 8.43 -0.57
C GLY A 24 1.63 8.57 -2.03
N LEU A 25 0.38 8.93 -2.29
CA LEU A 25 -0.11 9.10 -3.64
C LEU A 25 -0.10 10.57 -4.04
N GLY A 26 -0.40 10.84 -5.31
CA GLY A 26 -0.43 12.20 -5.80
C GLY A 26 -1.62 12.47 -6.69
N PRO A 27 -1.70 13.71 -7.22
CA PRO A 27 -2.80 14.12 -8.10
C PRO A 27 -2.73 13.45 -9.46
N ASN A 28 -1.52 13.27 -9.98
CA ASN A 28 -1.32 12.63 -11.27
C ASN A 28 -1.74 11.16 -11.23
N THR A 29 -1.31 10.47 -10.17
CA THR A 29 -1.64 9.06 -10.00
C THR A 29 -3.14 8.82 -10.13
N SER A 30 -3.53 8.01 -11.11
CA SER A 30 -4.94 7.69 -11.33
C SER A 30 -5.24 6.25 -10.95
N LEU A 31 -6.46 6.02 -10.47
CA LEU A 31 -6.89 4.68 -10.06
C LEU A 31 -6.66 3.68 -11.20
N ALA A 32 -7.23 3.97 -12.35
CA ALA A 32 -7.08 3.09 -13.52
C ALA A 32 -5.66 2.55 -13.62
N ALA A 33 -4.68 3.42 -13.37
CA ALA A 33 -3.28 3.02 -13.44
C ALA A 33 -2.94 2.01 -12.35
N LEU A 34 -2.93 2.47 -11.10
CA LEU A 34 -2.62 1.60 -9.96
C LEU A 34 -3.28 0.23 -10.13
N ALA A 35 -4.59 0.23 -10.33
CA ALA A 35 -5.34 -1.01 -10.51
C ALA A 35 -4.60 -1.96 -11.45
N ARG A 36 -4.13 -1.43 -12.57
CA ARG A 36 -3.41 -2.23 -13.55
C ARG A 36 -2.07 -2.70 -12.99
N GLU A 37 -1.43 -1.84 -12.21
CA GLU A 37 -0.14 -2.17 -11.61
C GLU A 37 -0.28 -3.27 -10.57
N PHE A 38 -1.04 -2.99 -9.53
CA PHE A 38 -1.25 -3.96 -8.45
C PHE A 38 -1.88 -5.24 -9.01
N ASP A 39 -2.70 -5.10 -10.04
CA ASP A 39 -3.36 -6.23 -10.66
C ASP A 39 -2.34 -7.23 -11.20
N ARG A 40 -1.13 -6.75 -11.44
CA ARG A 40 -0.07 -7.60 -11.96
C ARG A 40 0.19 -8.79 -11.04
N PHE A 41 0.15 -8.55 -9.74
CA PHE A 41 0.37 -9.59 -8.75
C PHE A 41 -0.82 -10.56 -8.71
N GLY A 42 -1.98 -10.04 -8.30
CA GLY A 42 -3.17 -10.86 -8.22
C GLY A 42 -4.42 -10.12 -8.62
N SER A 43 -5.56 -10.54 -8.09
CA SER A 43 -6.83 -9.90 -8.41
C SER A 43 -7.17 -8.82 -7.39
N ILE A 44 -7.75 -7.72 -7.87
CA ILE A 44 -8.11 -6.61 -7.00
C ILE A 44 -9.63 -6.47 -6.90
N ARG A 45 -10.15 -6.50 -5.68
CA ARG A 45 -11.58 -6.37 -5.45
C ARG A 45 -12.03 -4.91 -5.58
N THR A 46 -11.49 -4.05 -4.72
CA THR A 46 -11.83 -2.64 -4.74
C THR A 46 -10.70 -1.80 -4.15
N ILE A 47 -10.69 -0.51 -4.50
CA ILE A 47 -9.66 0.40 -4.00
C ILE A 47 -10.27 1.75 -3.62
N ASP A 48 -9.86 2.27 -2.47
CA ASP A 48 -10.35 3.56 -1.99
C ASP A 48 -9.43 4.69 -2.40
N HIS A 49 -9.99 5.70 -3.07
CA HIS A 49 -9.21 6.84 -3.53
C HIS A 49 -9.45 8.05 -2.64
N VAL A 50 -8.47 8.38 -1.81
CA VAL A 50 -8.58 9.52 -0.90
C VAL A 50 -7.57 10.60 -1.27
N LYS A 51 -8.05 11.84 -1.34
CA LYS A 51 -7.19 12.98 -1.67
C LYS A 51 -6.55 13.56 -0.42
N GLY A 52 -7.38 14.06 0.48
CA GLY A 52 -6.88 14.64 1.72
C GLY A 52 -5.84 13.78 2.39
N ASP A 53 -6.25 12.59 2.82
CA ASP A 53 -5.34 11.67 3.49
C ASP A 53 -4.29 11.15 2.51
N SER A 54 -4.71 10.87 1.29
CA SER A 54 -3.81 10.35 0.27
C SER A 54 -3.45 8.89 0.54
N PHE A 55 -4.46 8.06 0.70
CA PHE A 55 -4.26 6.65 0.96
C PHE A 55 -5.09 5.78 0.02
N ALA A 56 -4.88 4.47 0.09
CA ALA A 56 -5.62 3.53 -0.76
C ALA A 56 -5.55 2.12 -0.20
N TYR A 57 -6.70 1.47 -0.11
CA TYR A 57 -6.77 0.10 0.41
C TYR A 57 -7.06 -0.90 -0.71
N ILE A 58 -6.16 -1.85 -0.89
CA ILE A 58 -6.32 -2.87 -1.94
C ILE A 58 -6.69 -4.21 -1.32
N GLN A 59 -7.78 -4.80 -1.82
CA GLN A 59 -8.23 -6.09 -1.32
C GLN A 59 -8.03 -7.18 -2.38
N TYR A 60 -7.23 -8.18 -2.03
CA TYR A 60 -6.95 -9.28 -2.95
C TYR A 60 -7.79 -10.50 -2.61
N GLU A 61 -8.45 -11.07 -3.62
CA GLU A 61 -9.29 -12.24 -3.42
C GLU A 61 -8.54 -13.33 -2.66
N SER A 62 -7.21 -13.23 -2.66
CA SER A 62 -6.38 -14.20 -1.97
C SER A 62 -5.36 -13.51 -1.07
N LEU A 63 -4.92 -14.21 -0.04
CA LEU A 63 -3.94 -13.66 0.89
C LEU A 63 -2.54 -13.71 0.31
N ASP A 64 -2.15 -14.87 -0.20
CA ASP A 64 -0.82 -15.04 -0.80
C ASP A 64 -0.51 -13.90 -1.76
N ALA A 65 -1.39 -13.69 -2.73
CA ALA A 65 -1.21 -12.64 -3.72
C ALA A 65 -0.96 -11.29 -3.03
N ALA A 66 -1.65 -11.05 -1.93
CA ALA A 66 -1.50 -9.81 -1.19
C ALA A 66 -0.08 -9.66 -0.66
N GLN A 67 0.47 -10.75 -0.13
CA GLN A 67 1.82 -10.74 0.41
C GLN A 67 2.83 -10.35 -0.66
N ALA A 68 2.72 -10.98 -1.83
CA ALA A 68 3.63 -10.69 -2.93
C ALA A 68 3.70 -9.20 -3.23
N ALA A 69 2.56 -8.64 -3.65
CA ALA A 69 2.49 -7.21 -3.96
C ALA A 69 2.88 -6.36 -2.75
N CYS A 70 2.29 -6.68 -1.61
CA CYS A 70 2.57 -5.95 -0.37
C CYS A 70 4.06 -5.67 -0.23
N ALA A 71 4.88 -6.66 -0.56
CA ALA A 71 6.32 -6.52 -0.47
C ALA A 71 6.88 -5.86 -1.72
N LYS A 72 6.73 -6.53 -2.86
CA LYS A 72 7.22 -6.01 -4.13
C LYS A 72 6.91 -4.52 -4.27
N MET A 73 5.62 -4.19 -4.23
CA MET A 73 5.19 -2.81 -4.35
C MET A 73 5.85 -1.94 -3.28
N ARG A 74 5.99 -2.49 -2.08
CA ARG A 74 6.60 -1.77 -0.97
C ARG A 74 7.73 -0.87 -1.46
N GLY A 75 7.50 0.44 -1.40
CA GLY A 75 8.51 1.38 -1.83
C GLY A 75 8.67 1.40 -3.34
N PHE A 76 7.58 1.66 -4.04
CA PHE A 76 7.60 1.70 -5.50
C PHE A 76 8.25 2.99 -6.00
N PRO A 77 9.04 2.87 -7.08
CA PRO A 77 9.75 4.01 -7.68
C PRO A 77 8.79 4.99 -8.36
N LEU A 78 7.49 4.74 -8.21
CA LEU A 78 6.47 5.58 -8.81
C LEU A 78 6.90 7.05 -8.79
N GLY A 79 6.37 7.84 -9.73
CA GLY A 79 6.71 9.24 -9.79
C GLY A 79 8.20 9.48 -9.89
N GLY A 80 8.87 9.45 -8.74
CA GLY A 80 10.31 9.67 -8.71
C GLY A 80 11.03 8.72 -7.76
N PRO A 81 12.34 8.93 -7.60
CA PRO A 81 13.16 8.11 -6.72
C PRO A 81 12.84 8.32 -5.24
N ASP A 82 12.81 9.59 -4.83
CA ASP A 82 12.51 9.94 -3.45
C ASP A 82 11.06 9.62 -3.11
N ARG A 83 10.15 10.00 -4.00
CA ARG A 83 8.73 9.76 -3.80
C ARG A 83 8.39 8.29 -4.06
N ARG A 84 8.36 7.50 -2.99
CA ARG A 84 8.05 6.08 -3.09
C ARG A 84 6.73 5.76 -2.39
N LEU A 85 6.04 4.74 -2.89
CA LEU A 85 4.76 4.33 -2.32
C LEU A 85 4.96 3.64 -0.97
N ARG A 86 4.04 3.88 -0.04
CA ARG A 86 4.12 3.29 1.29
C ARG A 86 3.15 2.12 1.42
N VAL A 87 3.68 0.91 1.54
CA VAL A 87 2.86 -0.28 1.67
C VAL A 87 3.13 -0.99 3.00
N ASP A 88 2.08 -1.16 3.80
CA ASP A 88 2.21 -1.83 5.09
C ASP A 88 0.98 -2.68 5.38
N PHE A 89 1.20 -3.96 5.64
CA PHE A 89 0.10 -4.88 5.93
C PHE A 89 -0.94 -4.22 6.83
N ALA A 90 -2.14 -4.04 6.29
CA ALA A 90 -3.23 -3.42 7.04
C ALA A 90 -3.77 -4.37 8.10
N LYS A 91 -4.20 -3.80 9.24
CA LYS A 91 -4.74 -4.59 10.34
C LYS A 91 -6.26 -4.63 10.27
N SER A 92 -6.81 -4.24 9.13
CA SER A 92 -8.26 -4.22 8.95
C SER A 92 -8.88 -5.51 9.48
N GLY A 93 -9.95 -5.36 10.27
CA GLY A 93 -10.62 -6.52 10.83
C GLY A 93 -11.69 -7.08 9.91
N PRO A 94 -12.25 -8.23 10.29
CA PRO A 94 -13.30 -8.89 9.50
C PRO A 94 -14.62 -8.13 9.53
N SER A 95 -14.61 -6.97 10.21
CA SER A 95 -15.81 -6.15 10.32
C SER A 95 -16.61 -6.18 9.02
N SER A 96 -17.85 -6.68 9.11
CA SER A 96 -18.72 -6.77 7.94
C SER A 96 -20.04 -6.05 8.20
N GLY A 97 -20.81 -5.86 7.13
CA GLY A 97 -22.09 -5.18 7.26
C GLY A 97 -23.10 -5.64 6.22
N GLY A 1 26.71 22.51 -2.09
CA GLY A 1 26.32 22.44 -0.69
C GLY A 1 25.26 21.40 -0.42
N SER A 2 25.64 20.30 0.20
CA SER A 2 24.70 19.22 0.51
C SER A 2 24.89 18.72 1.94
N SER A 3 23.79 18.49 2.63
CA SER A 3 23.83 18.02 4.00
C SER A 3 24.16 16.53 4.06
N GLY A 4 23.46 15.74 3.26
CA GLY A 4 23.70 14.31 3.22
C GLY A 4 23.36 13.64 4.54
N SER A 5 22.95 12.38 4.47
CA SER A 5 22.59 11.62 5.66
C SER A 5 22.86 10.13 5.45
N SER A 6 23.23 9.45 6.54
CA SER A 6 23.51 8.03 6.49
C SER A 6 23.18 7.35 7.82
N GLY A 7 22.40 6.27 7.74
CA GLY A 7 22.02 5.55 8.95
C GLY A 7 20.59 5.06 8.89
N LYS A 8 20.41 3.82 8.44
CA LYS A 8 19.08 3.23 8.35
C LYS A 8 18.82 2.28 9.52
N ILE A 9 17.58 2.26 9.99
CA ILE A 9 17.20 1.40 11.10
C ILE A 9 16.51 0.13 10.60
N GLY A 10 15.52 0.31 9.73
CA GLY A 10 14.80 -0.83 9.18
C GLY A 10 13.60 -1.20 10.01
N TYR A 11 12.45 -1.37 9.36
CA TYR A 11 11.22 -1.72 10.05
C TYR A 11 10.09 -1.98 9.04
N GLY A 12 9.03 -2.63 9.52
CA GLY A 12 7.91 -2.94 8.65
C GLY A 12 7.51 -4.40 8.70
N LYS A 13 7.38 -4.94 9.91
CA LYS A 13 7.02 -6.34 10.08
C LYS A 13 5.62 -6.46 10.70
N ALA A 14 4.61 -6.52 9.84
CA ALA A 14 3.23 -6.63 10.29
C ALA A 14 2.56 -7.86 9.69
N ASN A 15 1.84 -8.61 10.52
CA ASN A 15 1.15 -9.81 10.07
C ASN A 15 0.54 -9.60 8.69
N PRO A 16 0.63 -10.64 7.84
CA PRO A 16 0.09 -10.59 6.47
C PRO A 16 -1.43 -10.59 6.46
N THR A 17 -2.00 -10.13 5.34
CA THR A 17 -3.45 -10.07 5.20
C THR A 17 -3.85 -9.69 3.77
N THR A 18 -5.01 -10.16 3.34
CA THR A 18 -5.50 -9.88 2.01
C THR A 18 -5.63 -8.38 1.77
N ARG A 19 -6.07 -7.67 2.80
CA ARG A 19 -6.23 -6.21 2.71
C ARG A 19 -4.90 -5.50 2.93
N LEU A 20 -4.48 -4.73 1.94
CA LEU A 20 -3.23 -3.99 2.02
C LEU A 20 -3.47 -2.49 2.00
N TRP A 21 -2.60 -1.73 2.66
CA TRP A 21 -2.72 -0.29 2.72
C TRP A 21 -1.73 0.39 1.78
N VAL A 22 -2.14 1.50 1.17
CA VAL A 22 -1.28 2.24 0.26
C VAL A 22 -1.41 3.73 0.48
N GLY A 23 -0.28 4.39 0.76
CA GLY A 23 -0.29 5.83 0.98
C GLY A 23 0.79 6.54 0.20
N GLY A 24 0.93 7.84 0.44
CA GLY A 24 1.94 8.62 -0.26
C GLY A 24 1.52 8.98 -1.67
N LEU A 25 0.21 9.02 -1.90
CA LEU A 25 -0.32 9.36 -3.21
C LEU A 25 -0.22 10.86 -3.47
N GLY A 26 -0.10 11.23 -4.74
CA GLY A 26 0.00 12.64 -5.11
C GLY A 26 -1.04 13.04 -6.13
N PRO A 27 -0.90 14.26 -6.67
CA PRO A 27 -1.82 14.79 -7.68
C PRO A 27 -1.69 14.07 -9.02
N ASN A 28 -0.50 13.54 -9.29
CA ASN A 28 -0.26 12.83 -10.54
C ASN A 28 -0.72 11.39 -10.44
N THR A 29 -0.43 10.75 -9.32
CA THR A 29 -0.81 9.36 -9.10
C THR A 29 -2.26 9.12 -9.51
N SER A 30 -2.45 8.24 -10.48
CA SER A 30 -3.79 7.93 -10.97
C SER A 30 -4.22 6.53 -10.52
N LEU A 31 -5.50 6.40 -10.18
CA LEU A 31 -6.04 5.11 -9.73
C LEU A 31 -5.75 4.01 -10.74
N ALA A 32 -5.97 4.31 -12.01
CA ALA A 32 -5.72 3.35 -13.08
C ALA A 32 -4.33 2.74 -12.96
N ALA A 33 -3.32 3.61 -12.92
CA ALA A 33 -1.94 3.15 -12.80
C ALA A 33 -1.80 2.07 -11.73
N LEU A 34 -2.13 2.43 -10.50
CA LEU A 34 -2.04 1.49 -9.38
C LEU A 34 -2.82 0.22 -9.68
N ALA A 35 -4.14 0.34 -9.76
CA ALA A 35 -5.00 -0.81 -10.04
C ALA A 35 -4.32 -1.76 -11.03
N ARG A 36 -3.96 -1.24 -12.19
CA ARG A 36 -3.30 -2.04 -13.22
C ARG A 36 -2.05 -2.72 -12.66
N GLU A 37 -1.28 -1.98 -11.88
CA GLU A 37 -0.05 -2.50 -11.29
C GLU A 37 -0.36 -3.59 -10.27
N PHE A 38 -1.00 -3.20 -9.17
CA PHE A 38 -1.36 -4.14 -8.11
C PHE A 38 -2.06 -5.36 -8.69
N ASP A 39 -2.85 -5.15 -9.74
CA ASP A 39 -3.58 -6.23 -10.39
C ASP A 39 -2.63 -7.34 -10.84
N ARG A 40 -1.58 -6.95 -11.55
CA ARG A 40 -0.60 -7.90 -12.04
C ARG A 40 -0.39 -9.04 -11.05
N PHE A 41 -0.15 -8.68 -9.80
CA PHE A 41 0.07 -9.67 -8.74
C PHE A 41 -1.13 -10.59 -8.60
N GLY A 42 -2.27 -10.01 -8.21
CA GLY A 42 -3.48 -10.79 -8.05
C GLY A 42 -4.73 -10.01 -8.41
N SER A 43 -5.88 -10.68 -8.37
CA SER A 43 -7.15 -10.03 -8.71
C SER A 43 -7.62 -9.14 -7.57
N ILE A 44 -7.92 -7.89 -7.89
CA ILE A 44 -8.38 -6.92 -6.91
C ILE A 44 -9.91 -6.89 -6.85
N ARG A 45 -10.44 -6.82 -5.62
CA ARG A 45 -11.88 -6.78 -5.43
C ARG A 45 -12.41 -5.36 -5.53
N THR A 46 -11.84 -4.46 -4.74
CA THR A 46 -12.24 -3.07 -4.74
C THR A 46 -11.12 -2.16 -4.26
N ILE A 47 -11.19 -0.89 -4.62
CA ILE A 47 -10.18 0.08 -4.22
C ILE A 47 -10.81 1.41 -3.84
N ASP A 48 -10.56 1.84 -2.60
CA ASP A 48 -11.11 3.11 -2.12
C ASP A 48 -10.14 4.26 -2.38
N HIS A 49 -10.63 5.30 -3.04
CA HIS A 49 -9.80 6.46 -3.35
C HIS A 49 -10.25 7.68 -2.55
N VAL A 50 -9.31 8.30 -1.84
CA VAL A 50 -9.61 9.47 -1.03
C VAL A 50 -8.52 10.53 -1.17
N LYS A 51 -8.92 11.76 -1.45
CA LYS A 51 -7.98 12.86 -1.61
C LYS A 51 -7.61 13.46 -0.25
N GLY A 52 -8.62 13.97 0.46
CA GLY A 52 -8.37 14.55 1.77
C GLY A 52 -7.32 13.79 2.56
N ASP A 53 -7.62 12.53 2.85
CA ASP A 53 -6.70 11.69 3.61
C ASP A 53 -5.54 11.23 2.74
N SER A 54 -5.80 11.11 1.44
CA SER A 54 -4.79 10.66 0.49
C SER A 54 -4.35 9.23 0.80
N PHE A 55 -5.32 8.35 1.00
CA PHE A 55 -5.03 6.96 1.30
C PHE A 55 -5.71 6.03 0.29
N ALA A 56 -5.15 4.83 0.13
CA ALA A 56 -5.69 3.85 -0.80
C ALA A 56 -5.75 2.46 -0.16
N TYR A 57 -6.88 1.79 -0.34
CA TYR A 57 -7.06 0.45 0.22
C TYR A 57 -7.29 -0.57 -0.89
N ILE A 58 -6.41 -1.57 -0.94
CA ILE A 58 -6.52 -2.62 -1.95
C ILE A 58 -6.88 -3.96 -1.32
N GLN A 59 -7.90 -4.62 -1.87
CA GLN A 59 -8.33 -5.91 -1.36
C GLN A 59 -8.10 -7.01 -2.39
N TYR A 60 -7.21 -7.94 -2.05
CA TYR A 60 -6.89 -9.04 -2.94
C TYR A 60 -7.79 -10.24 -2.68
N GLU A 61 -8.16 -10.95 -3.75
CA GLU A 61 -9.02 -12.12 -3.63
C GLU A 61 -8.35 -13.21 -2.80
N SER A 62 -7.02 -13.21 -2.81
CA SER A 62 -6.25 -14.21 -2.07
C SER A 62 -5.24 -13.53 -1.14
N LEU A 63 -4.76 -14.29 -0.15
CA LEU A 63 -3.80 -13.76 0.80
C LEU A 63 -2.38 -13.78 0.22
N ASP A 64 -1.90 -14.96 -0.11
CA ASP A 64 -0.56 -15.11 -0.69
C ASP A 64 -0.30 -14.02 -1.72
N ALA A 65 -1.31 -13.69 -2.51
CA ALA A 65 -1.18 -12.66 -3.52
C ALA A 65 -0.90 -11.29 -2.90
N ALA A 66 -1.62 -10.98 -1.83
CA ALA A 66 -1.45 -9.72 -1.14
C ALA A 66 -0.02 -9.54 -0.66
N GLN A 67 0.53 -10.58 -0.04
CA GLN A 67 1.90 -10.53 0.47
C GLN A 67 2.88 -10.20 -0.65
N ALA A 68 2.69 -10.83 -1.81
CA ALA A 68 3.55 -10.60 -2.96
C ALA A 68 3.66 -9.11 -3.28
N ALA A 69 2.51 -8.47 -3.44
CA ALA A 69 2.48 -7.04 -3.75
C ALA A 69 3.03 -6.22 -2.59
N CYS A 70 2.50 -6.45 -1.39
CA CYS A 70 2.94 -5.73 -0.20
C CYS A 70 4.46 -5.72 -0.11
N ALA A 71 5.09 -6.68 -0.75
CA ALA A 71 6.55 -6.79 -0.73
C ALA A 71 7.17 -5.99 -1.88
N LYS A 72 6.90 -6.43 -3.11
CA LYS A 72 7.42 -5.76 -4.30
C LYS A 72 7.02 -4.29 -4.31
N MET A 73 5.71 -4.04 -4.26
CA MET A 73 5.20 -2.68 -4.27
C MET A 73 5.98 -1.79 -3.31
N ARG A 74 6.29 -2.34 -2.13
CA ARG A 74 7.03 -1.59 -1.12
C ARG A 74 8.17 -0.80 -1.76
N GLY A 75 8.10 0.52 -1.65
CA GLY A 75 9.12 1.37 -2.21
C GLY A 75 9.16 1.31 -3.73
N PHE A 76 8.02 1.60 -4.35
CA PHE A 76 7.93 1.58 -5.80
C PHE A 76 8.52 2.85 -6.42
N PRO A 77 9.22 2.69 -7.55
CA PRO A 77 9.85 3.81 -8.25
C PRO A 77 8.82 4.74 -8.90
N LEU A 78 7.55 4.48 -8.64
CA LEU A 78 6.47 5.29 -9.20
C LEU A 78 6.89 6.74 -9.33
N GLY A 79 6.67 7.32 -10.51
CA GLY A 79 7.03 8.71 -10.74
C GLY A 79 8.54 8.90 -10.84
N GLY A 80 9.16 9.31 -9.75
CA GLY A 80 10.59 9.53 -9.74
C GLY A 80 11.29 8.76 -8.65
N PRO A 81 12.62 8.96 -8.53
CA PRO A 81 13.44 8.28 -7.52
C PRO A 81 13.14 8.79 -6.11
N ASP A 82 12.40 9.88 -6.02
CA ASP A 82 12.04 10.47 -4.73
C ASP A 82 10.73 9.87 -4.22
N ARG A 83 9.73 9.80 -5.09
CA ARG A 83 8.43 9.27 -4.72
C ARG A 83 8.48 7.74 -4.62
N ARG A 84 8.24 7.23 -3.41
CA ARG A 84 8.26 5.79 -3.17
C ARG A 84 6.97 5.33 -2.48
N LEU A 85 6.26 4.41 -3.11
CA LEU A 85 5.02 3.89 -2.55
C LEU A 85 5.27 3.18 -1.23
N ARG A 86 4.38 3.41 -0.27
CA ARG A 86 4.51 2.78 1.05
C ARG A 86 3.35 1.84 1.31
N VAL A 87 3.62 0.54 1.21
CA VAL A 87 2.59 -0.48 1.43
C VAL A 87 2.84 -1.22 2.74
N ASP A 88 1.81 -1.26 3.59
CA ASP A 88 1.90 -1.94 4.88
C ASP A 88 0.58 -2.60 5.24
N PHE A 89 0.63 -3.90 5.50
CA PHE A 89 -0.57 -4.66 5.86
C PHE A 89 -1.45 -3.86 6.82
N ALA A 90 -2.72 -3.71 6.46
CA ALA A 90 -3.66 -2.97 7.28
C ALA A 90 -4.08 -3.77 8.51
N LYS A 91 -4.84 -4.84 8.28
CA LYS A 91 -5.30 -5.70 9.37
C LYS A 91 -4.40 -6.92 9.50
N SER A 92 -4.77 -7.82 10.41
CA SER A 92 -3.99 -9.03 10.65
C SER A 92 -4.77 -10.26 10.19
N GLY A 93 -6.06 -10.30 10.52
CA GLY A 93 -6.89 -11.44 10.13
C GLY A 93 -7.87 -11.83 11.21
N PRO A 94 -8.37 -13.06 11.14
CA PRO A 94 -9.33 -13.60 12.11
C PRO A 94 -8.70 -13.82 13.48
N SER A 95 -7.40 -14.04 13.50
CA SER A 95 -6.68 -14.29 14.74
C SER A 95 -7.53 -15.09 15.71
N SER A 96 -8.12 -16.17 15.21
CA SER A 96 -8.96 -17.03 16.03
C SER A 96 -8.17 -17.63 17.19
N GLY A 97 -8.54 -17.26 18.41
CA GLY A 97 -7.85 -17.76 19.58
C GLY A 97 -8.81 -18.18 20.68
N GLY A 1 10.53 28.77 0.00
CA GLY A 1 10.62 28.08 1.27
C GLY A 1 11.75 27.07 1.29
N SER A 2 11.90 26.37 2.41
CA SER A 2 12.95 25.38 2.56
C SER A 2 12.51 24.25 3.48
N SER A 3 12.69 23.01 3.04
CA SER A 3 12.31 21.85 3.82
C SER A 3 13.41 20.79 3.82
N GLY A 4 13.65 20.18 4.97
CA GLY A 4 14.68 19.17 5.09
C GLY A 4 14.90 18.72 6.51
N SER A 5 13.97 17.91 7.03
CA SER A 5 14.07 17.42 8.40
C SER A 5 13.07 16.28 8.64
N SER A 6 13.58 15.16 9.14
CA SER A 6 12.74 14.01 9.41
C SER A 6 13.52 12.93 10.15
N GLY A 7 12.84 11.84 10.50
CA GLY A 7 13.48 10.75 11.21
C GLY A 7 13.19 9.40 10.58
N LYS A 8 13.92 8.37 11.03
CA LYS A 8 13.74 7.03 10.51
C LYS A 8 13.44 6.05 11.63
N ILE A 9 12.34 5.30 11.49
CA ILE A 9 11.95 4.33 12.51
C ILE A 9 10.97 3.32 11.93
N GLY A 10 11.01 2.09 12.45
CA GLY A 10 10.12 1.05 11.98
C GLY A 10 10.87 -0.22 11.62
N TYR A 11 10.94 -1.15 12.57
CA TYR A 11 11.63 -2.41 12.36
C TYR A 11 10.76 -3.59 12.79
N GLY A 12 11.06 -4.77 12.26
CA GLY A 12 10.29 -5.95 12.59
C GLY A 12 9.39 -6.40 11.46
N LYS A 13 8.62 -7.47 11.70
CA LYS A 13 7.71 -8.00 10.70
C LYS A 13 6.26 -7.64 11.03
N ALA A 14 5.40 -7.72 10.03
CA ALA A 14 3.98 -7.42 10.22
C ALA A 14 3.09 -8.50 9.63
N ASN A 15 2.32 -9.17 10.49
CA ASN A 15 1.43 -10.23 10.05
C ASN A 15 0.82 -9.90 8.69
N PRO A 16 0.71 -10.92 7.83
CA PRO A 16 0.14 -10.77 6.49
C PRO A 16 -1.37 -10.51 6.53
N THR A 17 -1.91 -10.03 5.40
CA THR A 17 -3.33 -9.74 5.32
C THR A 17 -3.76 -9.60 3.86
N THR A 18 -5.06 -9.82 3.61
CA THR A 18 -5.59 -9.73 2.26
C THR A 18 -5.91 -8.27 1.90
N ARG A 19 -5.78 -7.38 2.88
CA ARG A 19 -6.04 -5.97 2.67
C ARG A 19 -4.77 -5.15 2.80
N LEU A 20 -4.29 -4.62 1.67
CA LEU A 20 -3.07 -3.82 1.67
C LEU A 20 -3.41 -2.33 1.69
N TRP A 21 -2.55 -1.55 2.36
CA TRP A 21 -2.76 -0.11 2.46
C TRP A 21 -1.70 0.65 1.67
N VAL A 22 -2.15 1.60 0.85
CA VAL A 22 -1.23 2.39 0.04
C VAL A 22 -1.33 3.88 0.40
N GLY A 23 -0.22 4.45 0.83
CA GLY A 23 -0.21 5.85 1.19
C GLY A 23 0.85 6.64 0.44
N GLY A 24 0.68 7.95 0.36
CA GLY A 24 1.63 8.79 -0.34
C GLY A 24 1.26 9.00 -1.80
N LEU A 25 -0.04 9.03 -2.08
CA LEU A 25 -0.53 9.23 -3.43
C LEU A 25 -0.46 10.69 -3.83
N GLY A 26 0.27 10.98 -4.91
CA GLY A 26 0.40 12.34 -5.37
C GLY A 26 -0.63 12.71 -6.42
N PRO A 27 -0.62 13.97 -6.85
CA PRO A 27 -1.55 14.47 -7.87
C PRO A 27 -1.27 13.89 -9.25
N ASN A 28 -0.21 13.09 -9.35
CA ASN A 28 0.15 12.47 -10.62
C ASN A 28 -0.36 11.03 -10.68
N THR A 29 -0.19 10.29 -9.59
CA THR A 29 -0.63 8.90 -9.52
C THR A 29 -2.13 8.78 -9.80
N SER A 30 -2.49 7.89 -10.71
CA SER A 30 -3.89 7.70 -11.07
C SER A 30 -4.34 6.28 -10.71
N LEU A 31 -5.56 6.16 -10.20
CA LEU A 31 -6.11 4.87 -9.82
C LEU A 31 -5.81 3.82 -10.89
N ALA A 32 -6.39 4.00 -12.07
CA ALA A 32 -6.18 3.06 -13.17
C ALA A 32 -4.76 2.53 -13.17
N ALA A 33 -3.79 3.44 -13.23
CA ALA A 33 -2.38 3.06 -13.25
C ALA A 33 -2.09 2.02 -12.17
N LEU A 34 -2.38 2.36 -10.92
CA LEU A 34 -2.15 1.46 -9.80
C LEU A 34 -2.93 0.16 -9.98
N ALA A 35 -4.23 0.28 -10.14
CA ALA A 35 -5.09 -0.89 -10.33
C ALA A 35 -4.46 -1.88 -11.30
N ARG A 36 -3.64 -1.37 -12.21
CA ARG A 36 -2.98 -2.22 -13.19
C ARG A 36 -1.71 -2.84 -12.61
N GLU A 37 -0.97 -2.05 -11.84
CA GLU A 37 0.26 -2.52 -11.22
C GLU A 37 -0.03 -3.58 -10.16
N PHE A 38 -1.08 -3.35 -9.39
CA PHE A 38 -1.47 -4.29 -8.34
C PHE A 38 -2.16 -5.52 -8.92
N ASP A 39 -3.07 -5.29 -9.86
CA ASP A 39 -3.79 -6.38 -10.50
C ASP A 39 -2.83 -7.43 -11.04
N ARG A 40 -1.71 -6.98 -11.59
CA ARG A 40 -0.71 -7.88 -12.14
C ARG A 40 -0.54 -9.11 -11.26
N PHE A 41 -0.16 -8.89 -10.02
CA PHE A 41 0.04 -9.99 -9.07
C PHE A 41 -1.21 -10.86 -8.99
N GLY A 42 -2.32 -10.27 -8.55
CA GLY A 42 -3.56 -11.01 -8.43
C GLY A 42 -4.77 -10.16 -8.72
N SER A 43 -5.95 -10.70 -8.46
CA SER A 43 -7.20 -9.98 -8.69
C SER A 43 -7.52 -9.05 -7.54
N ILE A 44 -7.97 -7.84 -7.87
CA ILE A 44 -8.30 -6.84 -6.86
C ILE A 44 -9.81 -6.80 -6.60
N ARG A 45 -10.19 -6.74 -5.34
CA ARG A 45 -11.60 -6.71 -4.96
C ARG A 45 -12.17 -5.29 -5.15
N THR A 46 -11.56 -4.33 -4.48
CA THR A 46 -12.00 -2.94 -4.56
C THR A 46 -10.92 -1.98 -4.08
N ILE A 47 -11.09 -0.69 -4.37
CA ILE A 47 -10.13 0.32 -3.96
C ILE A 47 -10.83 1.57 -3.48
N ASP A 48 -10.38 2.09 -2.34
CA ASP A 48 -10.96 3.30 -1.77
C ASP A 48 -10.23 4.55 -2.24
N HIS A 49 -10.99 5.54 -2.70
CA HIS A 49 -10.40 6.78 -3.18
C HIS A 49 -10.72 7.94 -2.24
N VAL A 50 -9.67 8.58 -1.73
CA VAL A 50 -9.84 9.71 -0.81
C VAL A 50 -8.69 10.71 -0.96
N LYS A 51 -9.04 11.95 -1.29
CA LYS A 51 -8.04 13.00 -1.46
C LYS A 51 -7.72 13.66 -0.12
N GLY A 52 -8.74 13.85 0.70
CA GLY A 52 -8.56 14.47 2.00
C GLY A 52 -7.37 13.90 2.75
N ASP A 53 -7.34 12.57 2.87
CA ASP A 53 -6.26 11.90 3.58
C ASP A 53 -5.21 11.39 2.59
N SER A 54 -5.65 11.09 1.38
CA SER A 54 -4.75 10.57 0.35
C SER A 54 -4.34 9.13 0.64
N PHE A 55 -5.32 8.31 0.99
CA PHE A 55 -5.07 6.91 1.30
C PHE A 55 -5.90 6.00 0.40
N ALA A 56 -5.34 4.84 0.07
CA ALA A 56 -6.03 3.88 -0.78
C ALA A 56 -5.84 2.45 -0.27
N TYR A 57 -6.94 1.71 -0.15
CA TYR A 57 -6.89 0.34 0.32
C TYR A 57 -7.17 -0.64 -0.81
N ILE A 58 -6.24 -1.56 -1.03
CA ILE A 58 -6.40 -2.57 -2.08
C ILE A 58 -6.63 -3.95 -1.49
N GLN A 59 -7.72 -4.58 -1.89
CA GLN A 59 -8.07 -5.91 -1.39
C GLN A 59 -7.77 -6.97 -2.46
N TYR A 60 -7.33 -8.15 -2.01
CA TYR A 60 -7.02 -9.24 -2.92
C TYR A 60 -7.88 -10.46 -2.63
N GLU A 61 -8.29 -11.16 -3.68
CA GLU A 61 -9.12 -12.34 -3.53
C GLU A 61 -8.35 -13.48 -2.86
N SER A 62 -7.03 -13.37 -2.88
CA SER A 62 -6.16 -14.38 -2.28
C SER A 62 -5.03 -13.73 -1.50
N LEU A 63 -4.95 -14.05 -0.22
CA LEU A 63 -3.91 -13.50 0.65
C LEU A 63 -2.54 -13.64 -0.01
N ASP A 64 -2.12 -14.87 -0.24
CA ASP A 64 -0.82 -15.14 -0.87
C ASP A 64 -0.48 -14.05 -1.89
N ALA A 65 -1.45 -13.73 -2.74
CA ALA A 65 -1.26 -12.71 -3.76
C ALA A 65 -1.00 -11.34 -3.13
N ALA A 66 -1.80 -11.00 -2.13
CA ALA A 66 -1.66 -9.72 -1.45
C ALA A 66 -0.23 -9.52 -0.95
N GLN A 67 0.27 -10.49 -0.19
CA GLN A 67 1.62 -10.41 0.36
C GLN A 67 2.62 -10.04 -0.73
N ALA A 68 2.56 -10.76 -1.85
CA ALA A 68 3.47 -10.50 -2.96
C ALA A 68 3.61 -9.01 -3.22
N ALA A 69 2.49 -8.35 -3.47
CA ALA A 69 2.48 -6.91 -3.73
C ALA A 69 3.00 -6.13 -2.53
N CYS A 70 2.50 -6.46 -1.36
CA CYS A 70 2.91 -5.80 -0.12
C CYS A 70 4.43 -5.63 -0.08
N ALA A 71 5.15 -6.61 -0.63
CA ALA A 71 6.60 -6.58 -0.64
C ALA A 71 7.11 -5.90 -1.91
N LYS A 72 6.89 -6.54 -3.06
CA LYS A 72 7.32 -6.00 -4.33
C LYS A 72 7.04 -4.50 -4.42
N MET A 73 5.77 -4.14 -4.21
CA MET A 73 5.36 -2.74 -4.27
C MET A 73 6.16 -1.91 -3.27
N ARG A 74 6.47 -2.49 -2.12
CA ARG A 74 7.23 -1.79 -1.09
C ARG A 74 8.50 -1.18 -1.66
N GLY A 75 8.50 0.13 -1.84
CA GLY A 75 9.64 0.82 -2.39
C GLY A 75 9.58 0.96 -3.90
N PHE A 76 8.36 1.07 -4.42
CA PHE A 76 8.16 1.21 -5.86
C PHE A 76 8.55 2.61 -6.33
N PRO A 77 9.19 2.69 -7.50
CA PRO A 77 9.63 3.95 -8.10
C PRO A 77 8.47 4.81 -8.56
N LEU A 78 7.25 4.36 -8.28
CA LEU A 78 6.05 5.08 -8.67
C LEU A 78 6.29 6.60 -8.63
N GLY A 79 6.59 7.17 -9.78
CA GLY A 79 6.83 8.61 -9.86
C GLY A 79 8.29 8.93 -10.08
N GLY A 80 8.87 9.70 -9.16
CA GLY A 80 10.27 10.07 -9.28
C GLY A 80 11.17 9.25 -8.37
N PRO A 81 12.47 9.55 -8.40
CA PRO A 81 13.47 8.84 -7.58
C PRO A 81 13.34 9.15 -6.11
N ASP A 82 12.53 10.16 -5.79
CA ASP A 82 12.31 10.57 -4.41
C ASP A 82 10.96 10.09 -3.90
N ARG A 83 9.97 10.06 -4.79
CA ARG A 83 8.63 9.62 -4.44
C ARG A 83 8.52 8.10 -4.50
N ARG A 84 8.30 7.48 -3.34
CA ARG A 84 8.17 6.03 -3.27
C ARG A 84 6.87 5.63 -2.61
N LEU A 85 6.29 4.52 -3.05
CA LEU A 85 5.03 4.03 -2.50
C LEU A 85 5.25 3.40 -1.13
N ARG A 86 4.27 3.55 -0.25
CA ARG A 86 4.36 3.00 1.09
C ARG A 86 3.24 1.98 1.33
N VAL A 87 3.64 0.71 1.43
CA VAL A 87 2.67 -0.37 1.66
C VAL A 87 2.93 -1.06 3.00
N ASP A 88 1.88 -1.16 3.81
CA ASP A 88 1.99 -1.79 5.12
C ASP A 88 0.77 -2.66 5.41
N PHE A 89 1.00 -3.87 5.90
CA PHE A 89 -0.08 -4.79 6.21
C PHE A 89 -1.06 -4.16 7.20
N ALA A 90 -2.33 -4.17 6.85
CA ALA A 90 -3.37 -3.60 7.71
C ALA A 90 -4.16 -4.70 8.42
N LYS A 91 -4.52 -4.45 9.67
CA LYS A 91 -5.26 -5.41 10.47
C LYS A 91 -6.76 -5.10 10.42
N SER A 92 -7.57 -6.14 10.24
CA SER A 92 -9.01 -5.98 10.17
C SER A 92 -9.56 -5.46 11.50
N GLY A 93 -9.34 -6.23 12.56
CA GLY A 93 -9.81 -5.84 13.88
C GLY A 93 -8.91 -6.32 14.99
N PRO A 94 -9.16 -5.83 16.21
CA PRO A 94 -8.37 -6.21 17.39
C PRO A 94 -8.61 -7.66 17.82
N SER A 95 -9.67 -8.25 17.28
CA SER A 95 -10.02 -9.63 17.60
C SER A 95 -11.14 -10.15 16.70
N SER A 96 -11.10 -11.44 16.41
CA SER A 96 -12.11 -12.06 15.56
C SER A 96 -12.98 -13.03 16.35
N GLY A 97 -14.05 -13.51 15.71
CA GLY A 97 -14.95 -14.44 16.37
C GLY A 97 -16.18 -13.76 16.91
N GLY A 1 26.01 22.88 9.18
CA GLY A 1 25.73 21.56 8.66
C GLY A 1 24.95 20.70 9.64
N SER A 2 23.89 20.07 9.15
CA SER A 2 23.05 19.22 10.00
C SER A 2 22.30 18.20 9.16
N SER A 3 22.08 17.02 9.73
CA SER A 3 21.37 15.95 9.04
C SER A 3 20.76 14.97 10.04
N GLY A 4 19.98 14.02 9.52
CA GLY A 4 19.34 13.04 10.38
C GLY A 4 18.85 11.83 9.60
N SER A 5 18.46 10.79 10.33
CA SER A 5 17.97 9.56 9.71
C SER A 5 17.31 8.65 10.73
N SER A 6 15.99 8.46 10.60
CA SER A 6 15.25 7.62 11.53
C SER A 6 14.29 6.71 10.77
N GLY A 7 14.04 5.54 11.33
CA GLY A 7 13.13 4.59 10.69
C GLY A 7 13.86 3.45 10.02
N LYS A 8 14.53 2.62 10.82
CA LYS A 8 15.27 1.47 10.29
C LYS A 8 14.32 0.37 9.83
N ILE A 9 13.94 0.42 8.55
CA ILE A 9 13.06 -0.57 7.99
C ILE A 9 11.99 -0.99 9.00
N GLY A 10 11.43 -0.02 9.70
CA GLY A 10 10.40 -0.31 10.69
C GLY A 10 10.96 -1.01 11.91
N TYR A 11 10.20 -0.99 13.00
CA TYR A 11 10.62 -1.62 14.24
C TYR A 11 10.06 -3.02 14.35
N GLY A 12 10.11 -3.77 13.25
CA GLY A 12 9.62 -5.13 13.25
C GLY A 12 8.88 -5.47 11.97
N LYS A 13 7.75 -6.15 12.10
CA LYS A 13 6.94 -6.54 10.94
C LYS A 13 5.49 -6.78 11.35
N ALA A 14 4.59 -6.66 10.39
CA ALA A 14 3.17 -6.87 10.64
C ALA A 14 2.69 -8.19 10.04
N ASN A 15 1.47 -8.58 10.37
CA ASN A 15 0.90 -9.83 9.87
C ASN A 15 0.28 -9.61 8.49
N PRO A 16 0.45 -10.61 7.60
CA PRO A 16 -0.08 -10.56 6.24
C PRO A 16 -1.60 -10.66 6.21
N THR A 17 -2.21 -10.17 5.13
CA THR A 17 -3.65 -10.22 4.98
C THR A 17 -4.06 -9.90 3.55
N THR A 18 -5.35 -10.07 3.25
CA THR A 18 -5.87 -9.80 1.91
C THR A 18 -6.20 -8.33 1.75
N ARG A 19 -5.41 -7.46 2.39
CA ARG A 19 -5.64 -6.03 2.31
C ARG A 19 -4.34 -5.26 2.59
N LEU A 20 -3.96 -4.38 1.68
CA LEU A 20 -2.74 -3.59 1.84
C LEU A 20 -3.07 -2.11 1.95
N TRP A 21 -2.21 -1.37 2.65
CA TRP A 21 -2.41 0.06 2.83
C TRP A 21 -1.43 0.86 1.97
N VAL A 22 -1.97 1.61 1.01
CA VAL A 22 -1.15 2.43 0.12
C VAL A 22 -1.27 3.91 0.45
N GLY A 23 -0.16 4.52 0.84
CA GLY A 23 -0.17 5.93 1.18
C GLY A 23 0.81 6.73 0.35
N GLY A 24 0.83 8.05 0.56
CA GLY A 24 1.74 8.90 -0.18
C GLY A 24 1.36 9.02 -1.64
N LEU A 25 0.10 9.38 -1.90
CA LEU A 25 -0.39 9.52 -3.26
C LEU A 25 -0.55 11.00 -3.63
N GLY A 26 -0.13 11.34 -4.84
CA GLY A 26 -0.23 12.72 -5.30
C GLY A 26 -1.20 12.88 -6.46
N PRO A 27 -1.13 14.04 -7.12
CA PRO A 27 -2.01 14.35 -8.26
C PRO A 27 -1.67 13.50 -9.49
N ASN A 28 -0.38 13.23 -9.68
CA ASN A 28 0.08 12.44 -10.81
C ASN A 28 -0.47 11.01 -10.73
N THR A 29 -0.17 10.33 -9.63
CA THR A 29 -0.63 8.96 -9.42
C THR A 29 -2.11 8.83 -9.75
N SER A 30 -2.43 7.91 -10.66
CA SER A 30 -3.81 7.67 -11.06
C SER A 30 -4.27 6.28 -10.64
N LEU A 31 -5.51 6.21 -10.13
CA LEU A 31 -6.07 4.94 -9.67
C LEU A 31 -5.67 3.81 -10.61
N ALA A 32 -6.15 3.86 -11.84
CA ALA A 32 -5.84 2.83 -12.84
C ALA A 32 -4.37 2.45 -12.77
N ALA A 33 -3.49 3.43 -12.88
CA ALA A 33 -2.05 3.19 -12.82
C ALA A 33 -1.71 2.13 -11.79
N LEU A 34 -1.97 2.44 -10.52
CA LEU A 34 -1.69 1.52 -9.44
C LEU A 34 -2.47 0.21 -9.60
N ALA A 35 -3.80 0.34 -9.64
CA ALA A 35 -4.67 -0.83 -9.80
C ALA A 35 -4.05 -1.84 -10.75
N ARG A 36 -3.58 -1.37 -11.89
CA ARG A 36 -2.96 -2.23 -12.89
C ARG A 36 -1.77 -2.98 -12.30
N GLU A 37 -0.78 -2.23 -11.82
CA GLU A 37 0.41 -2.82 -11.23
C GLU A 37 0.04 -3.82 -10.15
N PHE A 38 -0.86 -3.43 -9.26
CA PHE A 38 -1.30 -4.29 -8.17
C PHE A 38 -2.02 -5.53 -8.72
N ASP A 39 -2.81 -5.33 -9.77
CA ASP A 39 -3.55 -6.43 -10.38
C ASP A 39 -2.60 -7.53 -10.85
N ARG A 40 -1.59 -7.15 -11.63
CA ARG A 40 -0.63 -8.10 -12.14
C ARG A 40 -0.36 -9.21 -11.12
N PHE A 41 -0.29 -8.84 -9.85
CA PHE A 41 -0.05 -9.80 -8.78
C PHE A 41 -1.25 -10.72 -8.59
N GLY A 42 -2.43 -10.12 -8.41
CA GLY A 42 -3.64 -10.89 -8.22
C GLY A 42 -4.90 -10.07 -8.43
N SER A 43 -6.03 -10.75 -8.51
CA SER A 43 -7.30 -10.07 -8.72
C SER A 43 -7.59 -9.08 -7.59
N ILE A 44 -8.20 -7.95 -7.94
CA ILE A 44 -8.52 -6.92 -6.95
C ILE A 44 -10.03 -6.80 -6.78
N ARG A 45 -10.47 -6.83 -5.52
CA ARG A 45 -11.90 -6.72 -5.21
C ARG A 45 -12.38 -5.29 -5.42
N THR A 46 -11.76 -4.34 -4.73
CA THR A 46 -12.14 -2.95 -4.84
C THR A 46 -11.04 -2.03 -4.28
N ILE A 47 -11.06 -0.77 -4.69
CA ILE A 47 -10.07 0.20 -4.24
C ILE A 47 -10.73 1.50 -3.81
N ASP A 48 -10.53 1.87 -2.55
CA ASP A 48 -11.11 3.11 -2.02
C ASP A 48 -10.14 4.27 -2.18
N HIS A 49 -10.63 5.37 -2.75
CA HIS A 49 -9.80 6.56 -2.96
C HIS A 49 -10.22 7.67 -2.00
N VAL A 50 -9.25 8.51 -1.62
CA VAL A 50 -9.51 9.62 -0.72
C VAL A 50 -8.58 10.79 -1.01
N LYS A 51 -9.12 12.01 -0.95
CA LYS A 51 -8.35 13.21 -1.21
C LYS A 51 -7.74 13.75 0.08
N GLY A 52 -8.60 13.97 1.08
CA GLY A 52 -8.12 14.48 2.35
C GLY A 52 -6.98 13.65 2.93
N ASP A 53 -7.28 12.40 3.24
CA ASP A 53 -6.28 11.50 3.81
C ASP A 53 -5.21 11.15 2.77
N SER A 54 -5.65 10.93 1.53
CA SER A 54 -4.75 10.58 0.45
C SER A 54 -4.26 9.14 0.59
N PHE A 55 -5.16 8.26 1.00
CA PHE A 55 -4.82 6.85 1.18
C PHE A 55 -5.65 5.97 0.25
N ALA A 56 -5.16 4.76 -0.01
CA ALA A 56 -5.85 3.82 -0.88
C ALA A 56 -5.74 2.40 -0.34
N TYR A 57 -6.88 1.72 -0.26
CA TYR A 57 -6.91 0.35 0.24
C TYR A 57 -7.18 -0.64 -0.89
N ILE A 58 -6.33 -1.65 -0.99
CA ILE A 58 -6.47 -2.67 -2.03
C ILE A 58 -6.78 -4.04 -1.43
N GLN A 59 -7.88 -4.63 -1.88
CA GLN A 59 -8.30 -5.94 -1.38
C GLN A 59 -8.06 -7.02 -2.43
N TYR A 60 -7.39 -8.09 -2.03
CA TYR A 60 -7.10 -9.20 -2.94
C TYR A 60 -7.98 -10.40 -2.64
N GLU A 61 -8.30 -11.17 -3.67
CA GLU A 61 -9.14 -12.35 -3.52
C GLU A 61 -8.36 -13.50 -2.88
N SER A 62 -7.06 -13.30 -2.73
CA SER A 62 -6.19 -14.31 -2.13
C SER A 62 -5.10 -13.67 -1.29
N LEU A 63 -4.96 -14.13 -0.05
CA LEU A 63 -3.96 -13.60 0.86
C LEU A 63 -2.55 -13.78 0.28
N ASP A 64 -2.30 -14.96 -0.27
CA ASP A 64 -0.99 -15.25 -0.86
C ASP A 64 -0.61 -14.18 -1.89
N ALA A 65 -1.58 -13.75 -2.69
CA ALA A 65 -1.34 -12.74 -3.70
C ALA A 65 -1.08 -11.38 -3.06
N ALA A 66 -1.89 -11.04 -2.06
CA ALA A 66 -1.75 -9.77 -1.37
C ALA A 66 -0.33 -9.61 -0.79
N GLN A 67 0.20 -10.70 -0.26
CA GLN A 67 1.54 -10.67 0.32
C GLN A 67 2.58 -10.28 -0.72
N ALA A 68 2.56 -10.99 -1.85
CA ALA A 68 3.51 -10.70 -2.92
C ALA A 68 3.60 -9.21 -3.21
N ALA A 69 2.48 -8.61 -3.60
CA ALA A 69 2.43 -7.19 -3.90
C ALA A 69 2.89 -6.37 -2.70
N CYS A 70 2.38 -6.71 -1.52
CA CYS A 70 2.75 -6.00 -0.30
C CYS A 70 4.24 -5.69 -0.27
N ALA A 71 5.05 -6.69 -0.58
CA ALA A 71 6.50 -6.53 -0.60
C ALA A 71 6.97 -5.83 -1.87
N LYS A 72 6.74 -6.48 -3.00
CA LYS A 72 7.14 -5.92 -4.30
C LYS A 72 6.81 -4.44 -4.37
N MET A 73 5.53 -4.11 -4.21
CA MET A 73 5.09 -2.72 -4.26
C MET A 73 5.86 -1.87 -3.26
N ARG A 74 6.08 -2.41 -2.07
CA ARG A 74 6.80 -1.69 -1.03
C ARG A 74 7.98 -0.92 -1.62
N GLY A 75 7.91 0.41 -1.51
CA GLY A 75 8.98 1.25 -2.05
C GLY A 75 9.06 1.19 -3.56
N PHE A 76 7.97 1.58 -4.22
CA PHE A 76 7.92 1.58 -5.68
C PHE A 76 8.55 2.85 -6.25
N PRO A 77 9.29 2.70 -7.35
CA PRO A 77 9.96 3.82 -8.02
C PRO A 77 8.96 4.76 -8.70
N LEU A 78 7.67 4.50 -8.50
CA LEU A 78 6.62 5.33 -9.09
C LEU A 78 7.06 6.79 -9.17
N GLY A 79 6.61 7.47 -10.21
CA GLY A 79 6.96 8.87 -10.38
C GLY A 79 8.45 9.08 -10.53
N GLY A 80 9.05 9.77 -9.55
CA GLY A 80 10.48 10.03 -9.60
C GLY A 80 11.24 9.21 -8.58
N PRO A 81 12.57 9.41 -8.54
CA PRO A 81 13.45 8.69 -7.60
C PRO A 81 13.23 9.14 -6.15
N ASP A 82 12.34 10.11 -5.96
CA ASP A 82 12.06 10.63 -4.63
C ASP A 82 10.69 10.13 -4.15
N ARG A 83 9.72 10.13 -5.05
CA ARG A 83 8.37 9.68 -4.71
C ARG A 83 8.30 8.16 -4.69
N ARG A 84 8.21 7.60 -3.49
CA ARG A 84 8.13 6.15 -3.33
C ARG A 84 6.81 5.74 -2.66
N LEU A 85 6.24 4.64 -3.13
CA LEU A 85 4.97 4.16 -2.58
C LEU A 85 5.19 3.49 -1.23
N ARG A 86 4.25 3.71 -0.32
CA ARG A 86 4.34 3.14 1.03
C ARG A 86 3.26 2.08 1.23
N VAL A 87 3.66 0.81 1.19
CA VAL A 87 2.72 -0.29 1.38
C VAL A 87 2.92 -0.97 2.72
N ASP A 88 1.85 -1.05 3.50
CA ASP A 88 1.92 -1.67 4.82
C ASP A 88 0.70 -2.56 5.06
N PHE A 89 0.95 -3.83 5.37
CA PHE A 89 -0.12 -4.79 5.62
C PHE A 89 -1.22 -4.15 6.48
N ALA A 90 -2.43 -4.13 5.97
CA ALA A 90 -3.57 -3.57 6.69
C ALA A 90 -4.46 -4.67 7.26
N LYS A 91 -4.11 -5.16 8.43
CA LYS A 91 -4.87 -6.21 9.10
C LYS A 91 -5.98 -5.62 9.96
N SER A 92 -7.20 -6.14 9.80
CA SER A 92 -8.35 -5.66 10.56
C SER A 92 -9.02 -6.80 11.31
N GLY A 93 -10.01 -6.46 12.13
CA GLY A 93 -10.71 -7.48 12.89
C GLY A 93 -12.19 -7.53 12.55
N PRO A 94 -12.54 -8.31 11.52
CA PRO A 94 -13.92 -8.47 11.06
C PRO A 94 -14.78 -9.24 12.07
N SER A 95 -15.99 -8.76 12.31
CA SER A 95 -16.90 -9.41 13.24
C SER A 95 -17.16 -10.85 12.84
N SER A 96 -16.57 -11.79 13.57
CA SER A 96 -16.73 -13.21 13.29
C SER A 96 -18.19 -13.63 13.43
N GLY A 97 -18.69 -14.35 12.43
CA GLY A 97 -20.08 -14.80 12.45
C GLY A 97 -20.55 -15.12 13.86
N GLY A 1 32.09 20.17 9.55
CA GLY A 1 31.12 19.63 8.63
C GLY A 1 29.79 19.34 9.30
N SER A 2 29.32 18.11 9.18
CA SER A 2 28.05 17.71 9.78
C SER A 2 28.27 16.82 10.99
N SER A 3 27.32 16.84 11.92
CA SER A 3 27.42 16.03 13.14
C SER A 3 26.57 14.77 13.01
N GLY A 4 26.63 14.13 11.85
CA GLY A 4 25.86 12.92 11.63
C GLY A 4 24.80 13.09 10.55
N SER A 5 23.65 13.62 10.94
CA SER A 5 22.55 13.82 10.01
C SER A 5 22.16 12.52 9.33
N SER A 6 22.05 11.46 10.11
CA SER A 6 21.69 10.15 9.59
C SER A 6 20.31 9.73 10.09
N GLY A 7 19.83 8.60 9.58
CA GLY A 7 18.53 8.10 9.98
C GLY A 7 18.42 6.59 9.86
N LYS A 8 17.63 5.98 10.75
CA LYS A 8 17.44 4.54 10.73
C LYS A 8 15.96 4.18 10.73
N ILE A 9 15.40 4.01 9.54
CA ILE A 9 13.99 3.65 9.39
C ILE A 9 13.80 2.53 8.38
N GLY A 10 12.86 1.64 8.67
CA GLY A 10 12.60 0.52 7.78
C GLY A 10 12.08 -0.70 8.51
N TYR A 11 11.16 -0.48 9.45
CA TYR A 11 10.58 -1.56 10.22
C TYR A 11 9.17 -1.21 10.68
N GLY A 12 8.18 -1.94 10.15
CA GLY A 12 6.80 -1.70 10.50
C GLY A 12 5.88 -2.81 10.07
N LYS A 13 6.04 -3.99 10.68
CA LYS A 13 5.22 -5.14 10.35
C LYS A 13 4.05 -5.28 11.32
N ALA A 14 2.88 -5.64 10.80
CA ALA A 14 1.70 -5.81 11.63
C ALA A 14 1.15 -7.23 11.52
N ASN A 15 0.56 -7.53 10.36
CA ASN A 15 0.00 -8.86 10.12
C ASN A 15 -0.41 -9.02 8.67
N PRO A 16 -0.16 -10.23 8.11
CA PRO A 16 -0.49 -10.53 6.72
C PRO A 16 -2.00 -10.63 6.49
N THR A 17 -2.46 -10.09 5.37
CA THR A 17 -3.88 -10.12 5.03
C THR A 17 -4.12 -9.61 3.61
N THR A 18 -5.29 -9.91 3.08
CA THR A 18 -5.65 -9.49 1.72
C THR A 18 -5.65 -7.97 1.60
N ARG A 19 -6.06 -7.30 2.67
CA ARG A 19 -6.13 -5.85 2.68
C ARG A 19 -4.73 -5.25 2.83
N LEU A 20 -4.47 -4.17 2.10
CA LEU A 20 -3.17 -3.50 2.16
C LEU A 20 -3.34 -1.99 2.28
N TRP A 21 -2.39 -1.35 2.94
CA TRP A 21 -2.43 0.10 3.13
C TRP A 21 -1.45 0.80 2.19
N VAL A 22 -1.99 1.60 1.28
CA VAL A 22 -1.16 2.32 0.31
C VAL A 22 -1.26 3.83 0.53
N GLY A 23 -0.13 4.45 0.86
CA GLY A 23 -0.12 5.87 1.09
C GLY A 23 0.74 6.62 0.09
N GLY A 24 1.10 7.85 0.41
CA GLY A 24 1.92 8.64 -0.48
C GLY A 24 1.26 8.89 -1.82
N LEU A 25 0.06 9.42 -1.80
CA LEU A 25 -0.68 9.70 -3.02
C LEU A 25 -0.75 11.19 -3.30
N GLY A 26 -0.92 11.55 -4.57
CA GLY A 26 -1.00 12.95 -4.94
C GLY A 26 -2.14 13.23 -5.91
N PRO A 27 -2.29 14.51 -6.29
CA PRO A 27 -3.34 14.94 -7.21
C PRO A 27 -3.09 14.45 -8.64
N ASN A 28 -1.95 13.81 -8.84
CA ASN A 28 -1.59 13.29 -10.16
C ASN A 28 -1.89 11.80 -10.26
N THR A 29 -1.42 11.04 -9.27
CA THR A 29 -1.65 9.60 -9.24
C THR A 29 -3.09 9.26 -9.57
N SER A 30 -3.29 8.19 -10.33
CA SER A 30 -4.62 7.75 -10.72
C SER A 30 -4.89 6.32 -10.26
N LEU A 31 -6.15 5.98 -10.13
CA LEU A 31 -6.55 4.63 -9.70
C LEU A 31 -6.16 3.60 -10.75
N ALA A 32 -6.50 3.87 -12.01
CA ALA A 32 -6.18 2.96 -13.11
C ALA A 32 -4.71 2.57 -13.08
N ALA A 33 -3.84 3.55 -12.90
CA ALA A 33 -2.41 3.32 -12.86
C ALA A 33 -2.06 2.22 -11.85
N LEU A 34 -2.47 2.42 -10.61
CA LEU A 34 -2.20 1.45 -9.55
C LEU A 34 -3.00 0.17 -9.79
N ALA A 35 -4.32 0.27 -9.70
CA ALA A 35 -5.19 -0.88 -9.90
C ALA A 35 -4.61 -1.83 -10.95
N ARG A 36 -4.14 -1.26 -12.05
CA ARG A 36 -3.56 -2.06 -13.13
C ARG A 36 -2.26 -2.73 -12.68
N GLU A 37 -1.36 -1.94 -12.11
CA GLU A 37 -0.09 -2.46 -11.64
C GLU A 37 -0.30 -3.58 -10.63
N PHE A 38 -0.88 -3.24 -9.48
CA PHE A 38 -1.14 -4.22 -8.43
C PHE A 38 -1.75 -5.49 -9.01
N ASP A 39 -2.62 -5.32 -10.00
CA ASP A 39 -3.28 -6.45 -10.65
C ASP A 39 -2.27 -7.53 -11.01
N ARG A 40 -1.08 -7.11 -11.42
CA ARG A 40 -0.03 -8.05 -11.80
C ARG A 40 -0.03 -9.26 -10.87
N PHE A 41 -0.06 -9.00 -9.57
CA PHE A 41 -0.05 -10.07 -8.57
C PHE A 41 -1.36 -10.86 -8.62
N GLY A 42 -2.46 -10.19 -8.28
CA GLY A 42 -3.75 -10.85 -8.29
C GLY A 42 -4.87 -9.92 -8.70
N SER A 43 -6.07 -10.46 -8.85
CA SER A 43 -7.23 -9.67 -9.24
C SER A 43 -7.73 -8.83 -8.08
N ILE A 44 -7.72 -7.51 -8.26
CA ILE A 44 -8.17 -6.59 -7.23
C ILE A 44 -9.69 -6.52 -7.18
N ARG A 45 -10.26 -6.74 -6.01
CA ARG A 45 -11.70 -6.70 -5.83
C ARG A 45 -12.23 -5.28 -5.95
N THR A 46 -11.65 -4.37 -5.16
CA THR A 46 -12.07 -2.98 -5.18
C THR A 46 -11.06 -2.10 -4.44
N ILE A 47 -11.06 -0.81 -4.76
CA ILE A 47 -10.15 0.14 -4.13
C ILE A 47 -10.86 1.45 -3.82
N ASP A 48 -10.56 2.01 -2.64
CA ASP A 48 -11.17 3.27 -2.24
C ASP A 48 -10.28 4.46 -2.62
N HIS A 49 -10.86 5.42 -3.32
CA HIS A 49 -10.13 6.61 -3.76
C HIS A 49 -10.55 7.83 -2.97
N VAL A 50 -9.63 8.39 -2.20
CA VAL A 50 -9.91 9.57 -1.39
C VAL A 50 -8.79 10.60 -1.51
N LYS A 51 -9.17 11.88 -1.50
CA LYS A 51 -8.20 12.96 -1.62
C LYS A 51 -7.68 13.37 -0.24
N GLY A 52 -8.59 13.76 0.64
CA GLY A 52 -8.19 14.17 1.98
C GLY A 52 -7.34 13.13 2.68
N ASP A 53 -7.90 11.94 2.88
CA ASP A 53 -7.17 10.85 3.53
C ASP A 53 -5.75 10.77 3.02
N SER A 54 -5.58 10.95 1.72
CA SER A 54 -4.26 10.89 1.10
C SER A 54 -3.72 9.46 1.11
N PHE A 55 -4.64 8.49 1.12
CA PHE A 55 -4.26 7.08 1.13
C PHE A 55 -5.34 6.23 0.46
N ALA A 56 -5.06 4.94 0.33
CA ALA A 56 -6.00 4.01 -0.29
C ALA A 56 -5.74 2.58 0.15
N TYR A 57 -6.76 1.72 0.04
CA TYR A 57 -6.63 0.33 0.43
C TYR A 57 -6.81 -0.59 -0.77
N ILE A 58 -5.99 -1.63 -0.84
CA ILE A 58 -6.06 -2.60 -1.94
C ILE A 58 -6.61 -3.93 -1.47
N GLN A 59 -7.61 -4.44 -2.18
CA GLN A 59 -8.22 -5.72 -1.84
C GLN A 59 -7.88 -6.78 -2.87
N TYR A 60 -7.27 -7.87 -2.42
CA TYR A 60 -6.88 -8.96 -3.30
C TYR A 60 -7.82 -10.16 -3.12
N GLU A 61 -7.88 -11.00 -4.15
CA GLU A 61 -8.74 -12.19 -4.11
C GLU A 61 -8.19 -13.22 -3.12
N SER A 62 -6.87 -13.24 -2.97
CA SER A 62 -6.22 -14.18 -2.07
C SER A 62 -5.22 -13.46 -1.16
N LEU A 63 -4.97 -14.04 0.01
CA LEU A 63 -4.05 -13.45 0.97
C LEU A 63 -2.62 -13.53 0.44
N ASP A 64 -2.26 -14.66 -0.15
CA ASP A 64 -0.92 -14.86 -0.70
C ASP A 64 -0.54 -13.70 -1.60
N ALA A 65 -1.32 -13.48 -2.65
CA ALA A 65 -1.05 -12.40 -3.59
C ALA A 65 -0.80 -11.09 -2.86
N ALA A 66 -1.60 -10.83 -1.83
CA ALA A 66 -1.47 -9.60 -1.05
C ALA A 66 -0.06 -9.47 -0.48
N GLN A 67 0.43 -10.53 0.14
CA GLN A 67 1.76 -10.54 0.72
C GLN A 67 2.81 -10.19 -0.31
N ALA A 68 2.77 -10.89 -1.45
CA ALA A 68 3.73 -10.65 -2.53
C ALA A 68 3.86 -9.16 -2.83
N ALA A 69 2.75 -8.53 -3.18
CA ALA A 69 2.75 -7.11 -3.49
C ALA A 69 3.17 -6.28 -2.29
N CYS A 70 2.59 -6.58 -1.13
CA CYS A 70 2.91 -5.86 0.09
C CYS A 70 4.40 -5.59 0.19
N ALA A 71 5.21 -6.57 -0.22
CA ALA A 71 6.65 -6.43 -0.18
C ALA A 71 7.18 -5.78 -1.45
N LYS A 72 7.04 -6.46 -2.58
CA LYS A 72 7.49 -5.95 -3.86
C LYS A 72 7.10 -4.49 -4.03
N MET A 73 5.80 -4.22 -4.00
CA MET A 73 5.30 -2.85 -4.13
C MET A 73 6.05 -1.90 -3.22
N ARG A 74 6.21 -2.29 -1.96
CA ARG A 74 6.91 -1.45 -0.99
C ARG A 74 8.23 -0.95 -1.56
N GLY A 75 8.26 0.34 -1.91
CA GLY A 75 9.46 0.93 -2.46
C GLY A 75 9.49 0.87 -3.98
N PHE A 76 8.37 1.20 -4.60
CA PHE A 76 8.26 1.18 -6.06
C PHE A 76 8.90 2.43 -6.66
N PRO A 77 9.58 2.25 -7.79
CA PRO A 77 10.25 3.35 -8.50
C PRO A 77 9.26 4.31 -9.14
N LEU A 78 7.97 4.11 -8.86
CA LEU A 78 6.93 4.96 -9.41
C LEU A 78 7.29 6.43 -9.25
N GLY A 79 6.98 7.22 -10.28
CA GLY A 79 7.28 8.65 -10.23
C GLY A 79 8.75 8.93 -10.43
N GLY A 80 9.53 8.80 -9.36
CA GLY A 80 10.96 9.07 -9.44
C GLY A 80 11.76 8.23 -8.46
N PRO A 81 13.07 8.49 -8.39
CA PRO A 81 13.98 7.77 -7.49
C PRO A 81 13.73 8.13 -6.02
N ASP A 82 12.89 9.13 -5.80
CA ASP A 82 12.57 9.56 -4.44
C ASP A 82 11.15 9.17 -4.06
N ARG A 83 10.21 9.38 -4.98
CA ARG A 83 8.82 9.04 -4.74
C ARG A 83 8.62 7.53 -4.73
N ARG A 84 8.82 6.92 -3.56
CA ARG A 84 8.65 5.48 -3.42
C ARG A 84 7.30 5.14 -2.80
N LEU A 85 6.60 4.19 -3.41
CA LEU A 85 5.29 3.77 -2.92
C LEU A 85 5.40 3.15 -1.53
N ARG A 86 4.58 3.65 -0.61
CA ARG A 86 4.58 3.14 0.76
C ARG A 86 3.49 2.10 0.96
N VAL A 87 3.90 0.84 1.12
CA VAL A 87 2.95 -0.25 1.32
C VAL A 87 3.20 -0.95 2.65
N ASP A 88 2.16 -1.02 3.48
CA ASP A 88 2.26 -1.66 4.78
C ASP A 88 0.97 -2.41 5.12
N PHE A 89 1.12 -3.59 5.71
CA PHE A 89 -0.03 -4.41 6.08
C PHE A 89 -1.04 -3.60 6.90
N ALA A 90 -2.30 -4.02 6.85
CA ALA A 90 -3.35 -3.34 7.58
C ALA A 90 -3.96 -4.24 8.65
N LYS A 91 -4.25 -3.68 9.81
CA LYS A 91 -4.83 -4.44 10.91
C LYS A 91 -6.26 -4.86 10.58
N SER A 92 -6.40 -6.04 9.97
CA SER A 92 -7.71 -6.55 9.60
C SER A 92 -8.37 -7.27 10.77
N GLY A 93 -7.58 -8.07 11.49
CA GLY A 93 -8.09 -8.80 12.63
C GLY A 93 -9.52 -9.27 12.42
N PRO A 94 -9.67 -10.42 11.74
CA PRO A 94 -10.99 -10.99 11.46
C PRO A 94 -11.67 -11.53 12.70
N SER A 95 -10.87 -11.87 13.71
CA SER A 95 -11.39 -12.41 14.96
C SER A 95 -11.53 -11.31 16.00
N SER A 96 -10.46 -10.52 16.17
CA SER A 96 -10.46 -9.44 17.14
C SER A 96 -10.97 -8.14 16.52
N GLY A 97 -11.84 -7.44 17.24
CA GLY A 97 -12.39 -6.20 16.74
C GLY A 97 -13.59 -5.74 17.54
N GLY A 1 -5.84 24.37 14.70
CA GLY A 1 -5.65 22.97 15.00
C GLY A 1 -4.22 22.52 14.82
N SER A 2 -3.82 22.29 13.56
CA SER A 2 -2.47 21.85 13.25
C SER A 2 -2.04 20.73 14.19
N SER A 3 -2.94 19.79 14.44
CA SER A 3 -2.65 18.67 15.33
C SER A 3 -2.58 17.36 14.53
N GLY A 4 -1.48 16.63 14.74
CA GLY A 4 -1.30 15.37 14.04
C GLY A 4 -2.14 14.25 14.62
N SER A 5 -2.51 13.29 13.78
CA SER A 5 -3.32 12.17 14.21
C SER A 5 -2.45 11.07 14.83
N SER A 6 -1.50 11.48 15.65
CA SER A 6 -0.59 10.54 16.31
C SER A 6 -1.08 10.17 17.70
N GLY A 7 -0.81 8.94 18.11
CA GLY A 7 -1.24 8.49 19.42
C GLY A 7 -1.02 7.01 19.62
N LYS A 8 -1.86 6.19 19.00
CA LYS A 8 -1.76 4.74 19.11
C LYS A 8 -0.97 4.16 17.95
N ILE A 9 0.25 3.73 18.22
CA ILE A 9 1.10 3.15 17.19
C ILE A 9 0.85 1.65 17.04
N GLY A 10 0.09 1.09 17.98
CA GLY A 10 -0.21 -0.33 17.94
C GLY A 10 1.02 -1.19 17.81
N TYR A 11 2.01 -0.94 18.67
CA TYR A 11 3.25 -1.69 18.65
C TYR A 11 3.00 -3.15 18.25
N GLY A 12 3.96 -3.74 17.54
CA GLY A 12 3.83 -5.12 17.12
C GLY A 12 3.81 -5.26 15.61
N LYS A 13 4.50 -6.28 15.10
CA LYS A 13 4.57 -6.52 13.67
C LYS A 13 3.17 -6.73 13.09
N ALA A 14 2.84 -5.95 12.06
CA ALA A 14 1.53 -6.05 11.41
C ALA A 14 1.36 -7.41 10.75
N ASN A 15 0.18 -8.01 10.94
CA ASN A 15 -0.11 -9.30 10.35
C ASN A 15 -0.55 -9.17 8.89
N PRO A 16 -0.15 -10.13 8.05
CA PRO A 16 -0.50 -10.13 6.62
C PRO A 16 -1.98 -10.41 6.39
N THR A 17 -2.61 -9.56 5.59
CA THR A 17 -4.02 -9.72 5.28
C THR A 17 -4.33 -9.26 3.86
N THR A 18 -5.30 -9.91 3.22
CA THR A 18 -5.69 -9.57 1.87
C THR A 18 -5.77 -8.05 1.68
N ARG A 19 -6.21 -7.36 2.72
CA ARG A 19 -6.33 -5.90 2.67
C ARG A 19 -4.97 -5.25 2.76
N LEU A 20 -4.61 -4.50 1.72
CA LEU A 20 -3.32 -3.80 1.68
C LEU A 20 -3.51 -2.29 1.63
N TRP A 21 -2.65 -1.57 2.34
CA TRP A 21 -2.73 -0.12 2.38
C TRP A 21 -1.65 0.51 1.50
N VAL A 22 -2.01 1.61 0.83
CA VAL A 22 -1.07 2.29 -0.06
C VAL A 22 -1.17 3.80 0.13
N GLY A 23 -0.09 4.41 0.61
CA GLY A 23 -0.06 5.85 0.82
C GLY A 23 0.81 6.57 -0.18
N GLY A 24 1.24 7.77 0.16
CA GLY A 24 2.08 8.56 -0.73
C GLY A 24 1.43 8.76 -2.08
N LEU A 25 0.15 9.11 -2.08
CA LEU A 25 -0.58 9.34 -3.32
C LEU A 25 -0.94 10.81 -3.49
N GLY A 26 -0.60 11.38 -4.63
CA GLY A 26 -0.90 12.78 -4.89
C GLY A 26 -1.96 12.96 -5.96
N PRO A 27 -2.11 14.20 -6.44
CA PRO A 27 -3.10 14.54 -7.46
C PRO A 27 -2.74 13.95 -8.83
N ASN A 28 -1.60 13.28 -8.89
CA ASN A 28 -1.14 12.67 -10.13
C ASN A 28 -1.54 11.20 -10.20
N THR A 29 -1.24 10.46 -9.14
CA THR A 29 -1.57 9.05 -9.07
C THR A 29 -3.08 8.83 -9.21
N SER A 30 -3.45 7.86 -10.05
CA SER A 30 -4.86 7.55 -10.28
C SER A 30 -5.14 6.07 -10.04
N LEU A 31 -6.31 5.78 -9.48
CA LEU A 31 -6.70 4.40 -9.20
C LEU A 31 -6.18 3.46 -10.27
N ALA A 32 -6.48 3.76 -11.53
CA ALA A 32 -6.03 2.94 -12.64
C ALA A 32 -4.53 2.65 -12.55
N ALA A 33 -3.73 3.71 -12.59
CA ALA A 33 -2.28 3.58 -12.50
C ALA A 33 -1.89 2.47 -11.53
N LEU A 34 -2.43 2.55 -10.32
CA LEU A 34 -2.14 1.55 -9.29
C LEU A 34 -2.75 0.20 -9.64
N ALA A 35 -4.07 0.13 -9.57
CA ALA A 35 -4.79 -1.10 -9.90
C ALA A 35 -4.09 -1.87 -11.02
N ARG A 36 -3.95 -1.21 -12.16
CA ARG A 36 -3.31 -1.83 -13.32
C ARG A 36 -2.06 -2.59 -12.90
N GLU A 37 -1.23 -1.96 -12.07
CA GLU A 37 -0.01 -2.57 -11.60
C GLU A 37 -0.30 -3.73 -10.65
N PHE A 38 -0.86 -3.41 -9.48
CA PHE A 38 -1.20 -4.42 -8.50
C PHE A 38 -1.81 -5.65 -9.16
N ASP A 39 -2.60 -5.43 -10.20
CA ASP A 39 -3.24 -6.52 -10.92
C ASP A 39 -2.22 -7.58 -11.32
N ARG A 40 -1.08 -7.14 -11.84
CA ARG A 40 -0.02 -8.06 -12.25
C ARG A 40 0.11 -9.21 -11.28
N PHE A 41 0.20 -8.90 -9.99
CA PHE A 41 0.33 -9.92 -8.95
C PHE A 41 -0.94 -10.77 -8.87
N GLY A 42 -2.04 -10.14 -8.48
CA GLY A 42 -3.30 -10.85 -8.35
C GLY A 42 -4.49 -9.98 -8.73
N SER A 43 -5.68 -10.55 -8.60
CA SER A 43 -6.91 -9.82 -8.93
C SER A 43 -7.35 -8.95 -7.76
N ILE A 44 -7.69 -7.70 -8.06
CA ILE A 44 -8.14 -6.76 -7.04
C ILE A 44 -9.67 -6.73 -6.94
N ARG A 45 -10.17 -6.59 -5.72
CA ARG A 45 -11.62 -6.55 -5.50
C ARG A 45 -12.14 -5.11 -5.60
N THR A 46 -11.54 -4.22 -4.83
CA THR A 46 -11.95 -2.82 -4.82
C THR A 46 -10.85 -1.92 -4.25
N ILE A 47 -10.91 -0.63 -4.58
CA ILE A 47 -9.93 0.32 -4.09
C ILE A 47 -10.59 1.64 -3.70
N ASP A 48 -10.38 2.06 -2.46
CA ASP A 48 -10.95 3.32 -1.97
C ASP A 48 -10.01 4.49 -2.25
N HIS A 49 -10.55 5.53 -2.88
CA HIS A 49 -9.76 6.71 -3.20
C HIS A 49 -10.22 7.90 -2.37
N VAL A 50 -9.26 8.72 -1.95
CA VAL A 50 -9.56 9.90 -1.15
C VAL A 50 -8.48 10.96 -1.30
N LYS A 51 -8.90 12.21 -1.50
CA LYS A 51 -7.97 13.31 -1.68
C LYS A 51 -7.62 13.93 -0.33
N GLY A 52 -8.61 14.04 0.55
CA GLY A 52 -8.38 14.61 1.87
C GLY A 52 -7.24 13.94 2.60
N ASP A 53 -7.43 12.67 2.94
CA ASP A 53 -6.40 11.91 3.65
C ASP A 53 -5.29 11.47 2.71
N SER A 54 -5.66 11.17 1.46
CA SER A 54 -4.68 10.74 0.46
C SER A 54 -4.20 9.31 0.74
N PHE A 55 -5.16 8.40 0.93
CA PHE A 55 -4.82 7.01 1.21
C PHE A 55 -5.50 6.08 0.20
N ALA A 56 -5.17 4.80 0.27
CA ALA A 56 -5.73 3.80 -0.63
C ALA A 56 -5.65 2.41 -0.03
N TYR A 57 -6.64 1.57 -0.34
CA TYR A 57 -6.68 0.21 0.17
C TYR A 57 -7.03 -0.77 -0.94
N ILE A 58 -6.16 -1.75 -1.16
CA ILE A 58 -6.38 -2.76 -2.19
C ILE A 58 -6.69 -4.12 -1.57
N GLN A 59 -7.78 -4.73 -2.01
CA GLN A 59 -8.19 -6.03 -1.51
C GLN A 59 -7.93 -7.13 -2.53
N TYR A 60 -7.02 -8.04 -2.19
CA TYR A 60 -6.67 -9.13 -3.09
C TYR A 60 -7.57 -10.34 -2.85
N GLU A 61 -7.91 -11.04 -3.93
CA GLU A 61 -8.77 -12.22 -3.83
C GLU A 61 -8.24 -13.20 -2.78
N SER A 62 -6.91 -13.26 -2.66
CA SER A 62 -6.27 -14.15 -1.70
C SER A 62 -5.23 -13.40 -0.88
N LEU A 63 -4.90 -13.95 0.29
CA LEU A 63 -3.91 -13.35 1.17
C LEU A 63 -2.51 -13.45 0.57
N ASP A 64 -2.14 -14.66 0.17
CA ASP A 64 -0.83 -14.90 -0.42
C ASP A 64 -0.49 -13.83 -1.45
N ALA A 65 -1.40 -13.61 -2.39
CA ALA A 65 -1.19 -12.60 -3.43
C ALA A 65 -0.89 -11.24 -2.81
N ALA A 66 -1.61 -10.88 -1.77
CA ALA A 66 -1.42 -9.61 -1.09
C ALA A 66 0.00 -9.49 -0.54
N GLN A 67 0.47 -10.57 0.09
CA GLN A 67 1.82 -10.58 0.66
C GLN A 67 2.87 -10.30 -0.41
N ALA A 68 2.68 -10.88 -1.59
CA ALA A 68 3.60 -10.69 -2.69
C ALA A 68 3.63 -9.24 -3.15
N ALA A 69 2.49 -8.76 -3.64
CA ALA A 69 2.38 -7.38 -4.10
C ALA A 69 2.76 -6.39 -3.00
N CYS A 70 2.38 -6.72 -1.77
CA CYS A 70 2.68 -5.86 -0.63
C CYS A 70 4.18 -5.58 -0.54
N ALA A 71 4.98 -6.61 -0.76
CA ALA A 71 6.44 -6.47 -0.71
C ALA A 71 6.97 -5.82 -1.98
N LYS A 72 6.78 -6.48 -3.11
CA LYS A 72 7.24 -5.97 -4.39
C LYS A 72 6.94 -4.49 -4.52
N MET A 73 5.66 -4.14 -4.42
CA MET A 73 5.24 -2.74 -4.53
C MET A 73 5.96 -1.87 -3.51
N ARG A 74 6.18 -2.42 -2.32
CA ARG A 74 6.86 -1.70 -1.25
C ARG A 74 8.08 -0.97 -1.79
N GLY A 75 7.96 0.34 -1.95
CA GLY A 75 9.06 1.14 -2.46
C GLY A 75 9.05 1.25 -3.97
N PHE A 76 7.86 1.25 -4.55
CA PHE A 76 7.72 1.34 -6.00
C PHE A 76 8.37 2.63 -6.53
N PRO A 77 9.07 2.50 -7.67
CA PRO A 77 9.74 3.64 -8.30
C PRO A 77 8.77 4.65 -8.89
N LEU A 78 7.48 4.42 -8.65
CA LEU A 78 6.45 5.33 -9.15
C LEU A 78 6.92 6.77 -9.14
N GLY A 79 7.28 7.27 -10.32
CA GLY A 79 7.76 8.64 -10.42
C GLY A 79 9.27 8.73 -10.45
N GLY A 80 9.85 9.10 -9.31
CA GLY A 80 11.30 9.22 -9.22
C GLY A 80 11.89 8.36 -8.12
N PRO A 81 13.22 8.39 -7.99
CA PRO A 81 13.94 7.61 -6.97
C PRO A 81 13.69 8.13 -5.57
N ASP A 82 13.10 9.32 -5.47
CA ASP A 82 12.81 9.93 -4.19
C ASP A 82 11.37 9.66 -3.77
N ARG A 83 10.45 9.75 -4.72
CA ARG A 83 9.03 9.52 -4.45
C ARG A 83 8.67 8.06 -4.72
N ARG A 84 8.43 7.32 -3.64
CA ARG A 84 8.07 5.91 -3.75
C ARG A 84 6.79 5.61 -2.96
N LEU A 85 6.09 4.55 -3.36
CA LEU A 85 4.86 4.16 -2.69
C LEU A 85 5.15 3.53 -1.33
N ARG A 86 4.19 3.62 -0.42
CA ARG A 86 4.34 3.06 0.91
C ARG A 86 3.25 2.04 1.21
N VAL A 87 3.61 0.76 1.17
CA VAL A 87 2.66 -0.31 1.43
C VAL A 87 2.95 -0.99 2.76
N ASP A 88 1.90 -1.17 3.56
CA ASP A 88 2.04 -1.82 4.86
C ASP A 88 0.83 -2.70 5.17
N PHE A 89 1.05 -3.73 5.97
CA PHE A 89 -0.03 -4.65 6.35
C PHE A 89 -0.98 -4.00 7.35
N ALA A 90 -2.22 -3.80 6.94
CA ALA A 90 -3.22 -3.19 7.80
C ALA A 90 -3.64 -4.14 8.92
N LYS A 91 -4.27 -3.61 9.95
CA LYS A 91 -4.73 -4.41 11.08
C LYS A 91 -6.20 -4.16 11.36
N SER A 92 -6.96 -5.24 11.54
CA SER A 92 -8.38 -5.14 11.82
C SER A 92 -8.93 -6.48 12.31
N GLY A 93 -10.17 -6.46 12.80
CA GLY A 93 -10.79 -7.68 13.29
C GLY A 93 -11.69 -8.33 12.26
N PRO A 94 -12.50 -9.30 12.70
CA PRO A 94 -13.42 -10.02 11.82
C PRO A 94 -14.58 -9.15 11.36
N SER A 95 -14.75 -9.06 10.04
CA SER A 95 -15.82 -8.24 9.47
C SER A 95 -17.18 -8.89 9.71
N SER A 96 -17.30 -10.17 9.36
CA SER A 96 -18.54 -10.91 9.54
C SER A 96 -18.27 -12.35 9.95
N GLY A 97 -18.84 -12.75 11.10
CA GLY A 97 -18.65 -14.11 11.58
C GLY A 97 -19.73 -14.53 12.54
N GLY A 1 15.22 26.86 19.01
CA GLY A 1 15.39 25.60 18.32
C GLY A 1 16.70 24.93 18.65
N SER A 2 16.75 23.61 18.49
CA SER A 2 17.95 22.84 18.79
C SER A 2 18.05 21.61 17.90
N SER A 3 19.16 20.88 18.01
CA SER A 3 19.37 19.69 17.22
C SER A 3 19.94 18.56 18.07
N GLY A 4 19.69 17.32 17.66
CA GLY A 4 20.18 16.17 18.39
C GLY A 4 20.86 15.15 17.50
N SER A 5 21.55 14.20 18.11
CA SER A 5 22.25 13.16 17.36
C SER A 5 21.63 11.79 17.64
N SER A 6 20.99 11.21 16.62
CA SER A 6 20.37 9.90 16.76
C SER A 6 19.97 9.35 15.39
N GLY A 7 19.56 8.08 15.37
CA GLY A 7 19.17 7.45 14.13
C GLY A 7 17.68 7.20 14.05
N LYS A 8 17.28 6.24 13.22
CA LYS A 8 15.87 5.90 13.05
C LYS A 8 15.62 4.43 13.39
N ILE A 9 15.22 4.17 14.63
CA ILE A 9 14.94 2.81 15.07
C ILE A 9 13.49 2.44 14.80
N GLY A 10 13.26 1.68 13.73
CA GLY A 10 11.91 1.27 13.39
C GLY A 10 11.87 -0.10 12.74
N TYR A 11 12.43 -1.09 13.41
CA TYR A 11 12.47 -2.45 12.89
C TYR A 11 11.30 -3.27 13.43
N GLY A 12 10.17 -3.22 12.72
CA GLY A 12 9.00 -3.96 13.15
C GLY A 12 8.15 -4.41 11.98
N LYS A 13 7.44 -5.53 12.15
CA LYS A 13 6.58 -6.07 11.11
C LYS A 13 5.15 -6.18 11.60
N ALA A 14 4.22 -6.38 10.66
CA ALA A 14 2.81 -6.52 10.99
C ALA A 14 2.22 -7.78 10.38
N ASN A 15 1.16 -8.29 10.99
CA ASN A 15 0.49 -9.50 10.50
C ASN A 15 0.00 -9.30 9.07
N PRO A 16 0.13 -10.35 8.25
CA PRO A 16 -0.31 -10.31 6.85
C PRO A 16 -1.82 -10.27 6.71
N THR A 17 -2.30 -9.84 5.55
CA THR A 17 -3.73 -9.76 5.30
C THR A 17 -4.02 -9.53 3.81
N THR A 18 -5.24 -9.87 3.39
CA THR A 18 -5.63 -9.70 2.00
C THR A 18 -5.64 -8.23 1.60
N ARG A 19 -5.97 -7.35 2.55
CA ARG A 19 -6.01 -5.92 2.30
C ARG A 19 -4.61 -5.32 2.41
N LEU A 20 -4.35 -4.30 1.58
CA LEU A 20 -3.05 -3.63 1.60
C LEU A 20 -3.22 -2.12 1.67
N TRP A 21 -2.40 -1.48 2.51
CA TRP A 21 -2.47 -0.04 2.67
C TRP A 21 -1.45 0.65 1.77
N VAL A 22 -1.95 1.46 0.83
CA VAL A 22 -1.08 2.18 -0.09
C VAL A 22 -1.06 3.68 0.22
N GLY A 23 0.13 4.19 0.51
CA GLY A 23 0.26 5.59 0.82
C GLY A 23 1.30 6.30 -0.05
N GLY A 24 0.96 7.48 -0.52
CA GLY A 24 1.88 8.23 -1.38
C GLY A 24 1.33 8.47 -2.76
N LEU A 25 0.23 9.23 -2.84
CA LEU A 25 -0.39 9.53 -4.12
C LEU A 25 -0.29 11.02 -4.43
N GLY A 26 -0.86 11.42 -5.58
CA GLY A 26 -0.82 12.81 -5.98
C GLY A 26 -1.92 13.17 -6.94
N PRO A 27 -1.88 14.40 -7.47
CA PRO A 27 -2.88 14.88 -8.42
C PRO A 27 -2.77 14.20 -9.78
N ASN A 28 -1.59 13.68 -10.09
CA ASN A 28 -1.36 12.99 -11.35
C ASN A 28 -1.65 11.50 -11.23
N THR A 29 -1.16 10.90 -10.14
CA THR A 29 -1.37 9.47 -9.90
C THR A 29 -2.86 9.13 -9.90
N SER A 30 -3.28 8.35 -10.89
CA SER A 30 -4.67 7.94 -11.00
C SER A 30 -4.89 6.56 -10.41
N LEU A 31 -6.15 6.22 -10.16
CA LEU A 31 -6.50 4.93 -9.59
C LEU A 31 -6.20 3.80 -10.59
N ALA A 32 -6.90 3.83 -11.72
CA ALA A 32 -6.70 2.81 -12.76
C ALA A 32 -5.25 2.36 -12.81
N ALA A 33 -4.36 3.27 -13.18
CA ALA A 33 -2.94 2.96 -13.28
C ALA A 33 -2.52 1.97 -12.19
N LEU A 34 -2.53 2.42 -10.94
CA LEU A 34 -2.15 1.57 -9.82
C LEU A 34 -2.89 0.23 -9.88
N ALA A 35 -4.22 0.30 -9.95
CA ALA A 35 -5.04 -0.91 -10.02
C ALA A 35 -4.35 -1.99 -10.84
N ARG A 36 -3.89 -1.63 -12.03
CA ARG A 36 -3.21 -2.57 -12.91
C ARG A 36 -1.90 -3.04 -12.30
N GLU A 37 -1.15 -2.10 -11.74
CA GLU A 37 0.14 -2.41 -11.13
C GLU A 37 -0.02 -3.44 -10.02
N PHE A 38 -1.17 -3.41 -9.35
CA PHE A 38 -1.46 -4.34 -8.27
C PHE A 38 -2.16 -5.59 -8.79
N ASP A 39 -2.82 -5.45 -9.95
CA ASP A 39 -3.53 -6.57 -10.55
C ASP A 39 -2.56 -7.67 -10.98
N ARG A 40 -1.39 -7.26 -11.48
CA ARG A 40 -0.38 -8.21 -11.93
C ARG A 40 -0.25 -9.37 -10.94
N PHE A 41 -0.18 -9.03 -9.65
CA PHE A 41 -0.04 -10.04 -8.61
C PHE A 41 -1.31 -10.90 -8.52
N GLY A 42 -2.44 -10.26 -8.27
CA GLY A 42 -3.69 -10.99 -8.16
C GLY A 42 -4.89 -10.10 -8.42
N SER A 43 -6.07 -10.71 -8.48
CA SER A 43 -7.31 -9.97 -8.73
C SER A 43 -7.62 -9.04 -7.56
N ILE A 44 -7.88 -7.77 -7.88
CA ILE A 44 -8.19 -6.78 -6.86
C ILE A 44 -9.70 -6.56 -6.76
N ARG A 45 -10.25 -6.81 -5.57
CA ARG A 45 -11.68 -6.64 -5.33
C ARG A 45 -12.12 -5.21 -5.65
N THR A 46 -11.48 -4.24 -4.97
CA THR A 46 -11.80 -2.84 -5.17
C THR A 46 -10.86 -1.95 -4.39
N ILE A 47 -10.77 -0.68 -4.80
CA ILE A 47 -9.90 0.28 -4.13
C ILE A 47 -10.67 1.53 -3.74
N ASP A 48 -10.46 2.00 -2.51
CA ASP A 48 -11.13 3.20 -2.02
C ASP A 48 -10.38 4.45 -2.46
N HIS A 49 -11.09 5.37 -3.11
CA HIS A 49 -10.50 6.61 -3.58
C HIS A 49 -10.76 7.75 -2.59
N VAL A 50 -9.69 8.41 -2.16
CA VAL A 50 -9.81 9.51 -1.21
C VAL A 50 -8.59 10.43 -1.28
N LYS A 51 -8.83 11.72 -1.41
CA LYS A 51 -7.75 12.70 -1.47
C LYS A 51 -7.29 13.10 -0.08
N GLY A 52 -8.19 13.70 0.70
CA GLY A 52 -7.86 14.12 2.04
C GLY A 52 -6.94 13.14 2.74
N ASP A 53 -7.44 11.94 2.99
CA ASP A 53 -6.66 10.90 3.67
C ASP A 53 -5.30 10.72 2.99
N SER A 54 -5.28 10.94 1.68
CA SER A 54 -4.04 10.79 0.91
C SER A 54 -3.54 9.35 0.96
N PHE A 55 -4.47 8.39 0.95
CA PHE A 55 -4.12 6.98 0.99
C PHE A 55 -5.30 6.12 0.56
N ALA A 56 -5.01 5.00 -0.08
CA ALA A 56 -6.05 4.08 -0.55
C ALA A 56 -5.86 2.70 0.06
N TYR A 57 -6.77 1.78 -0.27
CA TYR A 57 -6.71 0.42 0.24
C TYR A 57 -6.94 -0.59 -0.88
N ILE A 58 -6.04 -1.57 -0.99
CA ILE A 58 -6.15 -2.61 -2.01
C ILE A 58 -6.65 -3.91 -1.42
N GLN A 59 -7.74 -4.44 -1.99
CA GLN A 59 -8.31 -5.68 -1.52
C GLN A 59 -8.03 -6.82 -2.49
N TYR A 60 -7.40 -7.88 -2.00
CA TYR A 60 -7.07 -9.04 -2.82
C TYR A 60 -7.99 -10.22 -2.52
N GLU A 61 -8.16 -11.08 -3.51
CA GLU A 61 -9.02 -12.26 -3.35
C GLU A 61 -8.34 -13.32 -2.51
N SER A 62 -7.01 -13.27 -2.46
CA SER A 62 -6.24 -14.23 -1.69
C SER A 62 -5.16 -13.54 -0.86
N LEU A 63 -5.01 -13.96 0.38
CA LEU A 63 -4.01 -13.39 1.29
C LEU A 63 -2.62 -13.44 0.66
N ASP A 64 -2.20 -14.63 0.25
CA ASP A 64 -0.90 -14.81 -0.36
C ASP A 64 -0.62 -13.70 -1.38
N ALA A 65 -1.44 -13.62 -2.41
CA ALA A 65 -1.27 -12.61 -3.45
C ALA A 65 -1.00 -11.25 -2.83
N ALA A 66 -1.68 -10.95 -1.73
CA ALA A 66 -1.52 -9.68 -1.04
C ALA A 66 -0.10 -9.53 -0.51
N GLN A 67 0.42 -10.61 0.07
CA GLN A 67 1.77 -10.59 0.62
C GLN A 67 2.80 -10.20 -0.43
N ALA A 68 2.65 -10.75 -1.63
CA ALA A 68 3.56 -10.46 -2.73
C ALA A 68 3.69 -8.96 -2.95
N ALA A 69 2.60 -8.33 -3.40
CA ALA A 69 2.59 -6.90 -3.66
C ALA A 69 3.16 -6.13 -2.47
N CYS A 70 2.57 -6.35 -1.30
CA CYS A 70 3.01 -5.67 -0.08
C CYS A 70 4.52 -5.48 -0.09
N ALA A 71 5.24 -6.49 -0.56
CA ALA A 71 6.70 -6.43 -0.62
C ALA A 71 7.18 -5.88 -1.97
N LYS A 72 6.86 -6.62 -3.03
CA LYS A 72 7.25 -6.21 -4.38
C LYS A 72 6.96 -4.73 -4.60
N MET A 73 5.69 -4.34 -4.45
CA MET A 73 5.28 -2.96 -4.64
C MET A 73 6.15 -2.03 -3.81
N ARG A 74 6.28 -2.33 -2.52
CA ARG A 74 7.08 -1.51 -1.61
C ARG A 74 8.37 -1.07 -2.29
N GLY A 75 8.35 0.14 -2.86
CA GLY A 75 9.53 0.66 -3.53
C GLY A 75 9.34 0.79 -5.03
N PHE A 76 8.11 1.11 -5.44
CA PHE A 76 7.80 1.26 -6.85
C PHE A 76 8.27 2.61 -7.37
N PRO A 77 8.82 2.62 -8.59
CA PRO A 77 9.33 3.84 -9.23
C PRO A 77 8.20 4.78 -9.63
N LEU A 78 7.70 5.54 -8.65
CA LEU A 78 6.63 6.49 -8.90
C LEU A 78 6.93 7.84 -8.25
N GLY A 79 6.83 8.91 -9.04
CA GLY A 79 7.10 10.24 -8.53
C GLY A 79 8.56 10.61 -8.62
N GLY A 80 9.34 10.21 -7.62
CA GLY A 80 10.76 10.52 -7.61
C GLY A 80 11.61 9.33 -7.22
N PRO A 81 12.92 9.55 -7.08
CA PRO A 81 13.87 8.50 -6.71
C PRO A 81 13.70 8.05 -5.26
N ASP A 82 13.51 9.02 -4.37
CA ASP A 82 13.33 8.72 -2.95
C ASP A 82 11.85 8.55 -2.61
N ARG A 83 11.00 9.31 -3.31
CA ARG A 83 9.57 9.25 -3.08
C ARG A 83 8.97 7.98 -3.70
N ARG A 84 8.97 6.89 -2.93
CA ARG A 84 8.43 5.63 -3.40
C ARG A 84 7.14 5.28 -2.67
N LEU A 85 6.34 4.42 -3.27
CA LEU A 85 5.07 4.00 -2.68
C LEU A 85 5.29 3.28 -1.36
N ARG A 86 4.32 3.39 -0.46
CA ARG A 86 4.42 2.75 0.84
C ARG A 86 3.31 1.71 1.02
N VAL A 87 3.71 0.44 1.13
CA VAL A 87 2.76 -0.64 1.30
C VAL A 87 3.02 -1.41 2.60
N ASP A 88 2.01 -1.48 3.45
CA ASP A 88 2.13 -2.18 4.72
C ASP A 88 0.82 -2.86 5.09
N PHE A 89 0.92 -4.00 5.78
CA PHE A 89 -0.26 -4.75 6.19
C PHE A 89 -1.12 -3.94 7.15
N ALA A 90 -2.35 -3.66 6.72
CA ALA A 90 -3.28 -2.89 7.54
C ALA A 90 -3.52 -3.55 8.89
N LYS A 91 -4.26 -4.66 8.87
CA LYS A 91 -4.55 -5.40 10.09
C LYS A 91 -5.21 -6.73 9.77
N SER A 92 -4.93 -7.75 10.60
CA SER A 92 -5.49 -9.07 10.41
C SER A 92 -6.34 -9.49 11.60
N GLY A 93 -7.56 -9.93 11.34
CA GLY A 93 -8.43 -10.36 12.41
C GLY A 93 -9.33 -11.52 12.00
N PRO A 94 -9.43 -12.52 12.88
CA PRO A 94 -10.25 -13.72 12.64
C PRO A 94 -11.73 -13.42 12.67
N SER A 95 -12.13 -12.50 13.54
CA SER A 95 -13.53 -12.12 13.68
C SER A 95 -14.23 -12.13 12.31
N SER A 96 -15.00 -13.19 12.06
CA SER A 96 -15.71 -13.33 10.81
C SER A 96 -17.23 -13.29 11.03
N GLY A 97 -17.87 -12.28 10.45
CA GLY A 97 -19.31 -12.15 10.60
C GLY A 97 -19.70 -11.54 11.93
#